data_5YMT
#
_entry.id   5YMT
#
_cell.length_a   131.667
_cell.length_b   131.667
_cell.length_c   150.530
_cell.angle_alpha   90.000
_cell.angle_beta   90.000
_cell.angle_gamma   120.000
#
_symmetry.space_group_name_H-M   'P 32'
#
loop_
_entity.id
_entity.type
_entity.pdbx_description
1 polymer 'Outer capsid protein VP4'
2 branched beta-D-galactopyranose-(1-3)-2-acetamido-2-deoxy-beta-D-glucopyranose-(1-3)-beta-D-galactopyranose-(1-4)-alpha-D-glucopyranose
3 water water
#
_entity_poly.entity_id   1
_entity_poly.type   'polypeptide(L)'
_entity_poly.pdbx_seq_one_letter_code
;VLDGPYQPVAFKPPNDYWILVNSNSNGVVLEGTNNTDVWVAIISIEPNVNSESRQYSLFGVNKQITVVNTSNKWKFMEMF
RNNSNAEFQHKRTLTSSTKLVGILKHGGRLWTYHGETPNATTDYSTTSNLNEISVTTYAEFYIIPRSQESKCTEYINTGL
;
_entity_poly.pdbx_strand_id   A,B,C,D,E,F,G,H,I,J,K,L,M,N
#
# COMPACT_ATOMS: atom_id res chain seq x y z
N VAL A 1 37.71 8.05 14.15
CA VAL A 1 37.12 8.48 12.89
C VAL A 1 36.84 7.30 11.95
N LEU A 2 37.73 6.31 11.91
CA LEU A 2 37.65 5.20 10.95
C LEU A 2 37.67 3.87 11.69
N ASP A 3 36.62 3.07 11.53
CA ASP A 3 36.51 1.77 12.20
C ASP A 3 37.17 0.69 11.34
N GLY A 4 38.30 0.19 11.80
CA GLY A 4 39.01 -0.85 11.08
C GLY A 4 40.49 -0.69 11.29
N PRO A 5 41.29 -1.46 10.53
CA PRO A 5 40.84 -2.32 9.45
C PRO A 5 40.36 -3.71 9.88
N TYR A 6 39.30 -4.16 9.24
CA TYR A 6 38.83 -5.54 9.38
C TYR A 6 39.47 -6.40 8.29
N GLN A 7 39.68 -7.66 8.62
CA GLN A 7 40.18 -8.62 7.65
C GLN A 7 39.06 -9.00 6.69
N PRO A 8 39.42 -9.47 5.49
CA PRO A 8 38.40 -9.88 4.51
C PRO A 8 37.41 -10.89 5.06
N VAL A 9 36.10 -10.60 4.91
CA VAL A 9 35.02 -11.49 5.35
C VAL A 9 33.82 -11.38 4.41
N ALA A 10 32.93 -12.34 4.55
CA ALA A 10 31.57 -12.26 4.03
C ALA A 10 30.64 -11.93 5.19
N PHE A 11 29.84 -10.89 5.03
CA PHE A 11 28.91 -10.47 6.07
C PHE A 11 27.83 -9.59 5.44
N LYS A 12 26.76 -9.36 6.21
CA LYS A 12 25.62 -8.59 5.75
C LYS A 12 25.73 -7.20 6.33
N PRO A 13 26.18 -6.21 5.56
CA PRO A 13 26.38 -4.87 6.10
C PRO A 13 25.07 -4.28 6.57
N PRO A 14 25.08 -3.58 7.71
CA PRO A 14 23.90 -2.82 8.12
C PRO A 14 23.72 -1.61 7.23
N ASN A 15 22.48 -1.16 7.17
CA ASN A 15 22.16 -0.01 6.34
C ASN A 15 22.89 1.23 6.87
N ASP A 16 23.10 2.20 5.97
CA ASP A 16 23.66 3.52 6.29
C ASP A 16 25.09 3.48 6.79
N TYR A 17 25.85 2.40 6.51
CA TYR A 17 27.29 2.36 6.74
C TYR A 17 28.03 2.12 5.44
N TRP A 18 28.92 3.04 5.08
CA TRP A 18 29.90 2.83 4.01
C TRP A 18 30.91 1.76 4.42
N ILE A 19 31.15 0.83 3.50
CA ILE A 19 32.25 -0.11 3.58
C ILE A 19 33.31 0.36 2.62
N LEU A 20 34.47 0.71 3.16
CA LEU A 20 35.56 1.32 2.43
C LEU A 20 36.70 0.30 2.39
N VAL A 21 36.91 -0.31 1.23
CA VAL A 21 37.90 -1.36 1.04
C VAL A 21 39.21 -0.72 0.59
N ASN A 22 40.31 -1.12 1.23
CA ASN A 22 41.66 -0.70 0.86
C ASN A 22 42.25 -1.78 -0.03
N SER A 23 41.95 -1.68 -1.32
CA SER A 23 42.37 -2.68 -2.29
C SER A 23 43.89 -2.68 -2.47
N ASN A 24 44.45 -3.87 -2.69
CA ASN A 24 45.87 -4.01 -2.95
C ASN A 24 46.16 -4.62 -4.32
N SER A 25 45.73 -5.85 -4.56
CA SER A 25 46.01 -6.52 -5.83
C SER A 25 44.92 -6.20 -6.85
N ASN A 26 45.02 -6.83 -8.03
CA ASN A 26 44.22 -6.49 -9.20
C ASN A 26 43.14 -7.53 -9.52
N GLY A 27 42.62 -8.22 -8.53
CA GLY A 27 41.54 -9.14 -8.79
C GLY A 27 40.18 -8.58 -8.40
N VAL A 28 39.27 -9.49 -8.07
CA VAL A 28 38.00 -9.09 -7.49
C VAL A 28 38.28 -8.46 -6.14
N VAL A 29 37.89 -7.20 -5.98
CA VAL A 29 38.02 -6.51 -4.70
C VAL A 29 36.86 -6.81 -3.79
N LEU A 30 35.69 -7.10 -4.35
CA LEU A 30 34.45 -6.91 -3.63
C LEU A 30 33.31 -7.50 -4.45
N GLU A 31 32.41 -8.23 -3.80
CA GLU A 31 31.21 -8.66 -4.50
C GLU A 31 30.04 -8.74 -3.52
N GLY A 32 28.84 -8.51 -4.02
CA GLY A 32 27.67 -8.46 -3.15
C GLY A 32 26.44 -8.95 -3.86
N THR A 33 25.53 -9.56 -3.11
CA THR A 33 24.33 -10.11 -3.73
C THR A 33 23.26 -10.35 -2.67
N ASN A 34 22.00 -10.23 -3.08
CA ASN A 34 20.88 -10.63 -2.26
C ASN A 34 20.19 -11.86 -2.84
N ASN A 35 20.77 -12.44 -3.90
CA ASN A 35 20.28 -13.64 -4.58
C ASN A 35 18.90 -13.47 -5.17
N THR A 36 18.37 -12.24 -5.26
CA THR A 36 17.08 -12.00 -5.91
C THR A 36 17.20 -11.03 -7.08
N ASP A 37 17.74 -9.81 -6.90
CA ASP A 37 17.80 -8.88 -8.02
C ASP A 37 19.07 -8.03 -8.09
N VAL A 38 20.10 -8.32 -7.30
CA VAL A 38 21.35 -7.57 -7.40
C VAL A 38 22.51 -8.56 -7.32
N TRP A 39 23.36 -8.57 -8.35
CA TRP A 39 24.71 -9.12 -8.22
C TRP A 39 25.67 -8.05 -8.70
N VAL A 40 26.62 -7.67 -7.84
CA VAL A 40 27.60 -6.65 -8.20
C VAL A 40 29.00 -7.14 -7.80
N ALA A 41 29.94 -6.96 -8.72
CA ALA A 41 31.34 -7.24 -8.43
C ALA A 41 32.19 -6.07 -8.89
N ILE A 42 33.20 -5.72 -8.09
CA ILE A 42 34.13 -4.65 -8.41
C ILE A 42 35.50 -5.29 -8.71
N ILE A 43 35.98 -5.07 -9.92
CA ILE A 43 37.20 -5.67 -10.44
C ILE A 43 38.27 -4.60 -10.49
N SER A 44 39.49 -4.93 -10.08
CA SER A 44 40.61 -4.00 -10.14
C SER A 44 41.51 -4.33 -11.33
N ILE A 45 41.90 -3.31 -12.08
CA ILE A 45 42.83 -3.44 -13.20
C ILE A 45 43.96 -2.48 -12.94
N GLU A 46 45.20 -2.97 -13.04
CA GLU A 46 46.35 -2.14 -12.74
C GLU A 46 46.61 -1.13 -13.85
N PRO A 47 47.45 -0.11 -13.61
CA PRO A 47 47.70 0.88 -14.66
C PRO A 47 48.31 0.25 -15.90
N ASN A 48 48.08 0.90 -17.04
CA ASN A 48 48.79 0.58 -18.27
C ASN A 48 48.53 -0.86 -18.72
N VAL A 49 47.25 -1.20 -18.86
CA VAL A 49 46.83 -2.49 -19.41
C VAL A 49 46.18 -2.23 -20.76
N ASN A 50 46.73 -2.83 -21.81
CA ASN A 50 46.09 -2.79 -23.11
C ASN A 50 44.94 -3.79 -23.14
N SER A 51 43.99 -3.53 -24.05
CA SER A 51 42.73 -4.27 -24.11
C SER A 51 42.96 -5.77 -24.22
N GLU A 52 42.33 -6.54 -23.34
CA GLU A 52 42.50 -7.99 -23.37
C GLU A 52 41.41 -8.63 -22.52
N SER A 53 41.34 -9.95 -22.60
CA SER A 53 40.38 -10.73 -21.84
C SER A 53 41.05 -11.37 -20.63
N ARG A 54 40.41 -11.24 -19.45
CA ARG A 54 40.88 -11.86 -18.23
C ARG A 54 39.72 -12.63 -17.58
N GLN A 55 40.07 -13.60 -16.73
CA GLN A 55 39.10 -14.49 -16.08
C GLN A 55 39.00 -14.15 -14.60
N TYR A 56 37.77 -14.03 -14.11
CA TYR A 56 37.53 -13.69 -12.73
C TYR A 56 36.50 -14.64 -12.14
N SER A 57 36.67 -15.00 -10.87
CA SER A 57 35.65 -15.77 -10.15
C SER A 57 34.64 -14.79 -9.57
N LEU A 58 33.43 -14.76 -10.15
CA LEU A 58 32.31 -13.99 -9.64
C LEU A 58 31.30 -14.97 -9.05
N PHE A 59 31.10 -14.86 -7.73
CA PHE A 59 30.15 -15.69 -7.01
C PHE A 59 30.37 -17.18 -7.30
N GLY A 60 31.64 -17.56 -7.41
CA GLY A 60 32.01 -18.94 -7.57
C GLY A 60 31.95 -19.44 -8.99
N VAL A 61 31.78 -18.56 -9.97
CA VAL A 61 31.78 -18.92 -11.38
C VAL A 61 32.93 -18.20 -12.07
N ASN A 62 33.76 -18.94 -12.78
CA ASN A 62 34.76 -18.34 -13.65
C ASN A 62 34.08 -17.66 -14.83
N LYS A 63 34.34 -16.36 -15.00
CA LYS A 63 33.75 -15.58 -16.08
C LYS A 63 34.85 -14.86 -16.86
N GLN A 64 34.61 -14.75 -18.16
CA GLN A 64 35.50 -14.10 -19.11
C GLN A 64 35.06 -12.64 -19.25
N ILE A 65 35.98 -11.69 -19.02
CA ILE A 65 35.66 -10.26 -18.99
C ILE A 65 36.73 -9.49 -19.75
N THR A 66 36.30 -8.62 -20.66
CA THR A 66 37.20 -7.80 -21.45
C THR A 66 37.57 -6.53 -20.68
N VAL A 67 38.85 -6.31 -20.43
CA VAL A 67 39.34 -5.20 -19.61
C VAL A 67 40.33 -4.36 -20.42
N VAL A 68 40.47 -3.10 -20.00
CA VAL A 68 41.42 -2.14 -20.57
C VAL A 68 41.62 -1.01 -19.57
N ASN A 69 42.87 -0.53 -19.46
CA ASN A 69 43.13 0.66 -18.65
C ASN A 69 44.47 1.25 -19.11
N THR A 70 44.42 2.25 -19.99
CA THR A 70 45.66 2.80 -20.49
C THR A 70 46.16 3.97 -19.66
N SER A 71 45.44 4.34 -18.60
CA SER A 71 45.93 5.39 -17.71
C SER A 71 47.00 4.86 -16.76
N ASN A 72 47.60 5.79 -16.00
CA ASN A 72 48.56 5.49 -14.95
C ASN A 72 47.89 5.38 -13.57
N LYS A 73 46.56 5.35 -13.51
CA LYS A 73 45.82 5.11 -12.29
C LYS A 73 45.25 3.70 -12.30
N TRP A 74 44.83 3.23 -11.14
CA TRP A 74 44.15 1.95 -11.12
C TRP A 74 42.71 2.16 -11.61
N LYS A 75 42.17 1.14 -12.25
CA LYS A 75 40.79 1.18 -12.71
C LYS A 75 39.98 0.13 -11.94
N PHE A 76 38.82 0.53 -11.45
CA PHE A 76 37.90 -0.35 -10.75
C PHE A 76 36.60 -0.43 -11.55
N MET A 77 36.32 -1.62 -12.06
CA MET A 77 35.22 -1.89 -12.97
C MET A 77 34.04 -2.47 -12.19
N GLU A 78 32.92 -1.76 -12.21
CA GLU A 78 31.70 -2.21 -11.52
C GLU A 78 30.85 -3.00 -12.52
N MET A 79 30.84 -4.32 -12.29
CA MET A 79 30.07 -5.34 -13.01
C MET A 79 28.76 -5.61 -12.28
N PHE A 80 27.68 -5.74 -13.04
CA PHE A 80 26.34 -5.73 -12.47
C PHE A 80 25.42 -6.62 -13.28
N ARG A 81 24.47 -7.26 -12.59
CA ARG A 81 23.33 -7.90 -13.21
C ARG A 81 22.19 -7.92 -12.21
N ASN A 82 20.97 -8.01 -12.72
CA ASN A 82 19.80 -8.04 -11.86
C ASN A 82 19.00 -9.33 -12.02
N ASN A 83 19.51 -10.28 -12.79
CA ASN A 83 18.86 -11.58 -12.98
C ASN A 83 19.90 -12.67 -12.79
N SER A 84 19.54 -13.70 -12.01
CA SER A 84 20.45 -14.81 -11.76
C SER A 84 20.85 -15.54 -13.03
N ASN A 85 20.07 -15.42 -14.10
CA ASN A 85 20.34 -16.11 -15.36
C ASN A 85 21.11 -15.25 -16.36
N ALA A 86 21.37 -13.98 -16.06
CA ALA A 86 22.04 -13.10 -17.00
C ALA A 86 23.55 -13.09 -16.80
N GLU A 87 24.26 -12.55 -17.79
CA GLU A 87 25.70 -12.30 -17.66
C GLU A 87 25.92 -10.90 -17.12
N PHE A 88 27.12 -10.66 -16.59
CA PHE A 88 27.43 -9.36 -15.99
C PHE A 88 27.71 -8.32 -17.05
N GLN A 89 27.28 -7.09 -16.78
CA GLN A 89 27.58 -5.93 -17.63
C GLN A 89 28.54 -5.02 -16.88
N HIS A 90 29.52 -4.47 -17.60
CA HIS A 90 30.36 -3.42 -17.03
C HIS A 90 29.54 -2.14 -16.90
N LYS A 91 29.04 -1.89 -15.68
CA LYS A 91 28.07 -0.83 -15.47
C LYS A 91 28.74 0.52 -15.22
N ARG A 92 29.82 0.53 -14.46
CA ARG A 92 30.43 1.80 -14.05
C ARG A 92 31.95 1.63 -13.92
N THR A 93 32.64 2.74 -13.76
CA THR A 93 34.09 2.74 -13.61
C THR A 93 34.51 3.77 -12.58
N LEU A 94 35.44 3.40 -11.72
CA LEU A 94 36.15 4.32 -10.84
C LEU A 94 37.61 4.32 -11.21
N THR A 95 38.16 5.48 -11.53
CA THR A 95 39.56 5.62 -11.87
C THR A 95 40.29 6.34 -10.74
N SER A 96 41.21 5.64 -10.09
CA SER A 96 41.64 6.05 -8.77
C SER A 96 43.14 5.90 -8.63
N SER A 97 43.76 6.91 -8.03
CA SER A 97 45.15 6.80 -7.58
C SER A 97 45.26 6.37 -6.12
N THR A 98 44.14 6.30 -5.40
CA THR A 98 44.14 5.90 -3.99
C THR A 98 43.87 4.42 -3.77
N LYS A 99 43.23 3.75 -4.74
CA LYS A 99 42.85 2.33 -4.69
C LYS A 99 41.79 2.02 -3.64
N LEU A 100 41.10 3.02 -3.12
CA LEU A 100 40.04 2.83 -2.13
C LEU A 100 38.68 2.72 -2.81
N VAL A 101 37.87 1.74 -2.41
CA VAL A 101 36.55 1.58 -3.04
C VAL A 101 35.46 1.53 -1.97
N GLY A 102 34.26 1.96 -2.31
CA GLY A 102 33.17 2.03 -1.37
C GLY A 102 31.90 1.31 -1.80
N ILE A 103 31.15 0.81 -0.82
CA ILE A 103 29.79 0.34 -1.07
C ILE A 103 28.92 0.61 0.16
N LEU A 104 27.70 1.09 -0.08
CA LEU A 104 26.77 1.47 0.98
C LEU A 104 25.36 0.99 0.66
N LYS A 105 24.63 0.60 1.70
CA LYS A 105 23.22 0.28 1.57
C LYS A 105 22.43 1.42 2.21
N HIS A 106 21.60 2.10 1.42
CA HIS A 106 20.86 3.24 1.93
C HIS A 106 19.67 3.57 1.03
N GLY A 107 18.53 3.83 1.65
CA GLY A 107 17.35 4.36 0.98
C GLY A 107 16.83 3.50 -0.15
N GLY A 108 16.69 2.21 0.08
CA GLY A 108 16.28 1.29 -0.96
C GLY A 108 17.28 1.15 -2.10
N ARG A 109 18.49 1.70 -1.94
CA ARG A 109 19.45 1.74 -3.04
C ARG A 109 20.83 1.29 -2.60
N LEU A 110 21.59 0.75 -3.56
CA LEU A 110 22.95 0.30 -3.36
C LEU A 110 23.89 1.32 -3.99
N TRP A 111 24.80 1.87 -3.19
CA TRP A 111 25.62 3.00 -3.63
C TRP A 111 27.10 2.62 -3.75
N THR A 112 27.73 3.08 -4.83
CA THR A 112 29.17 2.96 -5.03
C THR A 112 29.71 4.30 -5.51
N TYR A 113 31.01 4.36 -5.75
CA TYR A 113 31.65 5.53 -6.31
C TYR A 113 32.06 5.28 -7.76
N HIS A 114 32.04 6.34 -8.56
CA HIS A 114 32.57 6.27 -9.92
C HIS A 114 33.11 7.66 -10.26
N GLY A 115 33.72 7.76 -11.43
CA GLY A 115 34.45 8.95 -11.85
C GLY A 115 35.95 8.76 -11.75
N GLU A 116 36.65 9.90 -11.62
CA GLU A 116 38.10 9.97 -11.52
C GLU A 116 38.48 10.73 -10.27
N THR A 117 39.32 10.12 -9.43
CA THR A 117 39.89 10.87 -8.30
C THR A 117 40.66 12.08 -8.84
N PRO A 118 40.63 13.23 -8.16
CA PRO A 118 39.98 13.52 -6.87
C PRO A 118 38.52 13.99 -6.93
N ASN A 119 37.83 13.74 -8.04
CA ASN A 119 36.45 14.20 -8.21
C ASN A 119 35.48 13.05 -8.44
N ALA A 120 35.65 11.95 -7.70
CA ALA A 120 34.75 10.80 -7.75
C ALA A 120 33.52 10.99 -6.87
N THR A 121 32.37 10.54 -7.35
CA THR A 121 31.09 10.74 -6.68
C THR A 121 30.31 9.45 -6.63
N THR A 122 29.26 9.45 -5.81
CA THR A 122 28.45 8.27 -5.63
C THR A 122 27.39 8.16 -6.74
N ASP A 123 26.96 6.93 -6.98
CA ASP A 123 25.85 6.60 -7.86
C ASP A 123 25.21 5.33 -7.30
N TYR A 124 24.06 4.95 -7.87
CA TYR A 124 23.20 3.94 -7.26
C TYR A 124 22.72 2.88 -8.27
N SER A 125 22.42 1.69 -7.73
CA SER A 125 21.60 0.70 -8.36
C SER A 125 20.36 0.50 -7.51
N THR A 126 19.26 0.12 -8.15
CA THR A 126 17.99 -0.07 -7.48
C THR A 126 17.76 -1.53 -7.12
N THR A 127 16.86 -1.74 -6.17
CA THR A 127 16.52 -3.08 -5.71
C THR A 127 15.19 -3.00 -4.96
N SER A 128 14.52 -4.16 -4.87
CA SER A 128 13.36 -4.34 -4.01
C SER A 128 13.72 -4.99 -2.70
N ASN A 129 14.96 -5.42 -2.55
CA ASN A 129 15.39 -6.32 -1.50
C ASN A 129 16.77 -5.89 -0.98
N LEU A 130 16.90 -4.62 -0.60
CA LEU A 130 18.19 -4.07 -0.20
C LEU A 130 18.79 -4.79 1.00
N ASN A 131 17.98 -5.08 2.02
CA ASN A 131 18.52 -5.51 3.30
C ASN A 131 19.10 -6.93 3.27
N GLU A 132 18.77 -7.73 2.27
CA GLU A 132 19.36 -9.04 2.11
C GLU A 132 20.68 -9.00 1.35
N ILE A 133 21.13 -7.83 0.88
CA ILE A 133 22.41 -7.80 0.18
C ILE A 133 23.51 -8.08 1.18
N SER A 134 24.22 -9.17 0.98
CA SER A 134 25.43 -9.40 1.75
C SER A 134 26.63 -9.15 0.85
N VAL A 135 27.76 -8.89 1.50
CA VAL A 135 28.96 -8.41 0.83
C VAL A 135 30.15 -9.26 1.28
N THR A 136 30.93 -9.74 0.31
CA THR A 136 32.19 -10.40 0.56
C THR A 136 33.32 -9.51 0.02
N THR A 137 34.13 -9.00 0.95
CA THR A 137 35.31 -8.22 0.62
C THR A 137 36.53 -9.14 0.51
N TYR A 138 37.45 -8.78 -0.37
CA TYR A 138 38.65 -9.56 -0.59
C TYR A 138 39.90 -8.80 -0.20
N ALA A 139 39.76 -7.64 0.47
CA ALA A 139 40.86 -6.91 1.05
C ALA A 139 40.38 -6.27 2.34
N GLU A 140 41.33 -5.74 3.12
CA GLU A 140 41.01 -5.06 4.38
C GLU A 140 40.06 -3.90 4.13
N PHE A 141 39.15 -3.66 5.07
CA PHE A 141 38.18 -2.59 4.93
C PHE A 141 37.92 -1.89 6.26
N TYR A 142 37.29 -0.73 6.15
CA TYR A 142 36.90 0.12 7.25
C TYR A 142 35.42 0.42 7.12
N ILE A 143 34.79 0.78 8.23
CA ILE A 143 33.37 1.10 8.28
C ILE A 143 33.22 2.58 8.66
N ILE A 144 32.41 3.30 7.89
CA ILE A 144 32.12 4.72 8.13
C ILE A 144 30.61 4.93 8.12
N PRO A 145 30.00 5.56 9.12
CA PRO A 145 28.57 5.86 9.00
C PRO A 145 28.30 6.89 7.89
N ARG A 146 27.13 6.74 7.25
CA ARG A 146 26.75 7.65 6.16
C ARG A 146 26.69 9.09 6.61
N SER A 147 26.39 9.35 7.88
CA SER A 147 26.46 10.70 8.40
C SER A 147 27.84 11.32 8.25
N GLN A 148 28.89 10.50 8.10
CA GLN A 148 30.25 10.98 7.83
C GLN A 148 30.65 10.82 6.36
N GLU A 149 29.67 10.79 5.45
CA GLU A 149 29.95 10.47 4.06
C GLU A 149 31.00 11.40 3.46
N SER A 150 30.97 12.69 3.82
CA SER A 150 31.92 13.63 3.20
C SER A 150 33.36 13.27 3.53
N LYS A 151 33.61 12.67 4.69
CA LYS A 151 34.93 12.12 4.98
C LYS A 151 35.21 10.90 4.09
N CYS A 152 34.23 10.00 3.95
CA CYS A 152 34.42 8.85 3.06
C CYS A 152 34.82 9.31 1.67
N THR A 153 34.05 10.24 1.09
CA THR A 153 34.37 10.78 -0.23
C THR A 153 35.74 11.46 -0.25
N GLU A 154 36.19 12.01 0.87
CA GLU A 154 37.56 12.51 0.90
C GLU A 154 38.56 11.35 0.82
N TYR A 155 38.36 10.31 1.65
CA TYR A 155 39.24 9.15 1.58
C TYR A 155 39.32 8.61 0.16
N ILE A 156 38.17 8.26 -0.41
CA ILE A 156 38.03 7.73 -1.77
C ILE A 156 38.92 8.53 -2.70
N ASN A 157 38.90 9.86 -2.54
CA ASN A 157 39.50 10.75 -3.50
C ASN A 157 40.91 11.17 -3.14
N THR A 158 41.31 11.12 -1.86
CA THR A 158 42.65 11.54 -1.47
C THR A 158 43.40 10.53 -0.63
N GLY A 159 42.76 9.43 -0.19
CA GLY A 159 43.43 8.38 0.52
C GLY A 159 43.40 8.56 2.04
N LEU A 160 44.03 7.60 2.71
CA LEU A 160 44.16 7.64 4.15
C LEU A 160 45.34 8.50 4.57
N VAL B 1 -11.55 -21.50 -32.43
CA VAL B 1 -11.25 -20.07 -32.28
C VAL B 1 -10.51 -19.81 -30.98
N LEU B 2 -10.77 -20.64 -29.96
CA LEU B 2 -10.38 -20.36 -28.59
C LEU B 2 -9.77 -21.60 -27.96
N ASP B 3 -8.52 -21.46 -27.49
CA ASP B 3 -7.77 -22.57 -26.89
C ASP B 3 -8.11 -22.66 -25.41
N GLY B 4 -8.73 -23.77 -25.02
CA GLY B 4 -9.21 -23.96 -23.66
C GLY B 4 -10.61 -24.57 -23.68
N PRO B 5 -11.19 -24.85 -22.48
CA PRO B 5 -10.70 -24.58 -21.12
C PRO B 5 -9.76 -25.63 -20.54
N TYR B 6 -8.75 -25.18 -19.80
CA TYR B 6 -7.89 -26.06 -19.02
C TYR B 6 -8.30 -26.02 -17.56
N GLN B 7 -8.12 -27.14 -16.88
CA GLN B 7 -8.41 -27.22 -15.47
C GLN B 7 -7.37 -26.44 -14.67
N PRO B 8 -7.74 -25.97 -13.47
CA PRO B 8 -6.79 -25.24 -12.63
C PRO B 8 -5.46 -25.98 -12.44
N VAL B 9 -4.34 -25.28 -12.70
CA VAL B 9 -3.01 -25.86 -12.55
C VAL B 9 -2.04 -24.86 -11.98
N ALA B 10 -0.94 -25.38 -11.47
CA ALA B 10 0.29 -24.61 -11.29
C ALA B 10 1.17 -24.87 -12.50
N PHE B 11 1.51 -23.81 -13.23
CA PHE B 11 2.41 -23.95 -14.37
C PHE B 11 3.11 -22.62 -14.59
N LYS B 12 4.14 -22.64 -15.40
CA LYS B 12 4.86 -21.40 -15.71
C LYS B 12 4.44 -20.95 -17.10
N PRO B 13 3.77 -19.81 -17.23
CA PRO B 13 3.22 -19.40 -18.53
C PRO B 13 4.31 -19.00 -19.49
N PRO B 14 4.17 -19.36 -20.77
CA PRO B 14 5.13 -18.87 -21.77
C PRO B 14 4.90 -17.39 -22.06
N ASN B 15 5.90 -16.77 -22.69
CA ASN B 15 5.81 -15.37 -23.05
C ASN B 15 4.75 -15.16 -24.13
N ASP B 16 4.11 -14.00 -24.10
CA ASP B 16 3.20 -13.52 -25.14
C ASP B 16 1.95 -14.37 -25.29
N TYR B 17 1.46 -14.96 -24.19
CA TYR B 17 0.16 -15.62 -24.17
C TYR B 17 -0.65 -15.13 -22.98
N TRP B 18 -1.78 -14.47 -23.26
CA TRP B 18 -2.75 -14.12 -22.24
C TRP B 18 -3.36 -15.37 -21.63
N ILE B 19 -3.37 -15.42 -20.30
CA ILE B 19 -4.07 -16.46 -19.55
C ILE B 19 -5.36 -15.85 -19.06
N LEU B 20 -6.48 -16.39 -19.55
CA LEU B 20 -7.81 -15.84 -19.32
C LEU B 20 -8.54 -16.80 -18.38
N VAL B 21 -8.65 -16.38 -17.13
CA VAL B 21 -9.28 -17.17 -16.08
C VAL B 21 -10.78 -16.84 -16.05
N ASN B 22 -11.59 -17.89 -16.15
CA ASN B 22 -13.05 -17.82 -16.07
C ASN B 22 -13.49 -18.05 -14.63
N SER B 23 -13.54 -16.97 -13.85
CA SER B 23 -13.71 -17.08 -12.41
C SER B 23 -15.16 -17.35 -12.03
N ASN B 24 -15.34 -18.29 -11.08
CA ASN B 24 -16.66 -18.63 -10.59
C ASN B 24 -16.84 -18.20 -9.14
N SER B 25 -16.10 -18.80 -8.20
CA SER B 25 -16.25 -18.50 -6.79
C SER B 25 -15.51 -17.22 -6.43
N ASN B 26 -15.64 -16.82 -5.16
CA ASN B 26 -15.05 -15.59 -4.66
C ASN B 26 -13.70 -15.78 -3.94
N GLY B 27 -13.12 -16.97 -3.94
CA GLY B 27 -11.87 -17.08 -3.22
C GLY B 27 -10.68 -16.38 -3.86
N VAL B 28 -9.48 -16.93 -3.69
CA VAL B 28 -8.37 -16.54 -4.55
C VAL B 28 -8.67 -17.05 -5.96
N VAL B 29 -8.62 -16.15 -6.93
CA VAL B 29 -8.80 -16.50 -8.33
C VAL B 29 -7.52 -17.05 -8.93
N LEU B 30 -6.37 -16.59 -8.43
CA LEU B 30 -5.12 -16.66 -9.18
C LEU B 30 -4.00 -16.18 -8.26
N GLU B 31 -2.82 -16.78 -8.40
CA GLU B 31 -1.65 -16.22 -7.71
C GLU B 31 -0.36 -16.67 -8.40
N GLY B 32 0.59 -15.75 -8.54
CA GLY B 32 1.82 -16.04 -9.25
C GLY B 32 3.02 -15.39 -8.58
N THR B 33 4.19 -16.00 -8.78
CA THR B 33 5.40 -15.47 -8.17
C THR B 33 6.61 -16.03 -8.89
N ASN B 34 7.70 -15.25 -8.87
CA ASN B 34 9.00 -15.74 -9.27
C ASN B 34 9.91 -15.99 -8.08
N ASN B 35 9.43 -15.76 -6.86
CA ASN B 35 10.19 -15.92 -5.63
C ASN B 35 11.38 -14.98 -5.54
N THR B 36 11.42 -13.93 -6.36
CA THR B 36 12.47 -12.93 -6.19
C THR B 36 11.93 -11.52 -6.04
N ASP B 37 11.14 -11.06 -7.00
CA ASP B 37 10.66 -9.68 -6.87
C ASP B 37 9.22 -9.50 -7.31
N VAL B 38 8.44 -10.57 -7.44
CA VAL B 38 7.02 -10.44 -7.79
C VAL B 38 6.21 -11.48 -7.03
N TRP B 39 5.19 -11.02 -6.33
CA TRP B 39 4.13 -11.86 -5.76
C TRP B 39 2.83 -11.14 -6.09
N VAL B 40 1.94 -11.80 -6.83
CA VAL B 40 0.66 -11.21 -7.19
C VAL B 40 -0.46 -12.18 -6.84
N ALA B 41 -1.57 -11.66 -6.36
CA ALA B 41 -2.74 -12.47 -6.08
C ALA B 41 -3.98 -11.68 -6.47
N ILE B 42 -4.93 -12.33 -7.13
CA ILE B 42 -6.19 -11.70 -7.52
C ILE B 42 -7.31 -12.33 -6.70
N ILE B 43 -8.03 -11.51 -5.94
CA ILE B 43 -9.06 -11.95 -5.00
C ILE B 43 -10.40 -11.50 -5.53
N SER B 44 -11.38 -12.41 -5.59
CA SER B 44 -12.73 -12.05 -6.05
C SER B 44 -13.65 -11.72 -4.88
N ILE B 45 -14.40 -10.63 -5.00
CA ILE B 45 -15.37 -10.19 -4.02
C ILE B 45 -16.73 -10.09 -4.72
N GLU B 46 -17.72 -10.80 -4.18
CA GLU B 46 -19.06 -10.87 -4.72
C GLU B 46 -19.75 -9.51 -4.65
N PRO B 47 -20.90 -9.35 -5.32
CA PRO B 47 -21.64 -8.08 -5.20
C PRO B 47 -22.05 -7.79 -3.76
N ASN B 48 -22.20 -6.49 -3.49
CA ASN B 48 -22.79 -5.96 -2.24
C ASN B 48 -22.16 -6.58 -0.98
N VAL B 49 -20.90 -6.23 -0.78
CA VAL B 49 -20.21 -6.56 0.45
C VAL B 49 -19.88 -5.24 1.12
N ASN B 50 -20.52 -4.99 2.28
CA ASN B 50 -20.09 -3.89 3.12
C ASN B 50 -18.66 -4.14 3.58
N SER B 51 -17.95 -3.06 3.91
CA SER B 51 -16.55 -3.19 4.25
C SER B 51 -16.34 -4.13 5.42
N GLU B 52 -15.56 -5.20 5.21
CA GLU B 52 -15.30 -6.19 6.25
C GLU B 52 -13.91 -6.76 6.04
N SER B 53 -13.35 -7.32 7.11
CA SER B 53 -12.05 -7.98 7.04
C SER B 53 -12.26 -9.47 6.76
N ARG B 54 -11.52 -9.99 5.78
CA ARG B 54 -11.60 -11.39 5.37
C ARG B 54 -10.24 -12.03 5.46
N GLN B 55 -10.22 -13.34 5.64
CA GLN B 55 -8.99 -14.11 5.72
C GLN B 55 -8.77 -14.88 4.42
N TYR B 56 -7.59 -14.72 3.83
CA TYR B 56 -7.20 -15.42 2.61
C TYR B 56 -5.82 -16.02 2.79
N SER B 57 -5.63 -17.23 2.28
CA SER B 57 -4.33 -17.89 2.32
C SER B 57 -3.60 -17.58 1.01
N LEU B 58 -2.55 -16.76 1.10
CA LEU B 58 -1.75 -16.35 -0.05
C LEU B 58 -0.38 -17.00 0.06
N PHE B 59 0.01 -17.74 -0.98
CA PHE B 59 1.28 -18.46 -1.01
C PHE B 59 1.50 -19.24 0.28
N GLY B 60 0.43 -19.85 0.79
CA GLY B 60 0.53 -20.70 1.96
C GLY B 60 0.48 -19.99 3.30
N VAL B 61 0.34 -18.66 3.33
CA VAL B 61 0.35 -17.89 4.56
C VAL B 61 -0.97 -17.12 4.67
N ASN B 62 -1.59 -17.19 5.85
CA ASN B 62 -2.88 -16.57 6.07
C ASN B 62 -2.73 -15.07 6.29
N LYS B 63 -3.53 -14.30 5.58
CA LYS B 63 -3.48 -12.86 5.59
C LYS B 63 -4.88 -12.32 5.79
N GLN B 64 -4.98 -11.18 6.46
CA GLN B 64 -6.23 -10.45 6.64
C GLN B 64 -6.25 -9.28 5.69
N ILE B 65 -7.33 -9.17 4.91
CA ILE B 65 -7.49 -8.09 3.96
C ILE B 65 -8.90 -7.53 4.11
N THR B 66 -9.00 -6.20 4.16
CA THR B 66 -10.27 -5.49 4.29
C THR B 66 -10.83 -5.23 2.89
N VAL B 67 -12.05 -5.70 2.65
CA VAL B 67 -12.67 -5.65 1.34
C VAL B 67 -13.99 -4.88 1.43
N VAL B 68 -14.46 -4.44 0.26
CA VAL B 68 -15.76 -3.77 0.14
C VAL B 68 -16.13 -3.77 -1.33
N ASN B 69 -17.42 -4.00 -1.61
CA ASN B 69 -17.91 -3.99 -3.00
C ASN B 69 -19.41 -3.72 -3.01
N THR B 70 -19.82 -2.46 -3.20
CA THR B 70 -21.25 -2.15 -3.28
C THR B 70 -21.78 -2.15 -4.71
N SER B 71 -21.01 -2.64 -5.67
CA SER B 71 -21.50 -2.78 -7.04
C SER B 71 -22.26 -4.09 -7.20
N ASN B 72 -23.07 -4.17 -8.24
CA ASN B 72 -23.62 -5.44 -8.70
C ASN B 72 -22.60 -6.24 -9.51
N LYS B 73 -21.51 -5.62 -9.92
CA LYS B 73 -20.44 -6.37 -10.57
C LYS B 73 -19.57 -7.06 -9.53
N TRP B 74 -18.80 -8.03 -10.00
CA TRP B 74 -17.82 -8.65 -9.11
C TRP B 74 -16.55 -7.83 -9.13
N LYS B 75 -15.86 -7.82 -8.01
CA LYS B 75 -14.70 -6.97 -7.83
C LYS B 75 -13.49 -7.88 -7.73
N PHE B 76 -12.45 -7.59 -8.49
CA PHE B 76 -11.26 -8.40 -8.50
C PHE B 76 -10.13 -7.52 -8.00
N MET B 77 -9.59 -7.88 -6.85
CA MET B 77 -8.57 -7.10 -6.17
C MET B 77 -7.21 -7.68 -6.55
N GLU B 78 -6.35 -6.85 -7.11
CA GLU B 78 -4.97 -7.23 -7.41
C GLU B 78 -4.09 -6.79 -6.25
N MET B 79 -3.69 -7.79 -5.44
CA MET B 79 -2.74 -7.67 -4.35
C MET B 79 -1.33 -7.95 -4.87
N PHE B 80 -0.36 -7.21 -4.34
CA PHE B 80 0.99 -7.24 -4.91
C PHE B 80 2.01 -6.98 -3.82
N ARG B 81 3.17 -7.63 -3.94
CA ARG B 81 4.38 -7.22 -3.23
C ARG B 81 5.58 -7.55 -4.10
N ASN B 82 6.69 -6.84 -3.87
CA ASN B 82 7.94 -7.08 -4.58
C ASN B 82 9.04 -7.65 -3.71
N ASN B 83 8.71 -8.17 -2.52
CA ASN B 83 9.69 -8.58 -1.51
C ASN B 83 9.04 -9.67 -0.67
N SER B 84 9.73 -10.80 -0.51
CA SER B 84 9.17 -11.90 0.26
C SER B 84 8.86 -11.54 1.70
N ASN B 85 9.43 -10.45 2.24
CA ASN B 85 9.23 -10.07 3.63
C ASN B 85 8.16 -8.98 3.81
N ALA B 86 7.58 -8.46 2.74
CA ALA B 86 6.61 -7.38 2.83
C ALA B 86 5.19 -7.94 2.94
N GLU B 87 4.29 -7.07 3.38
CA GLU B 87 2.86 -7.34 3.33
C GLU B 87 2.35 -6.97 1.94
N PHE B 88 1.22 -7.56 1.57
CA PHE B 88 0.64 -7.26 0.28
C PHE B 88 -0.11 -5.93 0.31
N GLN B 89 -0.10 -5.24 -0.83
CA GLN B 89 -0.89 -4.03 -0.97
C GLN B 89 -1.91 -4.23 -2.07
N HIS B 90 -3.08 -3.62 -1.87
CA HIS B 90 -4.11 -3.62 -2.91
C HIS B 90 -3.69 -2.70 -4.05
N LYS B 91 -3.04 -3.26 -5.07
CA LYS B 91 -2.47 -2.47 -6.16
C LYS B 91 -3.52 -2.01 -7.16
N ARG B 92 -4.47 -2.89 -7.54
CA ARG B 92 -5.39 -2.52 -8.61
C ARG B 92 -6.73 -3.16 -8.40
N THR B 93 -7.70 -2.76 -9.23
CA THR B 93 -9.06 -3.32 -9.18
C THR B 93 -9.69 -3.47 -10.56
N LEU B 94 -10.25 -4.64 -10.81
CA LEU B 94 -11.05 -4.90 -11.99
C LEU B 94 -12.50 -5.08 -11.54
N THR B 95 -13.41 -4.22 -12.01
CA THR B 95 -14.83 -4.29 -11.66
C THR B 95 -15.58 -4.81 -12.87
N SER B 96 -16.08 -6.04 -12.79
CA SER B 96 -16.42 -6.78 -14.00
C SER B 96 -17.80 -7.44 -13.89
N SER B 97 -18.55 -7.36 -14.99
CA SER B 97 -19.81 -8.08 -15.14
C SER B 97 -19.63 -9.42 -15.81
N THR B 98 -18.44 -9.70 -16.33
CA THR B 98 -18.13 -10.97 -16.98
C THR B 98 -17.40 -11.94 -16.07
N LYS B 99 -16.73 -11.43 -15.03
CA LYS B 99 -15.93 -12.23 -14.12
C LYS B 99 -14.70 -12.85 -14.80
N LEU B 100 -14.23 -12.27 -15.91
CA LEU B 100 -13.05 -12.78 -16.59
C LEU B 100 -11.82 -12.01 -16.13
N VAL B 101 -10.72 -12.72 -15.90
CA VAL B 101 -9.51 -12.14 -15.31
C VAL B 101 -8.29 -12.62 -16.10
N GLY B 102 -7.43 -11.70 -16.52
CA GLY B 102 -6.30 -12.05 -17.37
C GLY B 102 -4.95 -11.72 -16.75
N ILE B 103 -3.96 -12.55 -17.05
CA ILE B 103 -2.57 -12.25 -16.74
C ILE B 103 -1.71 -12.55 -17.96
N LEU B 104 -0.68 -11.73 -18.20
CA LEU B 104 0.19 -11.91 -19.36
C LEU B 104 1.62 -11.58 -18.99
N LYS B 105 2.58 -12.36 -19.49
CA LYS B 105 3.99 -12.04 -19.37
C LYS B 105 4.52 -11.58 -20.72
N HIS B 106 4.97 -10.33 -20.79
CA HIS B 106 5.38 -9.76 -22.07
C HIS B 106 6.31 -8.58 -21.84
N GLY B 107 7.33 -8.46 -22.69
CA GLY B 107 8.17 -7.28 -22.71
C GLY B 107 8.83 -6.96 -21.40
N GLY B 108 9.33 -7.97 -20.69
CA GLY B 108 9.93 -7.75 -19.39
C GLY B 108 8.98 -7.27 -18.31
N ARG B 109 7.66 -7.40 -18.52
CA ARG B 109 6.66 -6.92 -17.59
C ARG B 109 5.54 -7.94 -17.42
N LEU B 110 4.83 -7.82 -16.28
CA LEU B 110 3.66 -8.64 -16.00
C LEU B 110 2.42 -7.75 -16.12
N TRP B 111 1.40 -8.23 -16.83
CA TRP B 111 0.25 -7.43 -17.21
C TRP B 111 -1.06 -8.04 -16.72
N THR B 112 -2.02 -7.16 -16.40
CA THR B 112 -3.36 -7.54 -15.97
C THR B 112 -4.35 -6.49 -16.47
N TYR B 113 -5.63 -6.73 -16.22
CA TYR B 113 -6.68 -5.76 -16.53
C TYR B 113 -7.15 -5.03 -15.28
N HIS B 114 -7.56 -3.78 -15.46
CA HIS B 114 -8.18 -3.01 -14.39
C HIS B 114 -9.11 -1.97 -15.00
N GLY B 115 -9.88 -1.32 -14.13
CA GLY B 115 -10.99 -0.45 -14.53
C GLY B 115 -12.31 -1.17 -14.39
N GLU B 116 -13.32 -0.65 -15.09
CA GLU B 116 -14.66 -1.23 -15.09
C GLU B 116 -15.03 -1.72 -16.49
N THR B 117 -15.59 -2.92 -16.57
CA THR B 117 -16.18 -3.36 -17.83
C THR B 117 -17.32 -2.41 -18.17
N PRO B 118 -17.56 -2.14 -19.48
CA PRO B 118 -16.88 -2.69 -20.66
C PRO B 118 -15.66 -1.89 -21.12
N ASN B 119 -15.05 -1.12 -20.22
CA ASN B 119 -13.96 -0.21 -20.56
C ASN B 119 -12.68 -0.52 -19.80
N ALA B 120 -12.47 -1.79 -19.48
CA ALA B 120 -11.27 -2.21 -18.74
C ALA B 120 -10.05 -2.28 -19.64
N THR B 121 -8.90 -1.86 -19.12
CA THR B 121 -7.66 -1.80 -19.90
C THR B 121 -6.55 -2.56 -19.18
N THR B 122 -5.42 -2.72 -19.87
CA THR B 122 -4.25 -3.41 -19.32
C THR B 122 -3.34 -2.44 -18.58
N ASP B 123 -2.60 -2.98 -17.62
CA ASP B 123 -1.54 -2.26 -16.91
C ASP B 123 -0.55 -3.29 -16.39
N TYR B 124 0.61 -2.82 -15.92
CA TYR B 124 1.75 -3.69 -15.69
C TYR B 124 2.39 -3.50 -14.31
N SER B 125 3.16 -4.53 -13.96
CA SER B 125 4.10 -4.51 -12.86
C SER B 125 5.47 -4.83 -13.42
N THR B 126 6.47 -4.13 -12.89
CA THR B 126 7.83 -4.33 -13.35
C THR B 126 8.47 -5.46 -12.57
N THR B 127 9.53 -6.02 -13.15
CA THR B 127 10.31 -7.09 -12.58
C THR B 127 11.61 -7.18 -13.36
N SER B 128 12.60 -7.82 -12.77
CA SER B 128 13.83 -8.10 -13.49
C SER B 128 13.98 -9.59 -13.76
N ASN B 129 12.96 -10.38 -13.40
CA ASN B 129 12.96 -11.85 -13.44
C ASN B 129 11.61 -12.34 -13.96
N LEU B 130 11.18 -11.82 -15.12
CA LEU B 130 9.86 -12.16 -15.65
C LEU B 130 9.72 -13.65 -15.95
N ASN B 131 10.73 -14.24 -16.59
CA ASN B 131 10.60 -15.60 -17.12
C ASN B 131 10.32 -16.62 -16.04
N GLU B 132 10.75 -16.38 -14.81
CA GLU B 132 10.59 -17.35 -13.73
C GLU B 132 9.26 -17.19 -13.00
N ILE B 133 8.37 -16.31 -13.46
CA ILE B 133 7.08 -16.18 -12.80
C ILE B 133 6.22 -17.40 -13.12
N SER B 134 5.80 -18.10 -12.09
CA SER B 134 4.88 -19.21 -12.25
C SER B 134 3.53 -18.81 -11.68
N VAL B 135 2.47 -19.47 -12.16
CA VAL B 135 1.11 -19.04 -11.91
C VAL B 135 0.27 -20.26 -11.56
N THR B 136 -0.49 -20.15 -10.47
CA THR B 136 -1.46 -21.16 -10.03
C THR B 136 -2.83 -20.54 -10.19
N THR B 137 -3.65 -21.12 -11.06
CA THR B 137 -5.03 -20.71 -11.23
C THR B 137 -5.92 -21.60 -10.36
N TYR B 138 -7.02 -21.03 -9.89
CA TYR B 138 -7.99 -21.80 -9.12
C TYR B 138 -9.34 -21.86 -9.81
N ALA B 139 -9.36 -21.60 -11.11
CA ALA B 139 -10.52 -21.86 -11.96
C ALA B 139 -10.02 -22.12 -13.38
N GLU B 140 -10.93 -22.63 -14.22
CA GLU B 140 -10.64 -22.88 -15.64
C GLU B 140 -10.10 -21.64 -16.33
N PHE B 141 -9.24 -21.86 -17.34
CA PHE B 141 -8.67 -20.77 -18.11
C PHE B 141 -8.48 -21.16 -19.57
N TYR B 142 -8.27 -20.13 -20.40
CA TYR B 142 -7.94 -20.25 -21.81
C TYR B 142 -6.62 -19.56 -22.08
N ILE B 143 -5.99 -19.94 -23.20
CA ILE B 143 -4.69 -19.43 -23.60
C ILE B 143 -4.84 -18.70 -24.92
N ILE B 144 -4.58 -17.40 -24.94
CA ILE B 144 -4.76 -16.61 -26.16
C ILE B 144 -3.45 -15.93 -26.56
N PRO B 145 -2.97 -16.05 -27.80
CA PRO B 145 -1.73 -15.35 -28.16
C PRO B 145 -1.90 -13.84 -28.09
N ARG B 146 -0.86 -13.18 -27.57
CA ARG B 146 -0.89 -11.71 -27.46
C ARG B 146 -1.18 -11.06 -28.80
N SER B 147 -0.84 -11.72 -29.91
CA SER B 147 -1.15 -11.19 -31.24
C SER B 147 -2.65 -11.05 -31.45
N GLN B 148 -3.48 -11.75 -30.67
CA GLN B 148 -4.93 -11.57 -30.68
C GLN B 148 -5.42 -10.93 -29.37
N GLU B 149 -4.64 -9.98 -28.82
CA GLU B 149 -5.01 -9.33 -27.57
C GLU B 149 -6.33 -8.59 -27.68
N SER B 150 -6.64 -8.04 -28.86
CA SER B 150 -7.93 -7.36 -29.05
C SER B 150 -9.10 -8.28 -28.77
N LYS B 151 -8.97 -9.58 -29.07
CA LYS B 151 -10.03 -10.52 -28.70
C LYS B 151 -10.09 -10.69 -27.18
N CYS B 152 -8.93 -10.78 -26.52
CA CYS B 152 -8.92 -11.03 -25.09
C CYS B 152 -9.58 -9.88 -24.34
N THR B 153 -9.13 -8.66 -24.60
CA THR B 153 -9.82 -7.47 -24.09
C THR B 153 -11.31 -7.58 -24.33
N GLU B 154 -11.71 -8.01 -25.53
CA GLU B 154 -13.14 -8.10 -25.83
C GLU B 154 -13.83 -9.03 -24.84
N TYR B 155 -13.32 -10.25 -24.68
CA TYR B 155 -13.88 -11.17 -23.69
C TYR B 155 -13.92 -10.48 -22.32
N ILE B 156 -12.79 -9.90 -21.91
CA ILE B 156 -12.70 -9.27 -20.59
C ILE B 156 -13.90 -8.35 -20.39
N ASN B 157 -14.22 -7.58 -21.42
CA ASN B 157 -15.22 -6.53 -21.24
C ASN B 157 -16.61 -6.98 -21.60
N THR B 158 -16.76 -8.03 -22.41
CA THR B 158 -18.08 -8.37 -22.92
C THR B 158 -18.47 -9.83 -22.78
N GLY B 159 -17.54 -10.71 -22.37
CA GLY B 159 -17.87 -12.09 -22.07
C GLY B 159 -17.41 -13.05 -23.16
N LEU B 160 -17.52 -14.34 -22.84
CA LEU B 160 -17.25 -15.35 -23.84
C LEU B 160 -18.49 -15.50 -24.74
N VAL C 1 29.08 5.06 -48.29
CA VAL C 1 29.21 4.21 -47.12
C VAL C 1 28.91 4.99 -45.84
N LEU C 2 29.19 6.29 -45.86
CA LEU C 2 29.19 7.12 -44.66
C LEU C 2 28.51 8.45 -44.97
N ASP C 3 27.35 8.68 -44.36
CA ASP C 3 26.58 9.89 -44.60
C ASP C 3 27.20 11.04 -43.81
N GLY C 4 27.70 12.04 -44.52
CA GLY C 4 28.37 13.17 -43.91
C GLY C 4 29.63 13.54 -44.67
N PRO C 5 30.47 14.43 -44.09
CA PRO C 5 30.26 15.10 -42.81
C PRO C 5 29.38 16.33 -42.95
N TYR C 6 28.57 16.59 -41.94
CA TYR C 6 27.76 17.79 -41.88
C TYR C 6 28.45 18.80 -40.96
N GLN C 7 28.19 20.08 -41.22
CA GLN C 7 28.73 21.17 -40.45
C GLN C 7 27.96 21.34 -39.14
N PRO C 8 28.63 21.83 -38.09
CA PRO C 8 27.94 22.11 -36.82
C PRO C 8 26.65 22.89 -36.99
N VAL C 9 25.54 22.33 -36.53
CA VAL C 9 24.23 22.98 -36.60
C VAL C 9 23.40 22.55 -35.39
N ALA C 10 22.26 23.20 -35.22
CA ALA C 10 21.20 22.73 -34.35
C ALA C 10 20.09 22.14 -35.20
N PHE C 11 19.65 20.94 -34.86
CA PHE C 11 18.60 20.27 -35.61
C PHE C 11 17.97 19.21 -34.74
N LYS C 12 16.79 18.72 -35.17
CA LYS C 12 16.11 17.70 -34.40
C LYS C 12 16.37 16.35 -35.05
N PRO C 13 17.27 15.55 -34.52
CA PRO C 13 17.61 14.30 -35.16
C PRO C 13 16.38 13.43 -35.31
N PRO C 14 16.31 12.62 -36.35
CA PRO C 14 15.25 11.60 -36.42
C PRO C 14 15.62 10.43 -35.52
N ASN C 15 14.59 9.64 -35.18
CA ASN C 15 14.81 8.45 -34.37
C ASN C 15 15.55 7.38 -35.18
N ASP C 16 16.32 6.56 -34.46
CA ASP C 16 17.05 5.43 -35.04
C ASP C 16 18.16 5.88 -35.99
N TYR C 17 18.70 7.08 -35.77
CA TYR C 17 19.88 7.54 -36.49
C TYR C 17 20.93 7.97 -35.47
N TRP C 18 22.04 7.24 -35.42
CA TRP C 18 23.20 7.67 -34.65
C TRP C 18 23.80 8.96 -35.24
N ILE C 19 24.12 9.90 -34.37
CA ILE C 19 24.87 11.08 -34.74
C ILE C 19 26.27 10.94 -34.19
N LEU C 20 27.25 10.89 -35.10
CA LEU C 20 28.65 10.65 -34.76
C LEU C 20 29.41 11.96 -34.95
N VAL C 21 29.73 12.63 -33.85
CA VAL C 21 30.45 13.90 -33.85
C VAL C 21 31.95 13.63 -33.80
N ASN C 22 32.67 14.24 -34.75
CA ASN C 22 34.12 14.14 -34.85
C ASN C 22 34.71 15.33 -34.11
N SER C 23 34.99 15.13 -32.82
CA SER C 23 35.39 16.21 -31.93
C SER C 23 36.86 16.59 -32.14
N ASN C 24 37.13 17.89 -32.12
CA ASN C 24 38.50 18.42 -32.27
C ASN C 24 38.95 19.22 -31.05
N SER C 25 38.24 20.28 -30.68
CA SER C 25 38.62 21.15 -29.58
C SER C 25 38.19 20.51 -28.26
N ASN C 26 38.44 21.20 -27.15
CA ASN C 26 38.16 20.69 -25.81
C ASN C 26 37.05 21.45 -25.09
N GLY C 27 36.02 21.84 -25.79
CA GLY C 27 34.93 22.48 -25.08
C GLY C 27 33.67 21.63 -25.05
N VAL C 28 32.53 22.29 -25.14
CA VAL C 28 31.28 21.59 -25.36
C VAL C 28 31.34 21.00 -26.76
N VAL C 29 31.20 19.67 -26.84
CA VAL C 29 31.14 18.95 -28.11
C VAL C 29 29.71 18.97 -28.65
N LEU C 30 28.74 18.70 -27.79
CA LEU C 30 27.37 18.64 -28.25
C LEU C 30 26.45 18.81 -27.06
N GLU C 31 25.23 19.25 -27.33
CA GLU C 31 24.26 19.42 -26.26
C GLU C 31 22.85 19.23 -26.82
N GLY C 32 22.05 18.43 -26.14
CA GLY C 32 20.69 18.18 -26.58
C GLY C 32 19.71 18.41 -25.45
N THR C 33 18.52 18.89 -25.83
CA THR C 33 17.48 19.11 -24.84
C THR C 33 16.12 19.05 -25.52
N ASN C 34 15.12 18.62 -24.75
CA ASN C 34 13.72 18.72 -25.18
C ASN C 34 12.97 19.81 -24.41
N ASN C 35 13.65 20.54 -23.55
CA ASN C 35 13.10 21.62 -22.72
C ASN C 35 12.07 21.12 -21.71
N THR C 36 11.87 19.82 -21.58
CA THR C 36 10.98 19.32 -20.54
C THR C 36 11.70 18.45 -19.51
N ASP C 37 12.33 17.34 -19.92
CA ASP C 37 12.92 16.47 -18.91
C ASP C 37 14.31 15.95 -19.27
N VAL C 38 14.96 16.47 -20.31
CA VAL C 38 16.30 16.02 -20.67
C VAL C 38 17.18 17.21 -21.03
N TRP C 39 18.30 17.35 -20.31
CA TRP C 39 19.39 18.23 -20.71
C TRP C 39 20.67 17.43 -20.62
N VAL C 40 21.32 17.22 -21.76
CA VAL C 40 22.59 16.50 -21.83
C VAL C 40 23.60 17.34 -22.61
N ALA C 41 24.84 17.33 -22.13
CA ALA C 41 25.94 18.03 -22.79
C ALA C 41 27.20 17.20 -22.63
N ILE C 42 27.93 16.98 -23.72
CA ILE C 42 29.17 16.22 -23.69
C ILE C 42 30.35 17.19 -23.77
N ILE C 43 31.22 17.14 -22.77
CA ILE C 43 32.34 18.06 -22.59
C ILE C 43 33.62 17.32 -22.94
N SER C 44 34.57 18.01 -23.56
CA SER C 44 35.84 17.40 -23.95
C SER C 44 36.98 17.98 -23.13
N ILE C 45 37.75 17.10 -22.51
CA ILE C 45 38.94 17.47 -21.74
C ILE C 45 40.14 16.80 -22.41
N GLU C 46 41.18 17.60 -22.71
CA GLU C 46 42.38 17.13 -23.39
C GLU C 46 43.23 16.25 -22.46
N PRO C 47 44.28 15.61 -22.97
CA PRO C 47 45.06 14.70 -22.10
C PRO C 47 45.84 15.44 -21.02
N ASN C 48 46.08 14.70 -19.93
N ASN C 48 46.06 14.73 -19.91
CA ASN C 48 46.98 15.11 -18.84
CA ASN C 48 46.99 15.14 -18.86
C ASN C 48 46.61 16.50 -18.29
C ASN C 48 46.61 16.52 -18.30
N VAL C 49 45.44 16.55 -17.67
CA VAL C 49 44.92 17.74 -17.02
C VAL C 49 44.73 17.43 -15.54
N ASN C 50 45.47 18.13 -14.68
CA ASN C 50 45.26 17.95 -13.25
C ASN C 50 43.99 18.67 -12.81
N SER C 51 43.41 18.20 -11.70
CA SER C 51 42.06 18.61 -11.33
C SER C 51 41.96 20.12 -11.19
N GLU C 52 41.03 20.72 -11.93
CA GLU C 52 40.89 22.17 -11.94
C GLU C 52 39.46 22.56 -12.33
N SER C 53 39.08 23.78 -11.99
CA SER C 53 37.76 24.29 -12.32
C SER C 53 37.80 25.02 -13.66
N ARG C 54 36.96 24.58 -14.60
CA ARG C 54 36.83 25.26 -15.88
C ARG C 54 35.39 25.72 -16.10
N GLN C 55 35.24 26.67 -17.00
CA GLN C 55 33.96 27.29 -17.32
C GLN C 55 33.45 26.77 -18.66
N TYR C 56 32.17 26.44 -18.71
CA TYR C 56 31.54 25.87 -19.90
C TYR C 56 30.16 26.50 -20.07
N SER C 57 29.77 26.77 -21.31
CA SER C 57 28.44 27.32 -21.56
C SER C 57 27.51 26.16 -21.91
N LEU C 58 26.60 25.86 -21.00
CA LEU C 58 25.60 24.83 -21.16
C LEU C 58 24.26 25.52 -21.38
N PHE C 59 23.71 25.37 -22.58
CA PHE C 59 22.41 25.90 -22.93
C PHE C 59 22.34 27.39 -22.65
N GLY C 60 23.43 28.09 -22.97
CA GLY C 60 23.49 29.53 -22.84
C GLY C 60 23.79 30.04 -21.44
N VAL C 61 24.09 29.15 -20.50
CA VAL C 61 24.40 29.56 -19.13
C VAL C 61 25.81 29.09 -18.79
N ASN C 62 26.62 29.99 -18.25
CA ASN C 62 27.99 29.65 -17.88
C ASN C 62 27.99 28.88 -16.56
N LYS C 63 28.75 27.78 -16.54
CA LYS C 63 28.84 26.88 -15.40
C LYS C 63 30.30 26.62 -15.07
N GLN C 64 30.59 26.46 -13.78
CA GLN C 64 31.90 26.05 -13.29
C GLN C 64 31.88 24.55 -12.99
N ILE C 65 32.77 23.80 -13.63
CA ILE C 65 32.83 22.34 -13.53
C ILE C 65 34.26 21.93 -13.22
N THR C 66 34.43 21.11 -12.18
CA THR C 66 35.75 20.56 -11.84
C THR C 66 36.03 19.38 -12.75
N VAL C 67 37.15 19.45 -13.47
CA VAL C 67 37.52 18.47 -14.48
C VAL C 67 38.92 17.95 -14.18
N VAL C 68 39.16 16.71 -14.60
CA VAL C 68 40.41 15.99 -14.39
C VAL C 68 40.55 14.97 -15.51
N ASN C 69 41.77 14.82 -16.03
CA ASN C 69 42.02 13.75 -17.00
C ASN C 69 43.50 13.40 -16.89
N THR C 70 43.79 12.31 -16.20
CA THR C 70 45.17 11.89 -15.96
C THR C 70 45.74 11.13 -17.14
N SER C 71 44.93 10.83 -18.15
CA SER C 71 45.21 9.89 -19.20
C SER C 71 45.78 10.55 -20.46
N ASN C 72 46.38 9.71 -21.32
CA ASN C 72 46.81 10.13 -22.64
C ASN C 72 45.65 10.26 -23.61
N LYS C 73 44.51 9.67 -23.29
CA LYS C 73 43.30 9.73 -24.09
C LYS C 73 42.49 10.97 -23.74
N TRP C 74 41.68 11.40 -24.71
CA TRP C 74 40.76 12.50 -24.46
C TRP C 74 39.59 12.01 -23.64
N LYS C 75 39.12 12.85 -22.73
CA LYS C 75 38.04 12.51 -21.83
C LYS C 75 36.80 13.26 -22.25
N PHE C 76 35.67 12.58 -22.34
CA PHE C 76 34.39 13.17 -22.74
C PHE C 76 33.40 12.95 -21.62
N MET C 77 33.06 14.02 -20.93
CA MET C 77 32.21 13.97 -19.75
C MET C 77 30.77 14.20 -20.16
N GLU C 78 29.90 13.24 -19.88
CA GLU C 78 28.47 13.38 -20.13
C GLU C 78 27.81 13.99 -18.90
N MET C 79 27.38 15.24 -19.06
CA MET C 79 26.70 16.09 -18.10
C MET C 79 25.20 16.02 -18.35
N PHE C 80 24.41 16.02 -17.26
CA PHE C 80 23.00 15.69 -17.38
C PHE C 80 22.18 16.35 -16.27
N ARG C 81 20.95 16.71 -16.62
CA ARG C 81 19.94 17.05 -15.62
C ARG C 81 18.60 16.71 -16.24
N ASN C 82 17.60 16.47 -15.38
CA ASN C 82 16.25 16.21 -15.87
C ASN C 82 15.27 17.31 -15.49
N ASN C 83 15.76 18.48 -15.06
CA ASN C 83 14.91 19.60 -14.64
C ASN C 83 15.58 20.90 -15.05
N SER C 84 14.77 21.87 -15.48
CA SER C 84 15.34 23.11 -16.00
C SER C 84 15.99 23.96 -14.91
N ASN C 85 15.73 23.65 -13.64
CA ASN C 85 16.21 24.42 -12.50
C ASN C 85 17.36 23.75 -11.77
N ALA C 86 17.75 22.54 -12.16
CA ALA C 86 18.76 21.78 -11.44
C ALA C 86 20.14 22.09 -11.98
N GLU C 87 21.15 21.84 -11.15
CA GLU C 87 22.51 21.94 -11.66
C GLU C 87 22.86 20.68 -12.45
N PHE C 88 23.80 20.82 -13.36
CA PHE C 88 24.23 19.66 -14.12
C PHE C 88 25.09 18.75 -13.26
N GLN C 89 24.89 17.44 -13.42
CA GLN C 89 25.69 16.44 -12.75
C GLN C 89 26.48 15.66 -13.78
N HIS C 90 27.65 15.18 -13.38
CA HIS C 90 28.54 14.40 -14.22
C HIS C 90 28.04 12.96 -14.24
N LYS C 91 27.32 12.59 -15.29
CA LYS C 91 26.62 11.32 -15.29
C LYS C 91 27.48 10.19 -15.82
N ARG C 92 28.17 10.41 -16.94
CA ARG C 92 28.96 9.35 -17.55
C ARG C 92 30.28 9.89 -18.04
N THR C 93 31.16 8.98 -18.47
CA THR C 93 32.45 9.36 -19.05
C THR C 93 32.87 8.37 -20.14
N LEU C 94 33.28 8.91 -21.27
CA LEU C 94 33.92 8.15 -22.34
C LEU C 94 35.37 8.59 -22.42
N THR C 95 36.29 7.62 -22.41
CA THR C 95 37.71 7.90 -22.53
C THR C 95 38.22 7.28 -23.82
N SER C 96 38.74 8.12 -24.73
CA SER C 96 38.82 7.80 -26.14
C SER C 96 40.14 8.24 -26.76
N SER C 97 40.64 7.42 -27.67
CA SER C 97 41.78 7.75 -28.50
C SER C 97 41.38 8.20 -29.90
N THR C 98 40.07 8.13 -30.22
CA THR C 98 39.54 8.50 -31.52
C THR C 98 38.84 9.85 -31.54
N LYS C 99 38.42 10.35 -30.38
CA LYS C 99 37.68 11.62 -30.24
C LYS C 99 36.30 11.59 -30.90
N LEU C 100 35.74 10.40 -31.18
CA LEU C 100 34.39 10.30 -31.71
C LEU C 100 33.36 10.14 -30.59
N VAL C 101 32.24 10.85 -30.71
CA VAL C 101 31.15 10.78 -29.76
C VAL C 101 29.88 10.47 -30.53
N GLY C 102 28.95 9.74 -29.91
CA GLY C 102 27.68 9.43 -30.53
C GLY C 102 26.49 9.86 -29.67
N ILE C 103 25.36 10.10 -30.34
CA ILE C 103 24.10 10.30 -29.63
C ILE C 103 22.97 9.74 -30.51
N LEU C 104 22.00 9.08 -29.88
CA LEU C 104 20.95 8.39 -30.63
C LEU C 104 19.62 8.47 -29.91
N LYS C 105 18.55 8.73 -30.65
CA LYS C 105 17.18 8.66 -30.13
C LYS C 105 16.56 7.35 -30.58
N HIS C 106 16.19 6.49 -29.62
CA HIS C 106 15.64 5.19 -30.00
C HIS C 106 14.87 4.56 -28.83
N GLY C 107 13.73 3.96 -29.15
CA GLY C 107 13.01 3.14 -28.18
C GLY C 107 12.57 3.88 -26.94
N GLY C 108 12.17 5.14 -27.08
CA GLY C 108 11.84 5.95 -25.92
C GLY C 108 13.01 6.30 -25.04
N ARG C 109 14.23 6.24 -25.55
CA ARG C 109 15.41 6.43 -24.72
C ARG C 109 16.51 7.15 -25.51
N LEU C 110 17.33 7.90 -24.79
CA LEU C 110 18.44 8.63 -25.40
C LEU C 110 19.75 7.91 -25.09
N TRP C 111 20.56 7.64 -26.12
CA TRP C 111 21.70 6.74 -26.02
C TRP C 111 23.00 7.47 -26.30
N THR C 112 24.01 7.23 -25.45
CA THR C 112 25.37 7.65 -25.71
C THR C 112 26.30 6.49 -25.44
N TYR C 113 27.59 6.71 -25.69
CA TYR C 113 28.63 5.74 -25.41
C TYR C 113 29.38 6.13 -24.15
N HIS C 114 29.90 5.13 -23.44
CA HIS C 114 30.75 5.35 -22.29
C HIS C 114 31.70 4.16 -22.12
N GLY C 115 32.58 4.27 -21.13
CA GLY C 115 33.66 3.31 -20.96
C GLY C 115 34.98 3.80 -21.53
N GLU C 116 35.78 2.87 -22.03
CA GLU C 116 37.10 3.20 -22.52
C GLU C 116 37.30 2.51 -23.87
N THR C 117 37.79 3.26 -24.87
CA THR C 117 38.12 2.63 -26.14
C THR C 117 39.26 1.63 -25.92
N PRO C 118 39.27 0.51 -26.66
CA PRO C 118 38.31 0.19 -27.72
C PRO C 118 37.13 -0.64 -27.22
N ASN C 119 36.74 -0.51 -25.96
CA ASN C 119 35.66 -1.31 -25.39
C ASN C 119 34.46 -0.46 -24.98
N ALA C 120 34.28 0.72 -25.58
CA ALA C 120 33.17 1.59 -25.22
C ALA C 120 31.83 0.98 -25.63
N THR C 121 30.80 1.19 -24.80
CA THR C 121 29.49 0.58 -25.01
C THR C 121 28.38 1.63 -24.88
N THR C 122 27.18 1.27 -25.30
CA THR C 122 26.06 2.18 -25.24
C THR C 122 25.37 2.09 -23.88
N ASP C 123 24.80 3.21 -23.46
CA ASP C 123 23.95 3.32 -22.27
C ASP C 123 22.95 4.44 -22.51
N TYR C 124 21.94 4.53 -21.64
CA TYR C 124 20.77 5.35 -21.94
C TYR C 124 20.40 6.28 -20.79
N SER C 125 19.61 7.28 -21.14
CA SER C 125 18.82 8.08 -20.23
C SER C 125 17.36 7.96 -20.63
N THR C 126 16.48 7.95 -19.63
CA THR C 126 15.05 7.84 -19.87
C THR C 126 14.44 9.23 -20.03
N THR C 127 13.29 9.26 -20.71
CA THR C 127 12.58 10.50 -21.02
C THR C 127 11.13 10.15 -21.33
N SER C 128 10.24 11.10 -21.07
CA SER C 128 8.86 10.97 -21.50
C SER C 128 8.59 11.70 -22.80
N ASN C 129 9.55 12.47 -23.30
CA ASN C 129 9.37 13.29 -24.50
C ASN C 129 10.60 13.12 -25.38
N LEU C 130 10.68 12.01 -26.10
CA LEU C 130 11.91 11.67 -26.83
C LEU C 130 11.98 12.43 -28.15
N ASN C 131 10.83 12.53 -28.85
CA ASN C 131 10.86 13.08 -30.19
C ASN C 131 11.24 14.55 -30.22
N GLU C 132 11.01 15.29 -29.13
CA GLU C 132 11.32 16.72 -29.11
C GLU C 132 12.76 17.03 -28.72
N ILE C 133 13.61 16.03 -28.53
CA ILE C 133 15.01 16.33 -28.21
C ILE C 133 15.70 16.87 -29.47
N SER C 134 16.19 18.09 -29.40
CA SER C 134 17.00 18.63 -30.46
C SER C 134 18.44 18.73 -29.98
N VAL C 135 19.37 18.59 -30.92
CA VAL C 135 20.81 18.50 -30.64
C VAL C 135 21.54 19.62 -31.37
N THR C 136 22.46 20.28 -30.66
CA THR C 136 23.42 21.22 -31.25
C THR C 136 24.80 20.60 -31.16
N THR C 137 25.40 20.33 -32.31
CA THR C 137 26.78 19.85 -32.36
C THR C 137 27.72 21.03 -32.54
N TYR C 138 28.96 20.86 -32.07
CA TYR C 138 29.98 21.90 -32.21
C TYR C 138 31.19 21.42 -33.01
N ALA C 139 31.04 20.32 -33.74
CA ALA C 139 32.05 19.86 -34.69
C ALA C 139 31.33 19.16 -35.83
N GLU C 140 32.10 18.67 -36.79
CA GLU C 140 31.53 17.89 -37.88
C GLU C 140 30.92 16.60 -37.36
N PHE C 141 29.81 16.20 -37.96
CA PHE C 141 29.19 14.94 -37.59
C PHE C 141 28.78 14.17 -38.84
N TYR C 142 28.52 12.89 -38.64
CA TYR C 142 27.98 11.99 -39.64
C TYR C 142 26.67 11.41 -39.12
N ILE C 143 25.88 10.85 -40.03
CA ILE C 143 24.61 10.21 -39.70
C ILE C 143 24.68 8.73 -40.09
N ILE C 144 24.46 7.85 -39.11
CA ILE C 144 24.56 6.41 -39.32
C ILE C 144 23.28 5.73 -38.88
N PRO C 145 22.58 4.98 -39.73
CA PRO C 145 21.34 4.33 -39.29
C PRO C 145 21.62 3.31 -38.21
N ARG C 146 20.69 3.20 -37.27
CA ARG C 146 20.90 2.30 -36.14
C ARG C 146 21.05 0.86 -36.60
N SER C 147 20.49 0.51 -37.75
CA SER C 147 20.68 -0.83 -38.31
C SER C 147 22.14 -1.15 -38.55
N GLN C 148 22.99 -0.13 -38.69
CA GLN C 148 24.43 -0.32 -38.86
C GLN C 148 25.21 0.17 -37.62
N GLU C 149 24.60 0.05 -36.44
CA GLU C 149 25.26 0.46 -35.21
C GLU C 149 26.61 -0.22 -35.03
N SER C 150 26.73 -1.47 -35.49
CA SER C 150 28.00 -2.18 -35.38
C SER C 150 29.14 -1.41 -36.03
N LYS C 151 28.85 -0.74 -37.14
CA LYS C 151 29.87 0.14 -37.72
C LYS C 151 30.10 1.35 -36.83
N CYS C 152 29.02 2.00 -36.37
CA CYS C 152 29.15 3.15 -35.48
C CYS C 152 30.00 2.81 -34.27
N THR C 153 29.64 1.72 -33.57
CA THR C 153 30.45 1.24 -32.46
C THR C 153 31.91 1.07 -32.88
N GLU C 154 32.14 0.40 -34.01
CA GLU C 154 33.50 0.28 -34.53
C GLU C 154 34.14 1.65 -34.68
N TYR C 155 33.46 2.59 -35.31
CA TYR C 155 34.04 3.92 -35.43
C TYR C 155 34.41 4.48 -34.06
N ILE C 156 33.46 4.41 -33.11
CA ILE C 156 33.69 4.96 -31.77
C ILE C 156 34.96 4.38 -31.19
N ASN C 157 35.22 3.12 -31.47
CA ASN C 157 36.31 2.42 -30.80
C ASN C 157 37.60 2.39 -31.63
N THR C 158 37.55 2.63 -32.94
CA THR C 158 38.81 2.55 -33.68
C THR C 158 39.01 3.70 -34.66
N GLY C 159 38.05 4.60 -34.78
CA GLY C 159 38.23 5.76 -35.64
C GLY C 159 37.84 5.48 -37.06
N LEU C 160 37.93 6.54 -37.87
CA LEU C 160 37.49 6.50 -39.25
C LEU C 160 38.56 5.90 -40.18
N VAL D 1 -9.27 23.73 13.36
CA VAL D 1 -8.63 22.45 13.12
C VAL D 1 -8.52 22.18 11.62
N LEU D 2 -9.40 22.79 10.81
CA LEU D 2 -9.48 22.50 9.39
C LEU D 2 -9.29 23.78 8.58
N ASP D 3 -8.18 23.89 7.86
CA ASP D 3 -7.83 25.11 7.14
C ASP D 3 -8.62 25.18 5.84
N GLY D 4 -9.57 26.12 5.78
CA GLY D 4 -10.48 26.22 4.65
C GLY D 4 -11.91 26.39 5.10
N PRO D 5 -12.86 26.36 4.16
CA PRO D 5 -12.70 26.08 2.73
C PRO D 5 -12.24 27.27 1.89
N TYR D 6 -11.50 26.99 0.82
CA TYR D 6 -11.08 28.01 -0.13
C TYR D 6 -11.92 27.93 -1.40
N GLN D 7 -12.11 29.08 -2.04
CA GLN D 7 -12.84 29.13 -3.30
C GLN D 7 -11.97 28.59 -4.43
N PRO D 8 -12.59 28.02 -5.47
CA PRO D 8 -11.82 27.49 -6.60
C PRO D 8 -10.84 28.50 -7.18
N VAL D 9 -9.57 28.09 -7.29
CA VAL D 9 -8.50 28.91 -7.86
C VAL D 9 -7.59 28.03 -8.70
N ALA D 10 -6.65 28.68 -9.40
CA ALA D 10 -5.44 28.06 -9.91
C ALA D 10 -4.27 28.59 -9.10
N PHE D 11 -3.46 27.70 -8.55
CA PHE D 11 -2.33 28.10 -7.72
C PHE D 11 -1.26 27.02 -7.77
N LYS D 12 -0.07 27.36 -7.25
CA LYS D 12 1.01 26.40 -7.13
C LYS D 12 1.05 25.88 -5.69
N PRO D 13 0.58 24.66 -5.43
CA PRO D 13 0.54 24.16 -4.05
C PRO D 13 1.94 23.96 -3.49
N PRO D 14 2.15 24.28 -2.22
CA PRO D 14 3.45 23.98 -1.62
C PRO D 14 3.59 22.50 -1.35
N ASN D 15 4.84 22.04 -1.28
CA ASN D 15 5.08 20.64 -1.02
C ASN D 15 4.64 20.27 0.39
N ASP D 16 4.19 19.02 0.54
CA ASP D 16 3.82 18.43 1.83
C ASP D 16 2.50 18.97 2.38
N TYR D 17 1.62 19.45 1.50
CA TYR D 17 0.27 19.84 1.89
C TYR D 17 -0.72 19.16 0.96
N TRP D 18 -1.61 18.35 1.54
CA TRP D 18 -2.74 17.80 0.82
C TRP D 18 -3.76 18.88 0.49
N ILE D 19 -4.24 18.86 -0.74
CA ILE D 19 -5.38 19.66 -1.18
C ILE D 19 -6.58 18.72 -1.28
N LEU D 20 -7.56 18.94 -0.41
CA LEU D 20 -8.74 18.09 -0.33
C LEU D 20 -9.92 18.86 -0.93
N VAL D 21 -10.34 18.46 -2.10
CA VAL D 21 -11.46 19.07 -2.82
C VAL D 21 -12.74 18.38 -2.40
N ASN D 22 -13.76 19.19 -2.10
CA ASN D 22 -15.11 18.73 -1.76
C ASN D 22 -15.93 18.87 -3.03
N SER D 23 -15.92 17.82 -3.85
CA SER D 23 -16.60 17.86 -5.13
C SER D 23 -18.11 17.84 -4.95
N ASN D 24 -18.80 18.70 -5.69
CA ASN D 24 -20.25 18.60 -5.81
C ASN D 24 -20.67 18.28 -7.23
N SER D 25 -20.21 19.07 -8.20
CA SER D 25 -20.55 18.86 -9.60
C SER D 25 -20.03 17.52 -10.08
N ASN D 26 -20.55 17.08 -11.22
CA ASN D 26 -19.85 16.07 -12.00
C ASN D 26 -18.80 16.77 -12.86
N GLY D 27 -18.14 16.03 -13.73
CA GLY D 27 -17.17 16.68 -14.60
C GLY D 27 -15.81 16.90 -13.93
N VAL D 28 -15.07 17.87 -14.47
CA VAL D 28 -13.67 18.05 -14.07
C VAL D 28 -13.63 18.61 -12.66
N VAL D 29 -13.21 17.79 -11.70
CA VAL D 29 -13.07 18.29 -10.33
C VAL D 29 -11.76 19.05 -10.15
N LEU D 30 -10.71 18.65 -10.86
CA LEU D 30 -9.39 19.25 -10.67
C LEU D 30 -8.50 18.85 -11.83
N GLU D 31 -7.56 19.72 -12.17
CA GLU D 31 -6.58 19.44 -13.21
C GLU D 31 -5.27 20.12 -12.81
N GLY D 32 -4.15 19.51 -13.17
CA GLY D 32 -2.87 20.02 -12.72
C GLY D 32 -1.77 19.65 -13.71
N THR D 33 -0.82 20.57 -13.88
CA THR D 33 0.26 20.30 -14.81
C THR D 33 1.48 21.11 -14.42
N ASN D 34 2.65 20.59 -14.78
CA ASN D 34 3.89 21.36 -14.76
C ASN D 34 4.33 21.72 -16.17
N ASN D 35 3.56 21.32 -17.17
CA ASN D 35 3.74 21.61 -18.59
C ASN D 35 4.96 20.95 -19.19
N THR D 36 5.55 19.96 -18.49
CA THR D 36 6.71 19.24 -19.01
C THR D 36 6.48 17.74 -19.04
N ASP D 37 6.09 17.12 -17.91
CA ASP D 37 5.86 15.68 -17.90
C ASP D 37 4.69 15.21 -17.04
N VAL D 38 3.81 16.09 -16.56
CA VAL D 38 2.64 15.66 -15.80
C VAL D 38 1.44 16.46 -16.25
N TRP D 39 0.40 15.77 -16.72
CA TRP D 39 -0.92 16.36 -16.95
C TRP D 39 -1.92 15.41 -16.30
N VAL D 40 -2.51 15.85 -15.19
CA VAL D 40 -3.48 15.03 -14.49
C VAL D 40 -4.81 15.77 -14.46
N ALA D 41 -5.90 15.01 -14.51
CA ALA D 41 -7.22 15.58 -14.31
C ALA D 41 -8.13 14.52 -13.72
N ILE D 42 -8.88 14.90 -12.69
CA ILE D 42 -9.79 13.98 -12.01
C ILE D 42 -11.20 14.34 -12.43
N ILE D 43 -11.93 13.35 -12.92
CA ILE D 43 -13.22 13.54 -13.60
C ILE D 43 -14.30 12.83 -12.80
N SER D 44 -15.37 13.56 -12.43
CA SER D 44 -16.45 12.99 -11.64
C SER D 44 -17.56 12.45 -12.54
N ILE D 45 -18.02 11.23 -12.23
CA ILE D 45 -19.16 10.59 -12.88
C ILE D 45 -20.16 10.20 -11.80
N GLU D 46 -21.38 10.69 -11.93
CA GLU D 46 -22.43 10.42 -10.96
C GLU D 46 -22.80 8.94 -11.00
N PRO D 47 -23.50 8.45 -9.98
CA PRO D 47 -23.85 7.02 -9.94
C PRO D 47 -24.70 6.60 -11.14
N ASN D 48 -24.77 5.28 -11.34
CA ASN D 48 -25.69 4.65 -12.28
C ASN D 48 -25.59 5.25 -13.67
N VAL D 49 -24.38 5.24 -14.21
CA VAL D 49 -24.11 5.69 -15.58
C VAL D 49 -23.68 4.48 -16.39
N ASN D 50 -24.47 4.12 -17.40
CA ASN D 50 -24.06 3.09 -18.33
C ASN D 50 -23.03 3.66 -19.28
N SER D 51 -22.21 2.78 -19.85
CA SER D 51 -21.05 3.22 -20.62
C SER D 51 -21.46 4.10 -21.79
N GLU D 52 -20.81 5.25 -21.91
CA GLU D 52 -21.14 6.21 -22.95
C GLU D 52 -19.95 7.13 -23.16
N SER D 53 -20.05 7.96 -24.19
CA SER D 53 -19.03 8.94 -24.49
C SER D 53 -19.44 10.29 -23.92
N ARG D 54 -18.49 10.98 -23.28
CA ARG D 54 -18.76 12.29 -22.71
C ARG D 54 -17.61 13.23 -23.03
N GLN D 55 -17.93 14.51 -23.07
CA GLN D 55 -17.03 15.54 -23.53
C GLN D 55 -16.56 16.38 -22.35
N TYR D 56 -15.25 16.58 -22.24
CA TYR D 56 -14.67 17.32 -21.14
C TYR D 56 -13.63 18.27 -21.70
N SER D 57 -13.45 19.39 -21.02
CA SER D 57 -12.44 20.37 -21.43
C SER D 57 -11.24 20.20 -20.53
N LEU D 58 -10.16 19.63 -21.08
CA LEU D 58 -8.94 19.35 -20.32
C LEU D 58 -7.87 20.34 -20.75
N PHE D 59 -7.46 21.19 -19.80
CA PHE D 59 -6.44 22.19 -20.05
C PHE D 59 -6.79 23.02 -21.28
N GLY D 60 -8.09 23.28 -21.46
CA GLY D 60 -8.60 24.11 -22.52
C GLY D 60 -8.89 23.42 -23.84
N VAL D 61 -8.70 22.10 -23.92
CA VAL D 61 -8.92 21.33 -25.14
C VAL D 61 -10.00 20.28 -24.89
N ASN D 62 -11.05 20.31 -25.72
CA ASN D 62 -12.13 19.33 -25.63
C ASN D 62 -11.62 17.94 -25.96
N LYS D 63 -11.98 16.97 -25.09
CA LYS D 63 -11.65 15.56 -25.21
C LYS D 63 -12.93 14.74 -25.09
N GLN D 64 -12.99 13.67 -25.87
CA GLN D 64 -14.03 12.65 -25.75
C GLN D 64 -13.47 11.50 -24.93
N ILE D 65 -14.15 11.16 -23.84
CA ILE D 65 -13.73 10.07 -22.96
C ILE D 65 -14.93 9.16 -22.74
N THR D 66 -14.68 7.85 -22.81
CA THR D 66 -15.72 6.88 -22.54
C THR D 66 -15.77 6.63 -21.03
N VAL D 67 -16.92 6.88 -20.43
CA VAL D 67 -17.09 6.77 -18.98
C VAL D 67 -18.16 5.72 -18.72
N VAL D 68 -18.10 5.16 -17.52
CA VAL D 68 -19.08 4.16 -17.05
C VAL D 68 -19.01 4.16 -15.52
N ASN D 69 -20.17 4.05 -14.89
CA ASN D 69 -20.23 3.90 -13.43
C ASN D 69 -21.58 3.28 -13.07
N THR D 70 -21.62 1.96 -12.96
CA THR D 70 -22.87 1.28 -12.60
C THR D 70 -22.99 1.03 -11.10
N SER D 71 -22.22 1.74 -10.28
CA SER D 71 -22.35 1.65 -8.83
C SER D 71 -23.22 2.78 -8.32
N ASN D 72 -23.66 2.66 -7.07
CA ASN D 72 -24.41 3.72 -6.41
C ASN D 72 -23.50 4.72 -5.71
N LYS D 73 -22.21 4.65 -5.95
CA LYS D 73 -21.24 5.63 -5.47
C LYS D 73 -20.73 6.44 -6.66
N TRP D 74 -20.24 7.64 -6.37
CA TRP D 74 -19.65 8.47 -7.40
C TRP D 74 -18.29 7.91 -7.81
N LYS D 75 -17.93 8.15 -9.07
CA LYS D 75 -16.71 7.63 -9.66
C LYS D 75 -15.81 8.80 -10.02
N PHE D 76 -14.55 8.73 -9.60
CA PHE D 76 -13.58 9.77 -9.89
C PHE D 76 -12.46 9.13 -10.69
N MET D 77 -12.38 9.51 -11.96
CA MET D 77 -11.42 8.93 -12.89
C MET D 77 -10.18 9.80 -12.96
N GLU D 78 -9.02 9.18 -12.72
CA GLU D 78 -7.74 9.88 -12.81
C GLU D 78 -7.21 9.74 -14.23
N MET D 79 -7.29 10.83 -14.98
CA MET D 79 -6.75 10.92 -16.32
C MET D 79 -5.33 11.47 -16.24
N PHE D 80 -4.44 10.97 -17.08
CA PHE D 80 -3.03 11.24 -16.94
C PHE D 80 -2.30 11.10 -18.27
N ARG D 81 -1.36 12.01 -18.51
CA ARG D 81 -0.35 11.85 -19.54
C ARG D 81 0.94 12.48 -19.04
N ASN D 82 2.06 12.05 -19.63
CA ASN D 82 3.37 12.58 -19.27
C ASN D 82 4.02 13.29 -20.45
N ASN D 83 3.23 13.63 -21.46
CA ASN D 83 3.72 14.19 -22.71
C ASN D 83 2.64 15.10 -23.28
N SER D 84 3.01 16.33 -23.61
CA SER D 84 2.04 17.32 -24.07
C SER D 84 1.41 16.98 -25.42
N ASN D 85 1.94 16.00 -26.15
CA ASN D 85 1.42 15.56 -27.44
C ASN D 85 0.60 14.28 -27.34
N ALA D 86 0.57 13.64 -26.19
CA ALA D 86 -0.14 12.38 -26.03
C ALA D 86 -1.60 12.62 -25.64
N GLU D 87 -2.40 11.58 -25.80
CA GLU D 87 -3.76 11.59 -25.31
C GLU D 87 -3.79 11.17 -23.85
N PHE D 88 -4.88 11.51 -23.17
CA PHE D 88 -5.03 11.13 -21.78
C PHE D 88 -5.46 9.67 -21.67
N GLN D 89 -4.95 9.01 -20.65
CA GLN D 89 -5.30 7.63 -20.36
C GLN D 89 -5.96 7.53 -18.99
N HIS D 90 -6.88 6.58 -18.87
CA HIS D 90 -7.57 6.37 -17.60
C HIS D 90 -6.67 5.54 -16.69
N LYS D 91 -5.99 6.21 -15.75
CA LYS D 91 -4.91 5.61 -14.95
C LYS D 91 -5.41 4.93 -13.67
N ARG D 92 -6.23 5.61 -12.87
CA ARG D 92 -6.71 5.06 -11.60
C ARG D 92 -8.13 5.53 -11.36
N THR D 93 -8.81 4.90 -10.41
CA THR D 93 -10.19 5.24 -10.07
C THR D 93 -10.37 5.31 -8.55
N LEU D 94 -11.11 6.32 -8.10
CA LEU D 94 -11.60 6.42 -6.73
C LEU D 94 -13.12 6.30 -6.76
N THR D 95 -13.64 5.26 -6.14
CA THR D 95 -15.07 5.03 -6.00
C THR D 95 -15.48 5.47 -4.59
N SER D 96 -16.32 6.50 -4.50
CA SER D 96 -16.50 7.20 -3.23
C SER D 96 -17.95 7.57 -2.98
N SER D 97 -18.34 7.52 -1.70
CA SER D 97 -19.62 8.04 -1.22
C SER D 97 -19.50 9.41 -0.56
N THR D 98 -18.29 9.90 -0.30
CA THR D 98 -18.09 11.19 0.35
C THR D 98 -17.83 12.33 -0.61
N LYS D 99 -17.39 12.04 -1.83
CA LYS D 99 -17.15 13.02 -2.89
C LYS D 99 -15.92 13.87 -2.62
N LEU D 100 -15.05 13.44 -1.69
CA LEU D 100 -13.80 14.12 -1.40
C LEU D 100 -12.68 13.53 -2.26
N VAL D 101 -11.81 14.42 -2.74
CA VAL D 101 -10.71 14.05 -3.63
C VAL D 101 -9.45 14.75 -3.13
N GLY D 102 -8.31 14.07 -3.18
CA GLY D 102 -7.07 14.66 -2.69
C GLY D 102 -6.01 14.74 -3.77
N ILE D 103 -5.10 15.70 -3.62
CA ILE D 103 -3.84 15.70 -4.36
C ILE D 103 -2.74 16.28 -3.48
N LEU D 104 -1.52 15.74 -3.60
CA LEU D 104 -0.40 16.15 -2.76
C LEU D 104 0.90 16.07 -3.55
N LYS D 105 1.80 17.04 -3.31
CA LYS D 105 3.14 17.01 -3.87
C LYS D 105 4.11 16.65 -2.75
N HIS D 106 4.79 15.51 -2.88
CA HIS D 106 5.67 15.06 -1.81
C HIS D 106 6.75 14.10 -2.32
N GLY D 107 7.97 14.31 -1.86
CA GLY D 107 9.07 13.40 -2.14
C GLY D 107 9.33 13.14 -3.61
N GLY D 108 9.30 14.18 -4.43
CA GLY D 108 9.47 13.99 -5.85
C GLY D 108 8.32 13.31 -6.55
N ARG D 109 7.20 13.05 -5.87
CA ARG D 109 6.08 12.34 -6.45
C ARG D 109 4.79 13.14 -6.27
N LEU D 110 3.82 12.83 -7.13
CA LEU D 110 2.50 13.41 -7.03
C LEU D 110 1.56 12.31 -6.56
N TRP D 111 0.84 12.56 -5.47
CA TRP D 111 0.01 11.58 -4.80
C TRP D 111 -1.47 11.91 -4.95
N THR D 112 -2.28 10.86 -5.09
CA THR D 112 -3.75 10.93 -5.13
C THR D 112 -4.30 9.70 -4.43
N TYR D 113 -5.61 9.65 -4.23
CA TYR D 113 -6.26 8.48 -3.64
C TYR D 113 -6.94 7.64 -4.70
N HIS D 114 -7.03 6.34 -4.45
CA HIS D 114 -7.70 5.41 -5.35
C HIS D 114 -8.20 4.24 -4.52
N GLY D 115 -9.01 3.38 -5.15
CA GLY D 115 -9.72 2.33 -4.44
C GLY D 115 -11.18 2.69 -4.30
N GLU D 116 -11.82 2.10 -3.29
CA GLU D 116 -13.18 2.51 -2.99
C GLU D 116 -13.36 2.71 -1.50
N THR D 117 -14.08 3.77 -1.14
CA THR D 117 -14.29 4.09 0.26
C THR D 117 -15.07 2.95 0.93
N PRO D 118 -14.89 2.73 2.24
CA PRO D 118 -14.02 3.48 3.17
C PRO D 118 -12.57 3.01 3.23
N ASN D 119 -12.05 2.43 2.15
CA ASN D 119 -10.72 1.84 2.17
C ASN D 119 -9.85 2.40 1.05
N ALA D 120 -10.00 3.69 0.76
CA ALA D 120 -9.16 4.34 -0.25
C ALA D 120 -7.73 4.52 0.26
N THR D 121 -6.78 4.42 -0.66
CA THR D 121 -5.38 4.55 -0.28
C THR D 121 -4.71 5.52 -1.23
N THR D 122 -3.50 5.89 -0.87
CA THR D 122 -2.74 6.80 -1.72
C THR D 122 -1.94 5.99 -2.72
N ASP D 123 -1.68 6.62 -3.86
CA ASP D 123 -0.76 6.10 -4.86
C ASP D 123 -0.19 7.30 -5.59
N TYR D 124 0.86 7.06 -6.38
CA TYR D 124 1.68 8.15 -6.89
C TYR D 124 1.85 8.06 -8.40
N SER D 125 2.25 9.19 -8.97
CA SER D 125 2.82 9.32 -10.30
C SER D 125 4.17 10.00 -10.16
N THR D 126 5.12 9.58 -10.98
CA THR D 126 6.49 10.06 -10.89
C THR D 126 6.67 11.25 -11.81
N THR D 127 7.60 12.10 -11.45
CA THR D 127 7.89 13.28 -12.25
C THR D 127 9.34 13.67 -12.01
N SER D 128 9.93 14.29 -13.01
CA SER D 128 11.21 14.94 -12.88
C SER D 128 11.08 16.38 -12.41
N ASN D 129 9.89 16.95 -12.50
CA ASN D 129 9.67 18.38 -12.25
C ASN D 129 8.45 18.51 -11.35
N LEU D 130 8.66 18.32 -10.05
CA LEU D 130 7.55 18.28 -9.11
C LEU D 130 7.12 19.67 -8.68
N ASN D 131 8.08 20.56 -8.38
CA ASN D 131 7.74 21.87 -7.80
C ASN D 131 6.94 22.76 -8.76
N GLU D 132 7.02 22.53 -10.07
CA GLU D 132 6.31 23.37 -11.01
C GLU D 132 4.89 22.91 -11.29
N ILE D 133 4.41 21.89 -10.59
CA ILE D 133 3.05 21.39 -10.83
C ILE D 133 2.08 22.33 -10.16
N SER D 134 1.23 22.97 -10.95
CA SER D 134 0.18 23.81 -10.41
C SER D 134 -1.17 23.14 -10.63
N VAL D 135 -2.11 23.46 -9.74
CA VAL D 135 -3.39 22.79 -9.66
C VAL D 135 -4.50 23.83 -9.84
N THR D 136 -5.50 23.47 -10.64
CA THR D 136 -6.74 24.22 -10.79
C THR D 136 -7.89 23.38 -10.25
N THR D 137 -8.52 23.85 -9.20
CA THR D 137 -9.69 23.20 -8.62
C THR D 137 -10.95 23.85 -9.17
N TYR D 138 -12.02 23.07 -9.15
CA TYR D 138 -13.33 23.50 -9.61
C TYR D 138 -14.38 23.37 -8.52
N ALA D 139 -13.96 23.15 -7.28
CA ALA D 139 -14.86 23.11 -6.14
C ALA D 139 -14.10 23.63 -4.93
N GLU D 140 -14.82 23.83 -3.84
CA GLU D 140 -14.15 24.23 -2.59
C GLU D 140 -13.13 23.18 -2.17
N PHE D 141 -12.02 23.65 -1.58
CA PHE D 141 -10.98 22.74 -1.11
C PHE D 141 -10.43 23.19 0.24
N TYR D 142 -9.72 22.26 0.89
CA TYR D 142 -9.10 22.44 2.18
C TYR D 142 -7.63 22.09 2.07
N ILE D 143 -6.82 22.60 3.01
CA ILE D 143 -5.38 22.40 2.99
C ILE D 143 -4.98 21.71 4.28
N ILE D 144 -4.42 20.51 4.16
CA ILE D 144 -4.11 19.67 5.30
C ILE D 144 -2.63 19.32 5.25
N PRO D 145 -1.83 19.64 6.28
CA PRO D 145 -0.41 19.30 6.22
C PRO D 145 -0.22 17.78 6.15
N ARG D 146 0.84 17.39 5.45
CA ARG D 146 1.18 15.97 5.32
C ARG D 146 1.30 15.28 6.68
N SER D 147 1.80 16.01 7.69
CA SER D 147 1.91 15.43 9.03
C SER D 147 0.57 14.97 9.60
N GLN D 148 -0.55 15.35 8.99
CA GLN D 148 -1.86 14.96 9.46
C GLN D 148 -2.62 14.18 8.39
N GLU D 149 -1.86 13.50 7.51
CA GLU D 149 -2.46 12.73 6.42
C GLU D 149 -3.52 11.76 6.94
N SER D 150 -3.33 11.24 8.16
CA SER D 150 -4.27 10.27 8.73
C SER D 150 -5.69 10.81 8.77
N LYS D 151 -5.87 12.09 9.09
CA LYS D 151 -7.24 12.60 9.07
C LYS D 151 -7.73 12.82 7.64
N CYS D 152 -6.85 13.29 6.76
CA CYS D 152 -7.18 13.41 5.34
C CYS D 152 -7.74 12.10 4.82
N THR D 153 -6.97 11.02 4.93
CA THR D 153 -7.44 9.68 4.59
C THR D 153 -8.81 9.41 5.20
N GLU D 154 -8.96 9.64 6.51
CA GLU D 154 -10.25 9.40 7.16
C GLU D 154 -11.35 10.23 6.50
N TYR D 155 -11.06 11.51 6.24
CA TYR D 155 -12.00 12.35 5.50
C TYR D 155 -12.36 11.71 4.18
N ILE D 156 -11.34 11.40 3.37
CA ILE D 156 -11.56 10.78 2.06
C ILE D 156 -12.52 9.62 2.19
N ASN D 157 -12.40 8.86 3.29
CA ASN D 157 -13.15 7.63 3.41
C ASN D 157 -14.44 7.75 4.21
N THR D 158 -14.62 8.81 5.01
CA THR D 158 -15.82 8.87 5.83
C THR D 158 -16.50 10.23 5.82
N GLY D 159 -15.92 11.22 5.15
CA GLY D 159 -16.55 12.51 4.98
C GLY D 159 -16.06 13.52 5.99
N LEU D 160 -16.70 14.69 5.95
CA LEU D 160 -16.36 15.77 6.86
C LEU D 160 -17.20 15.67 8.14
N VAL E 1 -10.81 -21.05 16.06
CA VAL E 1 -11.20 -22.43 16.32
C VAL E 1 -11.27 -23.27 15.05
N LEU E 2 -11.12 -22.65 13.88
CA LEU E 2 -11.15 -23.37 12.60
C LEU E 2 -9.92 -22.96 11.79
N ASP E 3 -9.02 -23.92 11.57
CA ASP E 3 -7.78 -23.69 10.84
C ASP E 3 -8.06 -23.79 9.35
N GLY E 4 -8.05 -22.64 8.68
CA GLY E 4 -8.35 -22.55 7.27
C GLY E 4 -8.97 -21.21 6.96
N PRO E 5 -9.39 -20.99 5.70
CA PRO E 5 -9.39 -21.90 4.55
C PRO E 5 -8.13 -21.85 3.70
N TYR E 6 -7.54 -23.01 3.41
CA TYR E 6 -6.35 -23.09 2.57
C TYR E 6 -6.75 -23.35 1.13
N GLN E 7 -5.85 -22.94 0.22
CA GLN E 7 -6.09 -23.08 -1.21
C GLN E 7 -5.76 -24.50 -1.66
N PRO E 8 -6.45 -25.02 -2.68
CA PRO E 8 -6.11 -26.35 -3.20
C PRO E 8 -4.62 -26.50 -3.44
N VAL E 9 -4.06 -27.63 -3.00
CA VAL E 9 -2.64 -27.93 -3.15
C VAL E 9 -2.45 -29.44 -3.14
N ALA E 10 -1.28 -29.86 -3.59
CA ALA E 10 -0.74 -31.17 -3.26
C ALA E 10 0.12 -31.05 -2.00
N PHE E 11 -0.15 -31.90 -1.01
CA PHE E 11 0.70 -31.93 0.18
C PHE E 11 0.57 -33.30 0.82
N LYS E 12 1.41 -33.53 1.83
CA LYS E 12 1.40 -34.77 2.58
C LYS E 12 0.75 -34.51 3.92
N PRO E 13 -0.52 -34.90 4.13
CA PRO E 13 -1.19 -34.55 5.37
C PRO E 13 -0.54 -35.24 6.56
N PRO E 14 -0.53 -34.60 7.73
CA PRO E 14 0.04 -35.22 8.92
C PRO E 14 -0.93 -36.24 9.53
N ASN E 15 -0.35 -37.16 10.30
CA ASN E 15 -1.14 -38.15 11.00
C ASN E 15 -2.09 -37.49 11.99
N ASP E 16 -3.33 -37.98 12.02
CA ASP E 16 -4.33 -37.59 13.03
C ASP E 16 -4.86 -36.17 12.82
N TYR E 17 -5.02 -35.77 11.56
CA TYR E 17 -5.59 -34.47 11.21
C TYR E 17 -6.59 -34.65 10.08
N TRP E 18 -7.84 -34.29 10.34
CA TRP E 18 -8.86 -34.26 9.30
C TRP E 18 -8.59 -33.15 8.30
N ILE E 19 -8.64 -33.50 7.01
CA ILE E 19 -8.73 -32.56 5.90
C ILE E 19 -10.21 -32.42 5.56
N LEU E 20 -10.76 -31.22 5.76
CA LEU E 20 -12.18 -30.95 5.56
C LEU E 20 -12.30 -30.05 4.33
N VAL E 21 -12.71 -30.65 3.22
CA VAL E 21 -12.83 -29.97 1.95
C VAL E 21 -14.23 -29.39 1.81
N ASN E 22 -14.29 -28.11 1.45
CA ASN E 22 -15.55 -27.39 1.24
C ASN E 22 -15.80 -27.33 -0.27
N SER E 23 -16.36 -28.42 -0.80
CA SER E 23 -16.52 -28.56 -2.25
C SER E 23 -17.47 -27.51 -2.82
N ASN E 24 -17.18 -27.03 -4.03
CA ASN E 24 -18.10 -26.15 -4.77
C ASN E 24 -18.51 -26.72 -6.12
N SER E 25 -17.56 -27.00 -7.01
CA SER E 25 -17.84 -27.51 -8.35
C SER E 25 -18.23 -28.97 -8.29
N ASN E 26 -18.51 -29.55 -9.48
CA ASN E 26 -18.96 -30.94 -9.59
C ASN E 26 -17.90 -31.86 -10.19
N GLY E 27 -16.63 -31.54 -10.01
CA GLY E 27 -15.59 -32.38 -10.55
C GLY E 27 -14.95 -33.29 -9.52
N VAL E 28 -13.66 -33.56 -9.72
CA VAL E 28 -12.85 -34.20 -8.70
C VAL E 28 -12.70 -33.23 -7.54
N VAL E 29 -13.14 -33.67 -6.37
CA VAL E 29 -13.02 -32.91 -5.13
C VAL E 29 -11.66 -33.11 -4.49
N LEU E 30 -11.09 -34.30 -4.67
CA LEU E 30 -10.08 -34.87 -3.79
C LEU E 30 -9.42 -36.07 -4.47
N GLU E 31 -8.10 -36.19 -4.37
CA GLU E 31 -7.52 -37.50 -4.66
C GLU E 31 -6.32 -37.71 -3.75
N GLY E 32 -6.04 -38.97 -3.43
CA GLY E 32 -4.89 -39.25 -2.58
C GLY E 32 -4.22 -40.57 -2.94
N THR E 33 -2.89 -40.64 -2.84
CA THR E 33 -2.21 -41.90 -3.14
C THR E 33 -0.84 -41.94 -2.47
N ASN E 34 -0.40 -43.17 -2.19
CA ASN E 34 0.94 -43.47 -1.72
C ASN E 34 1.79 -44.14 -2.80
N ASN E 35 1.24 -44.30 -4.01
CA ASN E 35 1.90 -44.93 -5.14
C ASN E 35 2.24 -46.40 -4.89
N THR E 36 1.76 -47.01 -3.80
CA THR E 36 2.03 -48.42 -3.53
C THR E 36 0.77 -49.27 -3.42
N ASP E 37 -0.15 -48.95 -2.49
CA ASP E 37 -1.38 -49.73 -2.36
C ASP E 37 -2.64 -48.89 -2.09
N VAL E 38 -2.62 -47.58 -2.27
CA VAL E 38 -3.82 -46.76 -2.10
C VAL E 38 -3.89 -45.76 -3.25
N TRP E 39 -5.02 -45.76 -3.96
CA TRP E 39 -5.46 -44.65 -4.79
C TRP E 39 -6.93 -44.40 -4.46
N VAL E 40 -7.25 -43.16 -4.09
CA VAL E 40 -8.62 -42.77 -3.77
C VAL E 40 -8.90 -41.41 -4.41
N ALA E 41 -10.13 -41.22 -4.88
CA ALA E 41 -10.57 -39.96 -5.46
C ALA E 41 -12.06 -39.81 -5.21
N ILE E 42 -12.46 -38.60 -4.83
CA ILE E 42 -13.85 -38.34 -4.48
C ILE E 42 -14.44 -37.43 -5.53
N ILE E 43 -15.57 -37.84 -6.11
CA ILE E 43 -16.15 -37.21 -7.29
C ILE E 43 -17.50 -36.62 -6.91
N SER E 44 -17.73 -35.36 -7.27
CA SER E 44 -18.96 -34.66 -6.93
C SER E 44 -19.96 -34.68 -8.09
N ILE E 45 -21.22 -35.01 -7.77
CA ILE E 45 -22.35 -35.02 -8.70
C ILE E 45 -23.46 -34.13 -8.16
N GLU E 46 -23.81 -33.09 -8.93
CA GLU E 46 -24.87 -32.17 -8.53
C GLU E 46 -26.22 -32.90 -8.40
N PRO E 47 -27.18 -32.31 -7.71
CA PRO E 47 -28.48 -32.99 -7.53
C PRO E 47 -29.23 -33.20 -8.84
N ASN E 48 -30.16 -34.17 -8.80
CA ASN E 48 -31.14 -34.40 -9.87
C ASN E 48 -30.48 -34.75 -11.20
N VAL E 49 -29.64 -35.78 -11.18
CA VAL E 49 -28.89 -36.21 -12.35
C VAL E 49 -29.30 -37.64 -12.66
N ASN E 50 -29.80 -37.87 -13.87
CA ASN E 50 -30.12 -39.22 -14.30
C ASN E 50 -28.89 -39.87 -14.93
N SER E 51 -28.94 -41.21 -15.02
CA SER E 51 -27.77 -42.02 -15.34
C SER E 51 -27.14 -41.61 -16.67
N GLU E 52 -25.86 -41.28 -16.63
CA GLU E 52 -25.11 -40.80 -17.78
C GLU E 52 -23.63 -40.95 -17.45
N SER E 53 -22.79 -41.08 -18.48
CA SER E 53 -21.35 -41.18 -18.26
C SER E 53 -20.68 -39.82 -18.42
N ARG E 54 -19.73 -39.54 -17.54
CA ARG E 54 -18.99 -38.28 -17.55
C ARG E 54 -17.49 -38.54 -17.58
N GLN E 55 -16.76 -37.58 -18.15
CA GLN E 55 -15.33 -37.69 -18.36
C GLN E 55 -14.58 -36.97 -17.25
N TYR E 56 -13.60 -37.66 -16.65
CA TYR E 56 -12.82 -37.17 -15.52
C TYR E 56 -11.35 -37.51 -15.72
N SER E 57 -10.49 -36.74 -15.04
CA SER E 57 -9.06 -37.02 -14.93
C SER E 57 -8.77 -37.54 -13.53
N LEU E 58 -8.33 -38.78 -13.43
CA LEU E 58 -7.94 -39.39 -12.16
C LEU E 58 -6.43 -39.57 -12.20
N PHE E 59 -5.71 -38.82 -11.34
CA PHE E 59 -4.25 -38.89 -11.28
C PHE E 59 -3.65 -38.75 -12.67
N GLY E 60 -4.26 -37.91 -13.49
CA GLY E 60 -3.76 -37.57 -14.81
C GLY E 60 -4.24 -38.46 -15.95
N VAL E 61 -5.04 -39.48 -15.67
CA VAL E 61 -5.49 -40.42 -16.69
C VAL E 61 -6.98 -40.20 -16.97
N ASN E 62 -7.33 -40.32 -18.25
CA ASN E 62 -8.72 -40.16 -18.70
C ASN E 62 -9.58 -41.34 -18.27
N LYS E 63 -10.75 -41.04 -17.71
CA LYS E 63 -11.69 -42.06 -17.27
C LYS E 63 -13.10 -41.62 -17.61
N GLN E 64 -13.91 -42.54 -18.13
CA GLN E 64 -15.34 -42.32 -18.31
C GLN E 64 -16.06 -43.09 -17.22
N ILE E 65 -16.81 -42.39 -16.38
CA ILE E 65 -17.44 -43.00 -15.23
C ILE E 65 -18.94 -42.80 -15.34
N THR E 66 -19.71 -43.86 -15.08
CA THR E 66 -21.17 -43.78 -15.11
C THR E 66 -21.66 -43.23 -13.78
N VAL E 67 -22.45 -42.16 -13.86
CA VAL E 67 -22.90 -41.43 -12.68
C VAL E 67 -24.42 -41.29 -12.72
N VAL E 68 -25.00 -41.22 -11.52
CA VAL E 68 -26.43 -41.02 -11.31
C VAL E 68 -26.57 -40.31 -9.97
N ASN E 69 -27.55 -39.40 -9.87
CA ASN E 69 -27.94 -38.87 -8.55
C ASN E 69 -29.34 -38.26 -8.65
N THR E 70 -30.35 -39.03 -8.28
CA THR E 70 -31.71 -38.54 -8.38
C THR E 70 -32.23 -37.92 -7.08
N SER E 71 -31.42 -37.93 -6.03
CA SER E 71 -31.72 -37.27 -4.77
C SER E 71 -31.60 -35.74 -4.91
N ASN E 72 -32.10 -35.03 -3.90
CA ASN E 72 -31.96 -33.57 -3.85
C ASN E 72 -30.61 -33.13 -3.30
N LYS E 73 -29.85 -34.04 -2.70
CA LYS E 73 -28.56 -33.74 -2.12
C LYS E 73 -27.43 -34.04 -3.09
N TRP E 74 -26.29 -33.41 -2.86
CA TRP E 74 -25.10 -33.65 -3.66
C TRP E 74 -24.52 -35.02 -3.36
N LYS E 75 -23.93 -35.64 -4.38
CA LYS E 75 -23.44 -37.00 -4.28
C LYS E 75 -21.92 -37.02 -4.41
N PHE E 76 -21.24 -37.69 -3.48
CA PHE E 76 -19.78 -37.78 -3.52
C PHE E 76 -19.39 -39.25 -3.60
N MET E 77 -18.86 -39.65 -4.76
CA MET E 77 -18.48 -41.02 -5.04
C MET E 77 -17.02 -41.22 -4.67
N GLU E 78 -16.77 -42.17 -3.78
CA GLU E 78 -15.41 -42.55 -3.42
C GLU E 78 -14.97 -43.64 -4.39
N MET E 79 -14.02 -43.29 -5.27
CA MET E 79 -13.38 -44.22 -6.17
C MET E 79 -12.07 -44.69 -5.56
N PHE E 80 -11.76 -45.97 -5.73
CA PHE E 80 -10.67 -46.57 -4.97
C PHE E 80 -10.03 -47.71 -5.76
N ARG E 81 -8.75 -47.93 -5.52
CA ARG E 81 -8.05 -49.11 -6.01
C ARG E 81 -6.80 -49.30 -5.17
N ASN E 82 -6.33 -50.53 -5.07
CA ASN E 82 -5.14 -50.83 -4.26
C ASN E 82 -3.92 -51.20 -5.09
N ASN E 83 -3.99 -51.06 -6.41
CA ASN E 83 -2.95 -51.55 -7.30
C ASN E 83 -2.87 -50.56 -8.47
N SER E 84 -1.63 -50.26 -8.90
CA SER E 84 -1.43 -49.23 -9.91
C SER E 84 -1.88 -49.69 -11.29
N ASN E 85 -2.11 -50.98 -11.47
CA ASN E 85 -2.54 -51.54 -12.74
C ASN E 85 -4.04 -51.78 -12.81
N ALA E 86 -4.72 -51.86 -11.67
CA ALA E 86 -6.16 -52.07 -11.64
C ALA E 86 -6.91 -50.81 -12.07
N GLU E 87 -8.21 -50.98 -12.30
CA GLU E 87 -9.12 -49.87 -12.57
C GLU E 87 -9.82 -49.45 -11.29
N PHE E 88 -10.14 -48.16 -11.21
CA PHE E 88 -10.88 -47.67 -10.05
C PHE E 88 -12.27 -48.29 -10.02
N GLN E 89 -12.75 -48.53 -8.80
CA GLN E 89 -14.08 -49.06 -8.54
C GLN E 89 -14.79 -48.13 -7.56
N HIS E 90 -16.10 -47.98 -7.72
CA HIS E 90 -16.89 -47.14 -6.83
C HIS E 90 -17.08 -47.86 -5.50
N LYS E 91 -16.38 -47.39 -4.46
CA LYS E 91 -16.33 -48.11 -3.21
C LYS E 91 -17.40 -47.67 -2.21
N ARG E 92 -17.64 -46.36 -2.07
CA ARG E 92 -18.60 -45.81 -1.12
C ARG E 92 -19.24 -44.56 -1.68
N THR E 93 -20.25 -44.08 -0.96
CA THR E 93 -20.96 -42.86 -1.33
C THR E 93 -21.26 -42.04 -0.10
N LEU E 94 -21.07 -40.74 -0.21
CA LEU E 94 -21.57 -39.76 0.76
C LEU E 94 -22.65 -38.93 0.08
N THR E 95 -23.86 -38.92 0.66
CA THR E 95 -24.96 -38.11 0.12
C THR E 95 -25.21 -36.96 1.08
N SER E 96 -25.04 -35.73 0.59
CA SER E 96 -24.82 -34.60 1.47
C SER E 96 -25.49 -33.35 0.96
N SER E 97 -26.18 -32.64 1.85
CA SER E 97 -26.65 -31.29 1.58
C SER E 97 -25.67 -30.21 2.01
N THR E 98 -24.54 -30.58 2.61
CA THR E 98 -23.55 -29.60 3.02
C THR E 98 -22.38 -29.47 2.06
N LYS E 99 -22.13 -30.49 1.23
CA LYS E 99 -21.05 -30.50 0.25
C LYS E 99 -19.67 -30.55 0.89
N LEU E 100 -19.59 -30.93 2.16
CA LEU E 100 -18.32 -31.03 2.87
C LEU E 100 -17.85 -32.47 2.88
N VAL E 101 -16.54 -32.68 2.70
CA VAL E 101 -15.97 -34.01 2.52
C VAL E 101 -14.66 -34.09 3.27
N GLY E 102 -14.44 -35.18 4.01
CA GLY E 102 -13.23 -35.27 4.82
C GLY E 102 -12.29 -36.41 4.45
N ILE E 103 -11.02 -36.30 4.82
CA ILE E 103 -10.09 -37.43 4.72
C ILE E 103 -9.09 -37.34 5.87
N LEU E 104 -8.75 -38.50 6.45
CA LEU E 104 -7.88 -38.57 7.61
C LEU E 104 -6.99 -39.79 7.54
N LYS E 105 -5.71 -39.61 7.87
CA LYS E 105 -4.80 -40.74 8.09
C LYS E 105 -4.70 -40.98 9.59
N HIS E 106 -5.05 -42.19 10.04
CA HIS E 106 -5.02 -42.52 11.46
C HIS E 106 -5.04 -44.03 11.67
N GLY E 107 -4.27 -44.50 12.64
CA GLY E 107 -4.31 -45.90 13.07
C GLY E 107 -4.02 -46.89 11.97
N GLY E 108 -3.03 -46.62 11.14
CA GLY E 108 -2.74 -47.47 10.01
C GLY E 108 -3.84 -47.56 8.98
N ARG E 109 -4.83 -46.66 8.99
CA ARG E 109 -5.94 -46.71 8.04
C ARG E 109 -6.24 -45.31 7.53
N LEU E 110 -6.89 -45.25 6.36
CA LEU E 110 -7.33 -43.99 5.76
C LEU E 110 -8.84 -43.90 5.90
N TRP E 111 -9.33 -42.76 6.39
CA TRP E 111 -10.71 -42.58 6.80
C TRP E 111 -11.40 -41.52 5.94
N THR E 112 -12.62 -41.84 5.53
CA THR E 112 -13.49 -40.93 4.79
C THR E 112 -14.89 -41.03 5.38
N TYR E 113 -15.79 -40.17 4.93
CA TYR E 113 -17.17 -40.21 5.40
C TYR E 113 -18.06 -40.81 4.34
N HIS E 114 -19.02 -41.63 4.76
CA HIS E 114 -20.04 -42.12 3.87
C HIS E 114 -21.38 -42.18 4.61
N GLY E 115 -22.43 -42.53 3.87
CA GLY E 115 -23.79 -42.47 4.36
C GLY E 115 -24.58 -41.31 3.79
N GLU E 116 -25.64 -40.93 4.51
CA GLU E 116 -26.46 -39.77 4.18
C GLU E 116 -26.41 -38.79 5.34
N THR E 117 -26.15 -37.51 5.04
CA THR E 117 -26.29 -36.50 6.07
C THR E 117 -27.76 -36.41 6.46
N PRO E 118 -28.05 -36.11 7.75
CA PRO E 118 -27.17 -35.73 8.85
C PRO E 118 -26.64 -36.90 9.70
N ASN E 119 -26.56 -38.10 9.12
CA ASN E 119 -26.15 -39.28 9.86
C ASN E 119 -24.93 -39.96 9.22
N ALA E 120 -24.14 -39.21 8.47
CA ALA E 120 -22.92 -39.73 7.86
C ALA E 120 -21.91 -40.12 8.92
N THR E 121 -21.26 -41.27 8.70
CA THR E 121 -20.27 -41.80 9.63
C THR E 121 -18.95 -42.05 8.89
N THR E 122 -17.90 -42.29 9.67
CA THR E 122 -16.59 -42.58 9.12
C THR E 122 -16.42 -44.05 8.80
N ASP E 123 -15.56 -44.33 7.82
CA ASP E 123 -15.21 -45.69 7.42
C ASP E 123 -13.78 -45.63 6.90
N TYR E 124 -13.16 -46.80 6.77
CA TYR E 124 -11.73 -46.87 6.52
C TYR E 124 -11.42 -47.72 5.28
N SER E 125 -10.22 -47.49 4.76
CA SER E 125 -9.54 -48.40 3.87
C SER E 125 -8.20 -48.75 4.53
N THR E 126 -7.75 -49.98 4.30
CA THR E 126 -6.51 -50.47 4.88
C THR E 126 -5.34 -50.16 3.97
N THR E 127 -4.14 -50.20 4.53
CA THR E 127 -2.92 -49.93 3.79
C THR E 127 -1.74 -50.42 4.60
N SER E 128 -0.66 -50.76 3.89
CA SER E 128 0.64 -51.05 4.49
C SER E 128 1.53 -49.81 4.61
N ASN E 129 1.13 -48.72 3.96
CA ASN E 129 1.97 -47.56 3.70
C ASN E 129 1.19 -46.27 3.96
N LEU E 130 0.64 -46.14 5.18
CA LEU E 130 -0.21 -45.00 5.50
C LEU E 130 0.54 -43.67 5.40
N ASN E 131 1.71 -43.56 6.05
CA ASN E 131 2.36 -42.25 6.17
C ASN E 131 2.61 -41.63 4.81
N GLU E 132 2.95 -42.45 3.80
CA GLU E 132 3.32 -41.97 2.48
C GLU E 132 2.15 -41.44 1.67
N ILE E 133 0.91 -41.63 2.13
CA ILE E 133 -0.24 -41.13 1.38
C ILE E 133 -0.17 -39.62 1.32
N SER E 134 -0.24 -39.07 0.10
CA SER E 134 -0.32 -37.64 -0.10
C SER E 134 -1.64 -37.30 -0.77
N VAL E 135 -2.16 -36.10 -0.48
CA VAL E 135 -3.49 -35.68 -0.87
C VAL E 135 -3.42 -34.44 -1.73
N THR E 136 -4.12 -34.46 -2.86
CA THR E 136 -4.32 -33.28 -3.70
C THR E 136 -5.77 -32.85 -3.57
N THR E 137 -5.99 -31.63 -3.11
CA THR E 137 -7.32 -31.06 -3.01
C THR E 137 -7.60 -30.19 -4.23
N TYR E 138 -8.89 -30.07 -4.57
CA TYR E 138 -9.34 -29.22 -5.65
C TYR E 138 -10.38 -28.21 -5.18
N ALA E 139 -10.56 -28.06 -3.87
CA ALA E 139 -11.36 -27.00 -3.29
C ALA E 139 -10.72 -26.56 -1.98
N GLU E 140 -11.17 -25.42 -1.46
CA GLU E 140 -10.65 -24.93 -0.20
C GLU E 140 -10.92 -25.93 0.92
N PHE E 141 -10.00 -25.98 1.89
CA PHE E 141 -10.08 -26.99 2.93
C PHE E 141 -9.56 -26.43 4.24
N TYR E 142 -9.94 -27.11 5.31
CA TYR E 142 -9.60 -26.79 6.69
C TYR E 142 -8.91 -27.98 7.33
N ILE E 143 -8.05 -27.73 8.30
CA ILE E 143 -7.30 -28.78 8.99
C ILE E 143 -7.79 -28.83 10.42
N ILE E 144 -8.33 -29.99 10.83
CA ILE E 144 -9.00 -30.13 12.11
C ILE E 144 -8.37 -31.30 12.86
N PRO E 145 -7.78 -31.09 14.04
CA PRO E 145 -7.09 -32.20 14.70
C PRO E 145 -8.07 -33.31 15.07
N ARG E 146 -7.56 -34.54 15.01
CA ARG E 146 -8.42 -35.69 15.28
C ARG E 146 -9.09 -35.59 16.64
N SER E 147 -8.40 -35.02 17.62
CA SER E 147 -8.99 -34.85 18.95
C SER E 147 -10.30 -34.08 18.93
N GLN E 148 -10.65 -33.40 17.83
CA GLN E 148 -11.90 -32.67 17.69
C GLN E 148 -12.74 -33.23 16.55
N GLU E 149 -12.71 -34.56 16.39
CA GLU E 149 -13.47 -35.21 15.32
C GLU E 149 -14.95 -34.90 15.42
N SER E 150 -15.48 -34.82 16.65
CA SER E 150 -16.89 -34.51 16.87
C SER E 150 -17.30 -33.23 16.14
N LYS E 151 -16.42 -32.22 16.15
CA LYS E 151 -16.71 -31.01 15.39
C LYS E 151 -16.74 -31.31 13.89
N CYS E 152 -15.71 -31.99 13.39
CA CYS E 152 -15.65 -32.35 11.98
C CYS E 152 -16.91 -33.07 11.54
N THR E 153 -17.27 -34.16 12.23
CA THR E 153 -18.50 -34.88 11.89
C THR E 153 -19.70 -33.94 11.92
N GLU E 154 -19.80 -33.10 12.95
CA GLU E 154 -20.88 -32.11 13.00
C GLU E 154 -20.91 -31.30 11.70
N TYR E 155 -19.75 -30.73 11.33
CA TYR E 155 -19.66 -29.94 10.12
C TYR E 155 -20.05 -30.76 8.88
N ILE E 156 -19.64 -32.03 8.84
CA ILE E 156 -19.95 -32.86 7.68
C ILE E 156 -21.46 -32.99 7.52
N ASN E 157 -22.19 -33.05 8.64
CA ASN E 157 -23.61 -33.38 8.61
C ASN E 157 -24.52 -32.17 8.70
N THR E 158 -24.07 -31.06 9.29
CA THR E 158 -24.92 -29.88 9.38
C THR E 158 -24.29 -28.59 8.86
N GLY E 159 -23.04 -28.61 8.42
CA GLY E 159 -22.44 -27.49 7.73
C GLY E 159 -21.56 -26.63 8.63
N LEU E 160 -21.03 -25.56 8.04
CA LEU E 160 -20.23 -24.58 8.78
C LEU E 160 -21.10 -23.43 9.31
N VAL F 1 -38.61 12.75 -48.23
CA VAL F 1 -39.41 13.49 -47.25
C VAL F 1 -38.52 14.27 -46.28
N LEU F 2 -37.41 13.65 -45.86
CA LEU F 2 -36.59 14.20 -44.79
C LEU F 2 -35.12 14.09 -45.16
N ASP F 3 -34.46 15.24 -45.34
CA ASP F 3 -33.05 15.27 -45.71
C ASP F 3 -32.20 14.95 -44.49
N GLY F 4 -31.49 13.83 -44.53
CA GLY F 4 -30.71 13.35 -43.41
C GLY F 4 -30.90 11.87 -43.19
N PRO F 5 -30.32 11.31 -42.11
CA PRO F 5 -29.55 12.00 -41.06
C PRO F 5 -28.08 12.25 -41.39
N TYR F 6 -27.55 13.34 -40.83
CA TYR F 6 -26.17 13.74 -40.99
C TYR F 6 -25.40 13.54 -39.69
N GLN F 7 -24.09 13.31 -39.82
CA GLN F 7 -23.24 13.11 -38.65
C GLN F 7 -22.87 14.47 -38.04
N PRO F 8 -22.61 14.50 -36.73
CA PRO F 8 -22.22 15.77 -36.09
C PRO F 8 -21.07 16.47 -36.81
N VAL F 9 -21.26 17.78 -37.06
CA VAL F 9 -20.24 18.62 -37.68
C VAL F 9 -20.35 20.03 -37.12
N ALA F 10 -19.29 20.80 -37.32
CA ALA F 10 -19.33 22.25 -37.20
C ALA F 10 -19.42 22.84 -38.61
N PHE F 11 -20.41 23.69 -38.84
CA PHE F 11 -20.61 24.28 -40.16
C PHE F 11 -21.43 25.55 -40.02
N LYS F 12 -21.47 26.32 -41.11
CA LYS F 12 -22.25 27.56 -41.19
C LYS F 12 -23.57 27.26 -41.87
N PRO F 13 -24.68 27.18 -41.13
CA PRO F 13 -25.93 26.73 -41.74
C PRO F 13 -26.50 27.77 -42.67
N PRO F 14 -27.20 27.38 -43.73
CA PRO F 14 -27.79 28.35 -44.64
C PRO F 14 -29.05 28.98 -44.05
N ASN F 15 -29.34 30.20 -44.50
CA ASN F 15 -30.55 30.88 -44.07
C ASN F 15 -31.77 30.11 -44.53
N ASP F 16 -32.82 30.16 -43.71
CA ASP F 16 -34.12 29.56 -44.02
C ASP F 16 -34.07 28.05 -44.03
N TYR F 17 -33.21 27.44 -43.23
CA TYR F 17 -33.14 25.99 -43.11
C TYR F 17 -33.08 25.62 -41.64
N TRP F 18 -34.05 24.87 -41.18
CA TRP F 18 -34.06 24.34 -39.82
C TRP F 18 -33.04 23.22 -39.69
N ILE F 19 -32.23 23.30 -38.64
CA ILE F 19 -31.37 22.20 -38.20
C ILE F 19 -32.12 21.47 -37.10
N LEU F 20 -32.47 20.20 -37.37
CA LEU F 20 -33.23 19.37 -36.45
C LEU F 20 -32.32 18.30 -35.89
N VAL F 21 -31.94 18.45 -34.63
CA VAL F 21 -31.03 17.54 -33.94
C VAL F 21 -31.85 16.50 -33.20
N ASN F 22 -31.47 15.24 -33.37
CA ASN F 22 -32.11 14.08 -32.72
C ASN F 22 -31.20 13.68 -31.56
N SER F 23 -31.45 14.25 -30.39
CA SER F 23 -30.52 14.13 -29.27
C SER F 23 -30.65 12.78 -28.58
N ASN F 24 -29.50 12.29 -28.10
CA ASN F 24 -29.40 11.06 -27.32
C ASN F 24 -28.79 11.31 -25.95
N SER F 25 -27.65 11.97 -25.91
CA SER F 25 -26.90 12.16 -24.68
C SER F 25 -27.60 13.15 -23.77
N ASN F 26 -27.03 13.32 -22.57
CA ASN F 26 -27.50 14.31 -21.61
C ASN F 26 -26.45 15.40 -21.42
N GLY F 27 -25.77 15.74 -22.50
CA GLY F 27 -24.74 16.77 -22.43
C GLY F 27 -25.03 17.96 -23.30
N VAL F 28 -23.99 18.54 -23.89
CA VAL F 28 -24.17 19.65 -24.81
C VAL F 28 -24.76 19.11 -26.11
N VAL F 29 -26.00 19.48 -26.41
CA VAL F 29 -26.63 19.03 -27.64
C VAL F 29 -26.07 19.77 -28.85
N LEU F 30 -25.92 21.08 -28.72
CA LEU F 30 -25.45 21.90 -29.82
C LEU F 30 -25.01 23.24 -29.26
N GLU F 31 -24.13 23.92 -29.97
CA GLU F 31 -23.70 25.26 -29.57
C GLU F 31 -23.43 26.06 -30.84
N GLY F 32 -23.69 27.35 -30.80
CA GLY F 32 -23.52 28.17 -31.98
C GLY F 32 -23.07 29.56 -31.60
N THR F 33 -22.32 30.19 -32.50
CA THR F 33 -21.87 31.55 -32.25
C THR F 33 -21.48 32.19 -33.58
N ASN F 34 -21.45 33.53 -33.57
CA ASN F 34 -20.89 34.34 -34.65
C ASN F 34 -19.68 35.14 -34.18
N ASN F 35 -19.25 34.96 -32.94
CA ASN F 35 -18.11 35.63 -32.30
C ASN F 35 -18.29 37.13 -32.16
N THR F 36 -19.48 37.66 -32.48
CA THR F 36 -19.74 39.08 -32.31
C THR F 36 -20.78 39.34 -31.23
N ASP F 37 -22.01 38.82 -31.38
CA ASP F 37 -23.05 39.14 -30.41
C ASP F 37 -23.98 37.98 -30.05
N VAL F 38 -23.67 36.74 -30.42
CA VAL F 38 -24.52 35.62 -30.06
C VAL F 38 -23.67 34.42 -29.69
N TRP F 39 -23.92 33.84 -28.50
CA TRP F 39 -23.38 32.55 -28.10
C TRP F 39 -24.53 31.77 -27.46
N VAL F 40 -24.93 30.66 -28.09
CA VAL F 40 -26.05 29.86 -27.60
C VAL F 40 -25.61 28.40 -27.49
N ALA F 41 -26.12 27.70 -26.48
CA ALA F 41 -25.84 26.27 -26.35
C ALA F 41 -27.01 25.61 -25.63
N ILE F 42 -27.51 24.51 -26.19
CA ILE F 42 -28.65 23.80 -25.64
C ILE F 42 -28.17 22.55 -24.91
N ILE F 43 -28.59 22.40 -23.66
CA ILE F 43 -28.06 21.43 -22.72
C ILE F 43 -29.16 20.42 -22.41
N SER F 44 -28.83 19.13 -22.47
CA SER F 44 -29.81 18.08 -22.29
C SER F 44 -29.76 17.52 -20.86
N ILE F 45 -30.92 17.45 -20.21
CA ILE F 45 -31.04 16.96 -18.85
C ILE F 45 -32.06 15.85 -18.82
N GLU F 46 -31.72 14.74 -18.17
CA GLU F 46 -32.55 13.56 -18.13
C GLU F 46 -33.76 13.77 -17.22
N PRO F 47 -34.77 12.91 -17.33
CA PRO F 47 -35.92 13.00 -16.42
C PRO F 47 -35.56 12.85 -14.95
N ASN F 48 -36.42 13.42 -14.10
CA ASN F 48 -36.36 13.25 -12.64
C ASN F 48 -34.96 13.55 -12.10
N VAL F 49 -34.50 14.77 -12.32
CA VAL F 49 -33.26 15.29 -11.74
C VAL F 49 -33.65 16.30 -10.67
N ASN F 50 -33.22 16.03 -9.43
CA ASN F 50 -33.42 17.06 -8.43
C ASN F 50 -32.31 18.11 -8.54
N SER F 51 -32.61 19.31 -8.05
CA SER F 51 -31.74 20.47 -8.24
C SER F 51 -30.30 20.12 -7.89
N GLU F 52 -29.42 20.22 -8.88
CA GLU F 52 -28.01 19.90 -8.67
C GLU F 52 -27.16 20.61 -9.70
N SER F 53 -25.92 20.88 -9.35
CA SER F 53 -24.99 21.54 -10.26
C SER F 53 -24.29 20.50 -11.12
N ARG F 54 -24.11 20.83 -12.41
CA ARG F 54 -23.37 19.98 -13.33
C ARG F 54 -22.43 20.83 -14.18
N GLN F 55 -21.39 20.19 -14.73
CA GLN F 55 -20.36 20.87 -15.51
C GLN F 55 -20.51 20.58 -17.00
N TYR F 56 -20.32 21.62 -17.81
CA TYR F 56 -20.48 21.53 -19.26
C TYR F 56 -19.36 22.29 -19.96
N SER F 57 -18.89 21.76 -21.07
CA SER F 57 -17.88 22.47 -21.86
C SER F 57 -18.60 23.29 -22.93
N LEU F 58 -18.64 24.60 -22.74
CA LEU F 58 -19.28 25.52 -23.66
C LEU F 58 -18.19 26.33 -24.35
N PHE F 59 -18.10 26.16 -25.66
CA PHE F 59 -17.11 26.87 -26.47
C PHE F 59 -15.71 26.69 -25.90
N GLY F 60 -15.44 25.47 -25.42
CA GLY F 60 -14.12 25.13 -24.91
C GLY F 60 -13.87 25.45 -23.46
N VAL F 61 -14.82 26.05 -22.74
CA VAL F 61 -14.59 26.38 -21.34
C VAL F 61 -15.54 25.57 -20.48
N ASN F 62 -15.02 25.05 -19.37
CA ASN F 62 -15.83 24.33 -18.40
C ASN F 62 -16.65 25.31 -17.56
N LYS F 63 -17.97 25.10 -17.53
CA LYS F 63 -18.91 25.99 -16.86
C LYS F 63 -19.77 25.19 -15.91
N GLN F 64 -19.99 25.77 -14.72
CA GLN F 64 -20.86 25.21 -13.69
C GLN F 64 -22.28 25.74 -13.86
N ILE F 65 -23.25 24.85 -14.05
CA ILE F 65 -24.64 25.26 -14.26
C ILE F 65 -25.56 24.43 -13.37
N THR F 66 -26.38 25.12 -12.57
CA THR F 66 -27.41 24.46 -11.76
C THR F 66 -28.57 24.03 -12.65
N VAL F 67 -28.86 22.73 -12.64
CA VAL F 67 -29.91 22.16 -13.46
C VAL F 67 -30.90 21.50 -12.54
N VAL F 68 -32.11 21.32 -13.05
CA VAL F 68 -33.16 20.59 -12.35
C VAL F 68 -34.21 20.21 -13.38
N ASN F 69 -34.76 19.00 -13.22
CA ASN F 69 -35.83 18.54 -14.10
C ASN F 69 -36.59 17.45 -13.35
N THR F 70 -37.75 17.81 -12.80
CA THR F 70 -38.57 16.83 -12.10
C THR F 70 -39.64 16.22 -12.99
N SER F 71 -39.75 16.69 -14.23
CA SER F 71 -40.68 16.08 -15.17
C SER F 71 -40.19 14.69 -15.56
N ASN F 72 -41.12 13.89 -16.07
CA ASN F 72 -40.81 12.61 -16.69
C ASN F 72 -40.39 12.77 -18.13
N LYS F 73 -40.25 14.01 -18.60
CA LYS F 73 -39.77 14.34 -19.93
C LYS F 73 -38.34 14.86 -19.85
N TRP F 74 -37.65 14.84 -20.98
CA TRP F 74 -36.31 15.40 -21.04
C TRP F 74 -36.40 16.92 -21.09
N LYS F 75 -35.41 17.58 -20.52
CA LYS F 75 -35.36 19.04 -20.46
C LYS F 75 -34.18 19.54 -21.26
N PHE F 76 -34.40 20.56 -22.09
CA PHE F 76 -33.34 21.15 -22.89
C PHE F 76 -33.23 22.62 -22.55
N MET F 77 -32.13 23.00 -21.91
CA MET F 77 -31.89 24.36 -21.47
C MET F 77 -31.17 25.12 -22.57
N GLU F 78 -31.79 26.17 -23.08
CA GLU F 78 -31.13 27.08 -24.01
C GLU F 78 -30.40 28.13 -23.20
N MET F 79 -29.07 28.05 -23.22
CA MET F 79 -28.12 28.97 -22.61
C MET F 79 -27.63 30.00 -23.64
N PHE F 80 -27.38 31.22 -23.17
CA PHE F 80 -27.19 32.33 -24.08
C PHE F 80 -26.36 33.43 -23.42
N ARG F 81 -25.55 34.08 -24.24
CA ARG F 81 -24.96 35.37 -23.89
C ARG F 81 -24.74 36.12 -25.20
N ASN F 82 -24.60 37.43 -25.10
CA ASN F 82 -24.38 38.27 -26.27
C ASN F 82 -23.06 39.02 -26.21
N ASN F 83 -22.16 38.62 -25.31
CA ASN F 83 -20.86 39.28 -25.15
C ASN F 83 -19.84 38.23 -24.72
N SER F 84 -18.62 38.34 -25.26
CA SER F 84 -17.61 37.33 -24.99
C SER F 84 -17.16 37.30 -23.53
N ASN F 85 -17.37 38.39 -22.78
CA ASN F 85 -16.90 38.50 -21.40
C ASN F 85 -17.94 38.05 -20.38
N ALA F 86 -19.17 37.81 -20.81
CA ALA F 86 -20.24 37.53 -19.88
C ALA F 86 -20.33 36.03 -19.59
N GLU F 87 -21.12 35.71 -18.58
CA GLU F 87 -21.51 34.33 -18.32
C GLU F 87 -22.78 33.99 -19.09
N PHE F 88 -22.97 32.71 -19.32
CA PHE F 88 -24.16 32.23 -19.99
C PHE F 88 -25.35 32.27 -19.04
N GLN F 89 -26.48 32.78 -19.53
CA GLN F 89 -27.71 32.80 -18.76
C GLN F 89 -28.69 31.78 -19.34
N HIS F 90 -29.44 31.13 -18.46
CA HIS F 90 -30.41 30.13 -18.90
C HIS F 90 -31.58 30.88 -19.52
N LYS F 91 -31.59 31.00 -20.85
CA LYS F 91 -32.60 31.84 -21.49
C LYS F 91 -33.94 31.12 -21.61
N ARG F 92 -33.95 29.91 -22.18
CA ARG F 92 -35.23 29.25 -22.43
C ARG F 92 -35.15 27.78 -22.06
N THR F 93 -36.32 27.13 -22.04
CA THR F 93 -36.44 25.71 -21.77
C THR F 93 -37.36 25.06 -22.79
N LEU F 94 -36.93 23.93 -23.36
CA LEU F 94 -37.77 23.09 -24.21
C LEU F 94 -37.93 21.75 -23.50
N THR F 95 -39.15 21.46 -23.06
CA THR F 95 -39.47 20.21 -22.36
C THR F 95 -40.09 19.24 -23.36
N SER F 96 -39.42 18.10 -23.57
CA SER F 96 -39.67 17.26 -24.73
C SER F 96 -39.67 15.79 -24.36
N SER F 97 -40.64 15.06 -24.90
CA SER F 97 -40.66 13.61 -24.85
C SER F 97 -40.14 12.99 -26.14
N THR F 98 -39.74 13.81 -27.11
CA THR F 98 -39.18 13.34 -28.37
C THR F 98 -37.68 13.56 -28.48
N LYS F 99 -37.09 14.31 -27.55
CA LYS F 99 -35.67 14.64 -27.56
C LYS F 99 -35.22 15.35 -28.84
N LEU F 100 -36.12 15.99 -29.58
CA LEU F 100 -35.75 16.70 -30.78
C LEU F 100 -35.56 18.19 -30.48
N VAL F 101 -34.55 18.80 -31.11
CA VAL F 101 -34.19 20.20 -30.86
C VAL F 101 -33.90 20.87 -32.19
N GLY F 102 -34.26 22.14 -32.32
CA GLY F 102 -34.14 22.83 -33.58
C GLY F 102 -33.49 24.19 -33.45
N ILE F 103 -32.82 24.60 -34.52
CA ILE F 103 -32.25 25.94 -34.59
C ILE F 103 -32.35 26.44 -36.04
N LEU F 104 -32.70 27.73 -36.19
CA LEU F 104 -33.04 28.33 -37.48
C LEU F 104 -32.45 29.73 -37.60
N LYS F 105 -31.88 30.06 -38.75
CA LYS F 105 -31.42 31.41 -39.03
C LYS F 105 -32.37 32.02 -40.05
N HIS F 106 -33.10 33.07 -39.66
CA HIS F 106 -34.12 33.61 -40.56
C HIS F 106 -34.45 35.05 -40.22
N GLY F 107 -34.45 35.91 -41.24
CA GLY F 107 -34.96 37.26 -41.11
C GLY F 107 -34.26 38.00 -39.99
N GLY F 108 -32.93 37.94 -40.00
CA GLY F 108 -32.11 38.63 -39.03
C GLY F 108 -32.22 38.12 -37.61
N ARG F 109 -32.85 36.97 -37.40
CA ARG F 109 -33.10 36.46 -36.06
C ARG F 109 -32.67 35.01 -35.96
N LEU F 110 -32.40 34.58 -34.73
CA LEU F 110 -32.03 33.19 -34.46
C LEU F 110 -33.17 32.53 -33.71
N TRP F 111 -33.65 31.41 -34.23
CA TRP F 111 -34.88 30.79 -33.73
C TRP F 111 -34.57 29.43 -33.14
N THR F 112 -35.27 29.13 -32.04
CA THR F 112 -35.23 27.84 -31.38
C THR F 112 -36.66 27.52 -30.97
N TYR F 113 -36.88 26.33 -30.42
CA TYR F 113 -38.19 25.96 -29.89
C TYR F 113 -38.16 26.00 -28.37
N HIS F 114 -39.30 26.34 -27.77
CA HIS F 114 -39.46 26.35 -26.33
C HIS F 114 -40.90 25.97 -26.02
N GLY F 115 -41.17 25.73 -24.73
CA GLY F 115 -42.44 25.19 -24.26
C GLY F 115 -42.41 23.73 -23.84
N GLU F 116 -43.56 23.07 -23.92
CA GLU F 116 -43.72 21.65 -23.63
C GLU F 116 -44.28 20.96 -24.86
N THR F 117 -43.70 19.82 -25.23
CA THR F 117 -44.32 19.02 -26.26
C THR F 117 -45.66 18.49 -25.74
N PRO F 118 -46.67 18.30 -26.62
CA PRO F 118 -46.67 18.53 -28.07
C PRO F 118 -47.02 19.95 -28.51
N ASN F 119 -46.90 20.95 -27.63
CA ASN F 119 -47.34 22.31 -27.91
C ASN F 119 -46.17 23.29 -27.89
N ALA F 120 -45.00 22.85 -28.34
CA ALA F 120 -43.82 23.70 -28.35
C ALA F 120 -43.83 24.64 -29.55
N THR F 121 -43.38 25.87 -29.33
CA THR F 121 -43.43 26.94 -30.34
C THR F 121 -42.04 27.56 -30.51
N THR F 122 -41.85 28.32 -31.58
CA THR F 122 -40.57 28.95 -31.87
C THR F 122 -40.45 30.30 -31.17
N ASP F 123 -39.20 30.71 -30.96
CA ASP F 123 -38.85 32.00 -30.37
C ASP F 123 -37.47 32.40 -30.89
N TYR F 124 -37.09 33.65 -30.67
CA TYR F 124 -35.91 34.18 -31.31
C TYR F 124 -35.01 34.92 -30.32
N SER F 125 -33.78 35.08 -30.75
CA SER F 125 -32.82 36.02 -30.22
C SER F 125 -32.46 36.99 -31.33
N THR F 126 -32.16 38.21 -30.95
CA THR F 126 -31.77 39.24 -31.91
C THR F 126 -30.27 39.20 -32.12
N THR F 127 -29.86 39.74 -33.27
CA THR F 127 -28.46 39.82 -33.61
C THR F 127 -28.32 40.83 -34.73
N SER F 128 -27.17 41.47 -34.78
CA SER F 128 -26.80 42.31 -35.91
C SER F 128 -26.08 41.54 -36.99
N ASN F 129 -25.71 40.29 -36.72
CA ASN F 129 -24.71 39.53 -37.48
C ASN F 129 -25.22 38.10 -37.72
N LEU F 130 -26.42 37.98 -38.27
CA LEU F 130 -27.03 36.66 -38.43
C LEU F 130 -26.19 35.73 -39.30
N ASN F 131 -25.76 36.20 -40.48
CA ASN F 131 -25.19 35.30 -41.48
C ASN F 131 -23.94 34.57 -41.00
N GLU F 132 -23.23 35.15 -40.03
CA GLU F 132 -21.97 34.60 -39.58
C GLU F 132 -22.13 33.53 -38.50
N ILE F 133 -23.34 33.29 -38.01
CA ILE F 133 -23.54 32.29 -36.97
C ILE F 133 -23.23 30.91 -37.56
N SER F 134 -22.24 30.24 -36.97
CA SER F 134 -22.00 28.83 -37.26
C SER F 134 -22.38 27.99 -36.06
N VAL F 135 -22.76 26.74 -36.32
CA VAL F 135 -23.39 25.87 -35.34
C VAL F 135 -22.70 24.50 -35.32
N THR F 136 -22.38 24.02 -34.12
CA THR F 136 -21.79 22.70 -33.91
C THR F 136 -22.82 21.80 -33.23
N THR F 137 -23.16 20.71 -33.92
CA THR F 137 -24.06 19.69 -33.40
C THR F 137 -23.25 18.57 -32.76
N TYR F 138 -23.80 18.01 -31.69
CA TYR F 138 -23.18 16.87 -31.02
C TYR F 138 -24.05 15.62 -31.14
N ALA F 139 -24.93 15.58 -32.12
CA ALA F 139 -25.77 14.41 -32.39
C ALA F 139 -26.10 14.39 -33.88
N GLU F 140 -26.87 13.39 -34.29
CA GLU F 140 -27.31 13.29 -35.68
C GLU F 140 -28.45 14.25 -35.94
N PHE F 141 -28.45 14.86 -37.14
CA PHE F 141 -29.40 15.92 -37.42
C PHE F 141 -29.85 15.86 -38.88
N TYR F 142 -30.97 16.52 -39.13
CA TYR F 142 -31.58 16.65 -40.44
C TYR F 142 -31.71 18.12 -40.79
N ILE F 143 -31.96 18.37 -42.08
CA ILE F 143 -32.14 19.70 -42.63
C ILE F 143 -33.56 19.79 -43.18
N ILE F 144 -34.35 20.73 -42.70
CA ILE F 144 -35.74 20.89 -43.11
C ILE F 144 -35.95 22.31 -43.61
N PRO F 145 -36.47 22.52 -44.81
CA PRO F 145 -36.70 23.89 -45.29
C PRO F 145 -37.69 24.63 -44.42
N ARG F 146 -37.46 25.93 -44.25
CA ARG F 146 -38.37 26.76 -43.46
C ARG F 146 -39.79 26.73 -44.02
N SER F 147 -39.92 26.57 -45.34
CA SER F 147 -41.23 26.36 -45.95
C SER F 147 -41.94 25.15 -45.37
N GLN F 148 -41.22 24.27 -44.70
CA GLN F 148 -41.79 23.09 -44.06
C GLN F 148 -41.62 23.13 -42.55
N GLU F 149 -41.56 24.35 -41.98
CA GLU F 149 -41.52 24.48 -40.53
C GLU F 149 -42.71 23.79 -39.87
N SER F 150 -43.87 23.81 -40.55
CA SER F 150 -45.04 23.10 -40.03
C SER F 150 -44.74 21.62 -39.81
N LYS F 151 -43.96 21.02 -40.71
CA LYS F 151 -43.50 19.66 -40.47
C LYS F 151 -42.51 19.62 -39.32
N CYS F 152 -41.54 20.54 -39.30
CA CYS F 152 -40.56 20.57 -38.22
C CYS F 152 -41.26 20.62 -36.87
N THR F 153 -42.15 21.60 -36.72
CA THR F 153 -42.93 21.77 -35.50
C THR F 153 -43.69 20.50 -35.14
N GLU F 154 -44.07 19.68 -36.12
CA GLU F 154 -44.71 18.42 -35.78
C GLU F 154 -43.70 17.42 -35.21
N TYR F 155 -42.57 17.26 -35.90
CA TYR F 155 -41.55 16.33 -35.42
C TYR F 155 -41.18 16.64 -33.97
N ILE F 156 -40.70 17.86 -33.74
CA ILE F 156 -40.34 18.38 -32.42
C ILE F 156 -41.37 17.92 -31.39
N ASN F 157 -42.65 18.02 -31.77
CA ASN F 157 -43.70 17.84 -30.77
C ASN F 157 -44.18 16.40 -30.65
N THR F 158 -44.05 15.60 -31.71
CA THR F 158 -44.60 14.25 -31.69
C THR F 158 -43.58 13.17 -32.00
N GLY F 159 -42.40 13.53 -32.49
CA GLY F 159 -41.34 12.58 -32.76
C GLY F 159 -41.29 12.20 -34.23
N LEU F 160 -40.26 11.41 -34.55
CA LEU F 160 -40.09 10.89 -35.89
C LEU F 160 -40.86 9.59 -36.07
N VAL G 1 -6.87 -1.80 8.98
CA VAL G 1 -6.94 -0.54 9.72
C VAL G 1 -5.95 -0.57 10.88
N LEU G 2 -5.94 -1.68 11.62
CA LEU G 2 -5.27 -1.74 12.91
C LEU G 2 -4.41 -3.01 13.00
N ASP G 3 -3.09 -2.84 13.09
CA ASP G 3 -2.18 -3.98 13.20
C ASP G 3 -2.27 -4.56 14.62
N GLY G 4 -2.81 -5.76 14.73
CA GLY G 4 -2.98 -6.41 16.01
C GLY G 4 -4.36 -7.03 16.12
N PRO G 5 -4.71 -7.58 17.30
CA PRO G 5 -3.90 -7.57 18.53
C PRO G 5 -2.86 -8.67 18.57
N TYR G 6 -1.79 -8.41 19.31
CA TYR G 6 -0.74 -9.39 19.59
C TYR G 6 -0.83 -9.83 21.04
N GLN G 7 -0.35 -11.05 21.29
CA GLN G 7 -0.28 -11.62 22.63
C GLN G 7 0.92 -11.04 23.37
N PRO G 8 0.81 -10.87 24.70
CA PRO G 8 1.92 -10.30 25.47
C PRO G 8 3.26 -10.99 25.22
N VAL G 9 4.29 -10.23 24.79
CA VAL G 9 5.65 -10.75 24.60
C VAL G 9 6.65 -9.70 25.08
N ALA G 10 7.91 -10.12 25.11
CA ALA G 10 9.07 -9.24 25.19
C ALA G 10 9.72 -9.19 23.82
N PHE G 11 9.93 -7.99 23.30
CA PHE G 11 10.53 -7.82 22.00
C PHE G 11 11.16 -6.43 21.93
N LYS G 12 11.94 -6.21 20.87
CA LYS G 12 12.60 -4.93 20.66
C LYS G 12 11.77 -4.11 19.69
N PRO G 13 10.95 -3.17 20.15
CA PRO G 13 10.10 -2.41 19.25
C PRO G 13 10.95 -1.67 18.23
N PRO G 14 10.55 -1.68 16.97
CA PRO G 14 11.25 -0.86 15.98
C PRO G 14 10.91 0.61 16.21
N ASN G 15 11.84 1.46 15.78
CA ASN G 15 11.64 2.90 15.93
C ASN G 15 10.47 3.37 15.07
N ASP G 16 9.81 4.44 15.53
CA ASP G 16 8.70 5.09 14.84
C ASP G 16 7.45 4.25 14.79
N TYR G 17 7.28 3.32 15.72
CA TYR G 17 6.05 2.55 15.84
C TYR G 17 5.56 2.63 17.27
N TRP G 18 4.37 3.21 17.45
CA TRP G 18 3.68 3.21 18.73
C TRP G 18 3.24 1.81 19.12
N ILE G 19 3.41 1.49 20.39
CA ILE G 19 2.92 0.23 20.96
C ILE G 19 1.78 0.59 21.91
N LEU G 20 0.57 0.24 21.52
CA LEU G 20 -0.65 0.64 22.24
C LEU G 20 -1.23 -0.61 22.91
N VAL G 21 -1.06 -0.69 24.22
CA VAL G 21 -1.46 -1.83 25.03
C VAL G 21 -2.86 -1.56 25.57
N ASN G 22 -3.72 -2.57 25.48
CA ASN G 22 -5.09 -2.50 26.02
C ASN G 22 -5.05 -3.11 27.41
N SER G 23 -4.90 -2.26 28.41
CA SER G 23 -4.77 -2.72 29.79
C SER G 23 -6.10 -3.26 30.29
N ASN G 24 -6.03 -4.38 31.01
CA ASN G 24 -7.16 -4.86 31.80
C ASN G 24 -6.81 -5.01 33.27
N SER G 25 -5.75 -5.75 33.59
CA SER G 25 -5.38 -5.99 34.97
C SER G 25 -4.79 -4.72 35.59
N ASN G 26 -4.65 -4.75 36.92
CA ASN G 26 -4.18 -3.60 37.68
C ASN G 26 -2.74 -3.78 38.20
N GLY G 27 -1.89 -4.45 37.42
CA GLY G 27 -0.50 -4.55 37.81
C GLY G 27 0.47 -3.86 36.87
N VAL G 28 1.60 -4.51 36.59
CA VAL G 28 2.52 -3.98 35.59
C VAL G 28 1.92 -4.19 34.21
N VAL G 29 1.65 -3.07 33.51
CA VAL G 29 1.10 -3.15 32.16
C VAL G 29 2.19 -3.36 31.12
N LEU G 30 3.34 -2.71 31.29
CA LEU G 30 4.48 -2.91 30.40
C LEU G 30 5.74 -2.50 31.14
N GLU G 31 6.88 -3.01 30.66
CA GLU G 31 8.17 -2.54 31.13
C GLU G 31 9.16 -2.62 29.98
N GLY G 32 10.07 -1.65 29.93
CA GLY G 32 11.11 -1.66 28.92
C GLY G 32 12.41 -1.16 29.50
N THR G 33 13.51 -1.67 28.95
CA THR G 33 14.83 -1.21 29.36
C THR G 33 15.82 -1.48 28.24
N ASN G 34 16.92 -0.76 28.27
CA ASN G 34 18.05 -1.06 27.42
C ASN G 34 19.23 -1.60 28.22
N ASN G 35 19.08 -1.70 29.55
CA ASN G 35 20.08 -2.17 30.51
C ASN G 35 21.26 -1.23 30.63
N THR G 36 21.16 0.01 30.13
CA THR G 36 22.25 0.98 30.28
C THR G 36 21.79 2.25 30.99
N ASP G 37 20.76 2.94 30.47
CA ASP G 37 20.31 4.17 31.11
C ASP G 37 18.79 4.34 31.13
N VAL G 38 18.01 3.30 30.85
CA VAL G 38 16.55 3.44 30.82
C VAL G 38 15.91 2.23 31.48
N TRP G 39 15.13 2.46 32.53
CA TRP G 39 14.23 1.47 33.09
C TRP G 39 12.90 2.16 33.33
N VAL G 40 11.87 1.75 32.60
CA VAL G 40 10.53 2.33 32.69
C VAL G 40 9.52 1.22 32.89
N ALA G 41 8.55 1.46 33.78
CA ALA G 41 7.51 0.47 34.05
C ALA G 41 6.22 1.20 34.38
N ILE G 42 5.15 0.90 33.67
CA ILE G 42 3.87 1.56 33.88
C ILE G 42 2.97 0.65 34.71
N ILE G 43 2.44 1.21 35.80
CA ILE G 43 1.71 0.50 36.85
C ILE G 43 0.26 0.95 36.83
N SER G 44 -0.67 0.02 36.84
CA SER G 44 -2.08 0.37 36.79
C SER G 44 -2.74 0.21 38.16
N ILE G 45 -3.58 1.17 38.53
CA ILE G 45 -4.37 1.16 39.76
C ILE G 45 -5.84 1.37 39.39
N GLU G 46 -6.72 0.55 39.99
CA GLU G 46 -8.15 0.64 39.70
C GLU G 46 -8.78 1.79 40.48
N PRO G 47 -9.97 2.24 40.07
CA PRO G 47 -10.58 3.41 40.70
C PRO G 47 -10.90 3.23 42.18
N ASN G 48 -10.95 4.36 42.88
CA ASN G 48 -11.45 4.43 44.27
C ASN G 48 -10.57 3.63 45.22
N VAL G 49 -9.26 3.86 45.13
CA VAL G 49 -8.28 3.23 46.00
C VAL G 49 -7.68 4.32 46.88
N ASN G 50 -8.00 4.26 48.17
CA ASN G 50 -7.37 5.16 49.13
C ASN G 50 -5.90 4.79 49.28
N SER G 51 -5.14 5.70 49.89
CA SER G 51 -3.69 5.56 49.93
C SER G 51 -3.29 4.30 50.68
N GLU G 52 -2.49 3.46 50.03
CA GLU G 52 -2.02 2.24 50.66
C GLU G 52 -0.71 1.84 50.01
N SER G 53 -0.07 0.82 50.57
CA SER G 53 1.19 0.29 50.07
C SER G 53 0.92 -0.99 49.26
N ARG G 54 1.45 -1.05 48.04
CA ARG G 54 1.30 -2.25 47.24
C ARG G 54 2.67 -2.70 46.76
N GLN G 55 2.73 -3.97 46.36
CA GLN G 55 3.98 -4.59 45.94
C GLN G 55 3.89 -4.94 44.46
N TYR G 56 4.98 -4.67 43.73
CA TYR G 56 5.00 -4.89 42.29
C TYR G 56 6.33 -5.53 41.92
N SER G 57 6.32 -6.42 40.95
CA SER G 57 7.57 -6.93 40.41
C SER G 57 8.01 -6.06 39.25
N LEU G 58 9.08 -5.30 39.45
CA LEU G 58 9.73 -4.53 38.39
C LEU G 58 11.00 -5.25 37.98
N PHE G 59 11.03 -5.71 36.73
CA PHE G 59 12.20 -6.38 36.17
C PHE G 59 12.67 -7.51 37.08
N GLY G 60 11.71 -8.25 37.63
CA GLY G 60 12.01 -9.41 38.45
C GLY G 60 12.34 -9.14 39.91
N VAL G 61 12.22 -7.89 40.37
CA VAL G 61 12.53 -7.54 41.74
C VAL G 61 11.32 -6.86 42.37
N ASN G 62 10.93 -7.31 43.57
CA ASN G 62 9.78 -6.74 44.23
C ASN G 62 10.09 -5.36 44.77
N LYS G 63 9.21 -4.41 44.46
CA LYS G 63 9.28 -3.05 44.98
C LYS G 63 7.99 -2.74 45.73
N GLN G 64 8.12 -1.95 46.78
CA GLN G 64 6.99 -1.49 47.56
C GLN G 64 6.74 -0.03 47.22
N ILE G 65 5.53 0.27 46.72
CA ILE G 65 5.19 1.60 46.24
C ILE G 65 3.87 2.03 46.88
N THR G 66 3.86 3.25 47.41
CA THR G 66 2.65 3.85 47.96
C THR G 66 1.79 4.35 46.80
N VAL G 67 0.58 3.81 46.68
CA VAL G 67 -0.33 4.13 45.58
C VAL G 67 -1.61 4.73 46.13
N VAL G 68 -2.28 5.49 45.27
CA VAL G 68 -3.58 6.10 45.57
C VAL G 68 -4.28 6.41 44.26
N ASN G 69 -5.61 6.24 44.26
CA ASN G 69 -6.45 6.67 43.14
C ASN G 69 -7.86 6.83 43.70
N THR G 70 -8.22 8.05 44.08
CA THR G 70 -9.58 8.34 44.48
C THR G 70 -10.45 8.81 43.32
N SER G 71 -9.95 8.69 42.09
CA SER G 71 -10.75 8.96 40.91
C SER G 71 -11.51 7.71 40.51
N ASN G 72 -12.55 7.89 39.70
CA ASN G 72 -13.28 6.77 39.14
C ASN G 72 -12.72 6.33 37.79
N LYS G 73 -11.62 6.92 37.36
CA LYS G 73 -10.86 6.42 36.21
C LYS G 73 -9.68 5.59 36.71
N TRP G 74 -9.13 4.78 35.80
CA TRP G 74 -7.93 4.01 36.12
C TRP G 74 -6.70 4.91 36.09
N LYS G 75 -5.68 4.53 36.87
CA LYS G 75 -4.49 5.36 37.04
C LYS G 75 -3.24 4.60 36.61
N PHE G 76 -2.52 5.15 35.63
CA PHE G 76 -1.32 4.54 35.06
C PHE G 76 -0.11 5.38 35.49
N MET G 77 0.68 4.83 36.40
CA MET G 77 1.90 5.50 36.86
C MET G 77 3.08 5.08 36.01
N GLU G 78 3.91 6.04 35.66
CA GLU G 78 5.14 5.79 34.92
C GLU G 78 6.30 5.81 35.92
N MET G 79 6.79 4.63 36.27
CA MET G 79 7.95 4.49 37.14
C MET G 79 9.21 4.46 36.29
N PHE G 80 10.28 5.05 36.80
CA PHE G 80 11.43 5.31 35.96
C PHE G 80 12.69 5.38 36.81
N ARG G 81 13.78 4.90 36.21
CA ARG G 81 15.13 5.17 36.68
C ARG G 81 16.03 5.13 35.46
N ASN G 82 17.19 5.76 35.59
CA ASN G 82 18.20 5.75 34.54
C ASN G 82 19.48 5.02 34.96
N ASN G 83 19.43 4.24 36.04
CA ASN G 83 20.61 3.61 36.60
C ASN G 83 20.19 2.28 37.21
N SER G 84 20.92 1.20 36.88
CA SER G 84 20.53 -0.13 37.31
C SER G 84 20.60 -0.32 38.82
N ASN G 85 21.10 0.67 39.57
CA ASN G 85 21.19 0.60 41.03
C ASN G 85 20.14 1.44 41.76
N ALA G 86 19.59 2.46 41.13
CA ALA G 86 18.72 3.37 41.87
C ALA G 86 17.35 2.74 42.08
N GLU G 87 16.56 3.38 42.93
CA GLU G 87 15.16 3.01 43.10
C GLU G 87 14.29 3.70 42.06
N PHE G 88 13.15 3.09 41.75
CA PHE G 88 12.25 3.70 40.79
C PHE G 88 11.55 4.91 41.38
N GLN G 89 11.44 5.97 40.57
CA GLN G 89 10.79 7.21 40.96
C GLN G 89 9.53 7.41 40.14
N HIS G 90 8.50 7.99 40.78
CA HIS G 90 7.20 8.23 40.16
C HIS G 90 7.31 9.45 39.27
N LYS G 91 7.42 9.25 37.95
CA LYS G 91 7.73 10.34 37.05
C LYS G 91 6.49 11.04 36.53
N ARG G 92 5.55 10.27 35.98
CA ARG G 92 4.38 10.81 35.29
C ARG G 92 3.16 9.97 35.61
N THR G 93 1.99 10.53 35.29
CA THR G 93 0.71 9.86 35.52
C THR G 93 -0.19 10.05 34.31
N LEU G 94 -0.83 8.98 33.88
CA LEU G 94 -1.91 9.03 32.92
C LEU G 94 -3.17 8.53 33.61
N THR G 95 -4.17 9.39 33.74
CA THR G 95 -5.46 8.99 34.30
C THR G 95 -6.42 8.76 33.13
N SER G 96 -6.91 7.53 33.00
CA SER G 96 -7.57 7.08 31.78
C SER G 96 -8.90 6.40 32.08
N SER G 97 -9.87 6.62 31.17
CA SER G 97 -11.11 5.84 31.15
C SER G 97 -11.11 4.79 30.06
N THR G 98 -10.11 4.79 29.18
CA THR G 98 -10.02 3.84 28.08
C THR G 98 -9.04 2.70 28.36
N LYS G 99 -8.27 2.79 29.45
CA LYS G 99 -7.31 1.77 29.86
C LYS G 99 -6.29 1.44 28.77
N LEU G 100 -6.07 2.33 27.81
CA LEU G 100 -5.02 2.16 26.82
C LEU G 100 -3.74 2.88 27.25
N VAL G 101 -2.60 2.30 26.89
CA VAL G 101 -1.29 2.84 27.26
C VAL G 101 -0.36 2.72 26.06
N GLY G 102 0.47 3.74 25.82
CA GLY G 102 1.35 3.75 24.68
C GLY G 102 2.82 3.91 25.07
N ILE G 103 3.70 3.37 24.23
CA ILE G 103 5.13 3.68 24.34
C ILE G 103 5.73 3.71 22.93
N LEU G 104 6.66 4.63 22.71
CA LEU G 104 7.21 4.85 21.38
C LEU G 104 8.69 5.20 21.47
N LYS G 105 9.48 4.68 20.53
CA LYS G 105 10.88 5.07 20.37
C LYS G 105 11.02 5.92 19.11
N HIS G 106 11.46 7.16 19.28
CA HIS G 106 11.49 8.09 18.14
C HIS G 106 12.45 9.23 18.42
N GLY G 107 13.35 9.48 17.45
CA GLY G 107 14.22 10.64 17.47
C GLY G 107 15.10 10.71 18.69
N GLY G 108 15.74 9.59 19.01
CA GLY G 108 16.58 9.53 20.19
C GLY G 108 15.85 9.60 21.51
N ARG G 109 14.52 9.56 21.50
CA ARG G 109 13.76 9.73 22.73
C ARG G 109 12.76 8.60 22.90
N LEU G 110 12.31 8.42 24.13
CA LEU G 110 11.23 7.49 24.45
C LEU G 110 10.02 8.29 24.88
N TRP G 111 8.88 8.05 24.24
CA TRP G 111 7.68 8.84 24.45
C TRP G 111 6.59 7.98 25.06
N THR G 112 5.87 8.58 26.00
CA THR G 112 4.69 8.01 26.64
C THR G 112 3.59 9.06 26.68
N TYR G 113 2.42 8.65 27.12
CA TYR G 113 1.29 9.55 27.30
C TYR G 113 1.13 9.88 28.78
N HIS G 114 0.63 11.08 29.06
CA HIS G 114 0.32 11.47 30.42
C HIS G 114 -0.74 12.56 30.39
N GLY G 115 -1.22 12.92 31.58
CA GLY G 115 -2.33 13.85 31.71
C GLY G 115 -3.58 13.06 32.03
N GLU G 116 -4.75 13.52 31.62
CA GLU G 116 -5.90 12.67 31.77
C GLU G 116 -6.85 12.84 30.59
N THR G 117 -7.41 11.70 30.17
CA THR G 117 -8.33 11.64 29.03
C THR G 117 -9.51 12.59 29.25
N PRO G 118 -10.10 13.11 28.16
CA PRO G 118 -9.75 12.90 26.76
C PRO G 118 -8.71 13.88 26.22
N ASN G 119 -7.90 14.45 27.12
CA ASN G 119 -6.91 15.46 26.75
C ASN G 119 -5.48 14.99 27.04
N ALA G 120 -5.22 13.70 26.95
CA ALA G 120 -3.89 13.18 27.27
C ALA G 120 -2.91 13.57 26.17
N THR G 121 -1.67 13.87 26.56
CA THR G 121 -0.64 14.30 25.61
C THR G 121 0.59 13.38 25.71
N THR G 122 1.56 13.64 24.84
CA THR G 122 2.82 12.89 24.79
C THR G 122 3.95 13.67 25.45
N ASP G 123 4.86 12.94 26.10
CA ASP G 123 6.08 13.52 26.64
C ASP G 123 7.19 12.46 26.58
N TYR G 124 8.42 12.88 26.91
CA TYR G 124 9.59 12.06 26.59
C TYR G 124 10.54 11.90 27.76
N SER G 125 11.33 10.84 27.64
CA SER G 125 12.50 10.55 28.45
C SER G 125 13.69 10.45 27.51
N THR G 126 14.82 10.97 27.95
CA THR G 126 16.03 11.01 27.14
C THR G 126 16.86 9.75 27.36
N THR G 127 17.78 9.50 26.43
CA THR G 127 18.64 8.34 26.55
C THR G 127 19.78 8.49 25.57
N SER G 128 20.89 7.86 25.91
CA SER G 128 22.05 7.71 25.04
C SER G 128 21.94 6.50 24.13
N ASN G 129 21.11 5.50 24.48
CA ASN G 129 21.03 4.21 23.79
C ASN G 129 19.55 3.87 23.52
N LEU G 130 18.99 4.45 22.46
CA LEU G 130 17.56 4.26 22.23
C LEU G 130 17.28 2.92 21.57
N ASN G 131 18.14 2.52 20.64
CA ASN G 131 17.83 1.38 19.78
C ASN G 131 17.79 0.07 20.56
N GLU G 132 18.49 -0.01 21.69
CA GLU G 132 18.51 -1.24 22.47
C GLU G 132 17.34 -1.37 23.44
N ILE G 133 16.47 -0.36 23.55
CA ILE G 133 15.33 -0.48 24.46
C ILE G 133 14.41 -1.59 23.97
N SER G 134 14.17 -2.58 24.81
CA SER G 134 13.18 -3.62 24.55
C SER G 134 12.04 -3.54 25.56
N VAL G 135 10.87 -4.03 25.14
CA VAL G 135 9.62 -3.87 25.87
C VAL G 135 8.96 -5.23 26.04
N THR G 136 8.50 -5.50 27.26
CA THR G 136 7.67 -6.64 27.60
C THR G 136 6.31 -6.11 28.01
N THR G 137 5.26 -6.51 27.28
CA THR G 137 3.90 -6.11 27.58
C THR G 137 3.16 -7.27 28.27
N TYR G 138 2.20 -6.91 29.11
CA TYR G 138 1.45 -7.87 29.91
C TYR G 138 -0.01 -7.98 29.48
N ALA G 139 -0.37 -7.40 28.35
CA ALA G 139 -1.74 -7.48 27.83
C ALA G 139 -1.66 -7.37 26.33
N GLU G 140 -2.78 -7.62 25.65
CA GLU G 140 -2.81 -7.47 24.21
C GLU G 140 -2.39 -6.05 23.81
N PHE G 141 -1.67 -5.93 22.70
CA PHE G 141 -1.22 -4.63 22.22
C PHE G 141 -1.35 -4.57 20.70
N TYR G 142 -1.22 -3.36 20.17
CA TYR G 142 -1.31 -3.09 18.75
C TYR G 142 -0.12 -2.24 18.33
N ILE G 143 0.23 -2.33 17.04
CA ILE G 143 1.34 -1.59 16.46
C ILE G 143 0.74 -0.52 15.57
N ILE G 144 1.01 0.75 15.88
CA ILE G 144 0.52 1.82 15.04
C ILE G 144 1.68 2.70 14.57
N PRO G 145 1.84 2.93 13.27
CA PRO G 145 2.97 3.75 12.82
C PRO G 145 2.91 5.18 13.36
N ARG G 146 4.08 5.80 13.46
CA ARG G 146 4.19 7.17 13.93
C ARG G 146 3.45 8.14 13.01
N SER G 147 3.50 7.89 11.70
CA SER G 147 2.70 8.67 10.76
C SER G 147 1.22 8.62 11.09
N GLN G 148 0.82 7.70 11.96
CA GLN G 148 -0.56 7.52 12.36
C GLN G 148 -0.79 7.92 13.81
N GLU G 149 0.11 8.72 14.38
CA GLU G 149 0.02 9.00 15.80
C GLU G 149 -1.32 9.64 16.15
N SER G 150 -1.89 10.45 15.25
CA SER G 150 -3.17 11.10 15.54
C SER G 150 -4.27 10.08 15.81
N LYS G 151 -4.24 8.94 15.13
CA LYS G 151 -5.20 7.91 15.51
C LYS G 151 -4.87 7.31 16.86
N CYS G 152 -3.59 7.04 17.12
CA CYS G 152 -3.20 6.47 18.42
C CYS G 152 -3.66 7.36 19.56
N THR G 153 -3.29 8.64 19.52
CA THR G 153 -3.80 9.59 20.52
C THR G 153 -5.31 9.50 20.63
N GLU G 154 -5.99 9.46 19.47
CA GLU G 154 -7.44 9.34 19.48
C GLU G 154 -7.87 8.11 20.27
N TYR G 155 -7.28 6.95 19.94
CA TYR G 155 -7.52 5.75 20.73
C TYR G 155 -7.27 6.04 22.21
N ILE G 156 -6.10 6.59 22.52
CA ILE G 156 -5.72 6.85 23.91
C ILE G 156 -6.81 7.63 24.62
N ASN G 157 -7.42 8.57 23.94
CA ASN G 157 -8.35 9.44 24.63
C ASN G 157 -9.81 9.00 24.52
N THR G 158 -10.14 8.11 23.57
CA THR G 158 -11.54 7.70 23.44
C THR G 158 -11.75 6.19 23.27
N GLY G 159 -10.69 5.40 23.16
CA GLY G 159 -10.82 3.96 23.11
C GLY G 159 -10.82 3.41 21.70
N LEU G 160 -11.19 2.13 21.61
CA LEU G 160 -11.24 1.45 20.31
C LEU G 160 -12.64 1.48 19.69
N VAL H 1 5.10 28.53 64.02
CA VAL H 1 5.25 27.37 63.15
C VAL H 1 5.42 27.80 61.69
N LEU H 2 4.46 28.57 61.20
CA LEU H 2 4.32 28.83 59.77
C LEU H 2 4.28 30.34 59.53
N ASP H 3 5.15 30.82 58.63
CA ASP H 3 5.30 32.26 58.39
C ASP H 3 4.30 32.70 57.32
N GLY H 4 3.32 33.51 57.72
CA GLY H 4 2.23 33.89 56.87
C GLY H 4 0.91 33.85 57.62
N PRO H 5 -0.21 34.06 56.90
CA PRO H 5 -0.29 34.29 55.46
C PRO H 5 0.00 35.72 55.02
N TYR H 6 0.61 35.87 53.85
CA TYR H 6 0.75 37.16 53.18
C TYR H 6 -0.34 37.27 52.12
N GLN H 7 -0.74 38.50 51.83
CA GLN H 7 -1.76 38.71 50.81
C GLN H 7 -1.11 38.60 49.43
N PRO H 8 -1.90 38.31 48.39
CA PRO H 8 -1.33 38.10 47.06
C PRO H 8 -0.47 39.27 46.58
N VAL H 9 0.76 38.96 46.11
CA VAL H 9 1.71 39.96 45.61
C VAL H 9 2.45 39.42 44.40
N ALA H 10 3.19 40.31 43.72
CA ALA H 10 4.28 39.94 42.82
C ALA H 10 5.59 40.29 43.50
N PHE H 11 6.51 39.32 43.58
CA PHE H 11 7.79 39.52 44.25
C PHE H 11 8.79 38.44 43.83
N LYS H 12 10.07 38.71 44.12
CA LYS H 12 11.17 37.82 43.79
C LYS H 12 11.53 36.98 45.01
N PRO H 13 11.04 35.75 45.12
CA PRO H 13 11.33 34.94 46.30
C PRO H 13 12.81 34.65 46.41
N PRO H 14 13.37 34.73 47.62
CA PRO H 14 14.79 34.36 47.79
C PRO H 14 14.97 32.86 47.61
N ASN H 15 16.19 32.48 47.24
CA ASN H 15 16.46 31.06 47.08
C ASN H 15 16.34 30.33 48.42
N ASP H 16 16.00 29.04 48.36
CA ASP H 16 15.93 28.14 49.52
C ASP H 16 14.71 28.39 50.40
N TYR H 17 13.62 28.93 49.85
CA TYR H 17 12.37 29.10 50.59
C TYR H 17 11.20 28.61 49.74
N TRP H 18 10.39 27.72 50.34
CA TRP H 18 9.12 27.29 49.73
C TRP H 18 8.05 28.34 49.90
N ILE H 19 7.36 28.64 48.81
CA ILE H 19 6.14 29.43 48.81
C ILE H 19 4.96 28.47 48.78
N LEU H 20 4.17 28.50 49.85
CA LEU H 20 3.05 27.59 50.04
C LEU H 20 1.77 28.40 49.92
N VAL H 21 1.08 28.25 48.79
CA VAL H 21 -0.11 29.01 48.44
C VAL H 21 -1.36 28.19 48.78
N ASN H 22 -2.27 28.81 49.53
CA ASN H 22 -3.56 28.25 49.90
C ASN H 22 -4.59 28.73 48.88
N SER H 23 -4.82 27.93 47.84
CA SER H 23 -5.75 28.30 46.79
C SER H 23 -7.19 28.16 47.27
N ASN H 24 -8.06 29.05 46.78
CA ASN H 24 -9.49 28.89 47.04
C ASN H 24 -10.32 28.85 45.77
N SER H 25 -10.10 29.83 44.89
CA SER H 25 -10.84 29.93 43.65
C SER H 25 -10.26 28.96 42.61
N ASN H 26 -10.94 28.86 41.47
CA ASN H 26 -10.59 27.88 40.46
C ASN H 26 -9.86 28.51 39.27
N GLY H 27 -9.16 29.61 39.48
CA GLY H 27 -8.47 30.28 38.39
C GLY H 27 -6.99 29.99 38.37
N VAL H 28 -6.23 30.97 37.88
CA VAL H 28 -4.78 30.94 38.04
C VAL H 28 -4.44 31.08 39.52
N VAL H 29 -3.67 30.13 40.03
CA VAL H 29 -3.21 30.19 41.42
C VAL H 29 -1.90 30.97 41.58
N LEU H 30 -0.98 30.87 40.62
CA LEU H 30 0.37 31.41 40.75
C LEU H 30 1.01 31.41 39.38
N GLU H 31 1.93 32.34 39.15
CA GLU H 31 2.76 32.25 37.97
C GLU H 31 4.12 32.84 38.30
N GLY H 32 5.12 32.43 37.56
CA GLY H 32 6.48 32.91 37.81
C GLY H 32 7.26 33.01 36.52
N THR H 33 8.22 33.93 36.49
CA THR H 33 9.08 34.03 35.32
C THR H 33 10.34 34.81 35.65
N ASN H 34 11.38 34.55 34.86
CA ASN H 34 12.61 35.34 34.82
C ASN H 34 12.74 36.10 33.51
N ASN H 35 11.76 35.98 32.63
CA ASN H 35 11.71 36.64 31.33
C ASN H 35 12.82 36.19 30.38
N THR H 36 13.55 35.13 30.70
CA THR H 36 14.53 34.57 29.78
C THR H 36 14.16 33.16 29.32
N ASP H 37 14.08 32.20 30.26
CA ASP H 37 13.85 30.83 29.84
C ASP H 37 12.91 30.06 30.76
N VAL H 38 12.12 30.73 31.60
CA VAL H 38 11.18 30.03 32.48
C VAL H 38 9.87 30.81 32.55
N TRP H 39 8.76 30.14 32.20
CA TRP H 39 7.41 30.68 32.39
C TRP H 39 6.51 29.55 32.90
N VAL H 40 6.10 29.64 34.16
CA VAL H 40 5.27 28.62 34.78
C VAL H 40 3.99 29.26 35.30
N ALA H 41 2.87 28.56 35.19
CA ALA H 41 1.62 29.02 35.76
C ALA H 41 0.78 27.81 36.13
N ILE H 42 0.29 27.79 37.36
CA ILE H 42 -0.48 26.69 37.90
C ILE H 42 -1.95 27.08 37.89
N ILE H 43 -2.76 26.28 37.21
CA ILE H 43 -4.17 26.54 36.96
C ILE H 43 -4.99 25.66 37.88
N SER H 44 -6.01 26.23 38.52
CA SER H 44 -6.88 25.44 39.39
C SER H 44 -8.13 25.00 38.64
N ILE H 45 -8.64 23.83 39.00
CA ILE H 45 -9.87 23.28 38.45
C ILE H 45 -10.63 22.55 39.56
N GLU H 46 -11.89 22.92 39.75
CA GLU H 46 -12.72 22.36 40.80
C GLU H 46 -13.02 20.88 40.53
N PRO H 47 -13.43 20.14 41.56
CA PRO H 47 -13.77 18.72 41.35
C PRO H 47 -14.99 18.55 40.46
N ASN H 48 -15.04 17.38 39.82
CA ASN H 48 -16.21 16.90 39.08
C ASN H 48 -16.54 17.77 37.88
N VAL H 49 -15.53 17.99 37.05
CA VAL H 49 -15.65 18.74 35.81
C VAL H 49 -15.46 17.78 34.64
N ASN H 50 -16.44 17.76 33.74
CA ASN H 50 -16.26 17.09 32.46
C ASN H 50 -15.41 17.96 31.54
N SER H 51 -14.80 17.32 30.55
CA SER H 51 -13.93 18.03 29.61
C SER H 51 -14.63 19.23 28.99
N GLU H 52 -13.94 20.37 28.98
CA GLU H 52 -14.49 21.56 28.36
C GLU H 52 -13.39 22.61 28.19
N SER H 53 -13.68 23.60 27.35
CA SER H 53 -12.72 24.67 27.08
C SER H 53 -12.90 25.78 28.10
N ARG H 54 -11.81 26.25 28.68
CA ARG H 54 -11.85 27.39 29.60
C ARG H 54 -10.76 28.38 29.22
N GLN H 55 -10.95 29.63 29.62
CA GLN H 55 -10.03 30.72 29.29
C GLN H 55 -9.24 31.11 30.54
N TYR H 56 -7.94 31.34 30.35
CA TYR H 56 -7.06 31.65 31.47
C TYR H 56 -6.20 32.85 31.09
N SER H 57 -5.89 33.67 32.09
CA SER H 57 -4.94 34.77 31.95
C SER H 57 -3.58 34.26 32.43
N LEU H 58 -2.67 34.02 31.48
CA LEU H 58 -1.31 33.60 31.77
C LEU H 58 -0.38 34.77 31.46
N PHE H 59 0.17 35.38 32.50
CA PHE H 59 1.01 36.58 32.37
C PHE H 59 0.26 37.67 31.60
N GLY H 60 -1.01 37.82 31.93
CA GLY H 60 -1.86 38.80 31.29
C GLY H 60 -2.38 38.43 29.92
N VAL H 61 -1.94 37.31 29.34
CA VAL H 61 -2.32 36.94 27.98
C VAL H 61 -3.40 35.87 28.04
N ASN H 62 -4.50 36.09 27.33
CA ASN H 62 -5.63 35.17 27.40
C ASN H 62 -5.35 33.93 26.56
N LYS H 63 -5.63 32.77 27.14
CA LYS H 63 -5.36 31.48 26.51
C LYS H 63 -6.59 30.59 26.64
N GLN H 64 -6.92 29.88 25.58
CA GLN H 64 -7.93 28.85 25.61
C GLN H 64 -7.26 27.52 25.93
N ILE H 65 -7.73 26.85 26.98
CA ILE H 65 -7.14 25.62 27.46
C ILE H 65 -8.27 24.63 27.74
N THR H 66 -8.20 23.44 27.12
CA THR H 66 -9.16 22.36 27.35
C THR H 66 -8.80 21.64 28.63
N VAL H 67 -9.72 21.61 29.59
CA VAL H 67 -9.47 21.06 30.90
C VAL H 67 -10.50 19.98 31.24
N VAL H 68 -10.13 19.13 32.20
CA VAL H 68 -10.97 18.03 32.67
C VAL H 68 -10.47 17.61 34.04
N ASN H 69 -11.40 17.27 34.95
CA ASN H 69 -11.03 16.75 36.26
C ASN H 69 -12.20 15.93 36.80
N THR H 70 -12.15 14.61 36.62
CA THR H 70 -13.23 13.71 37.00
C THR H 70 -13.10 13.22 38.45
N SER H 71 -12.15 13.75 39.20
CA SER H 71 -11.93 13.32 40.56
C SER H 71 -12.72 14.17 41.56
N ASN H 72 -12.85 13.64 42.77
CA ASN H 72 -13.40 14.40 43.88
C ASN H 72 -12.40 15.41 44.44
N LYS H 73 -11.18 15.44 43.92
CA LYS H 73 -10.13 16.33 44.38
C LYS H 73 -9.90 17.47 43.40
N TRP H 74 -9.52 18.62 43.94
CA TRP H 74 -9.17 19.75 43.10
C TRP H 74 -7.91 19.44 42.29
N LYS H 75 -7.88 19.91 41.05
CA LYS H 75 -6.81 19.61 40.12
C LYS H 75 -6.01 20.87 39.82
N PHE H 76 -4.69 20.79 39.95
CA PHE H 76 -3.79 21.92 39.70
C PHE H 76 -2.86 21.57 38.54
N MET H 77 -3.10 22.18 37.39
CA MET H 77 -2.29 21.96 36.21
C MET H 77 -1.07 22.88 36.23
N GLU H 78 0.11 22.33 36.02
CA GLU H 78 1.32 23.13 35.82
C GLU H 78 1.56 23.29 34.32
N MET H 79 1.33 24.54 33.84
CA MET H 79 1.66 25.01 32.49
C MET H 79 3.04 25.65 32.48
N PHE H 80 3.75 25.48 31.38
CA PHE H 80 5.16 25.81 31.32
C PHE H 80 5.56 26.11 29.90
N ARG H 81 6.52 27.02 29.75
CA ARG H 81 7.28 27.21 28.52
C ARG H 81 8.66 27.75 28.87
N ASN H 82 9.63 27.50 28.00
CA ASN H 82 10.98 28.01 28.21
C ASN H 82 11.35 29.10 27.20
N ASN H 83 10.39 29.60 26.44
CA ASN H 83 10.64 30.53 25.35
C ASN H 83 9.54 31.58 25.35
N SER H 84 9.90 32.84 25.08
CA SER H 84 8.93 33.93 25.22
C SER H 84 7.90 33.97 24.10
N ASN H 85 8.10 33.20 23.02
CA ASN H 85 7.19 33.19 21.88
C ASN H 85 6.43 31.88 21.72
N ALA H 86 6.68 30.89 22.57
CA ALA H 86 6.03 29.60 22.43
C ALA H 86 4.71 29.58 23.21
N GLU H 87 3.87 28.61 22.87
CA GLU H 87 2.65 28.37 23.64
C GLU H 87 2.96 27.56 24.90
N PHE H 88 2.06 27.63 25.87
CA PHE H 88 2.21 26.89 27.10
C PHE H 88 1.85 25.43 26.89
N GLN H 89 2.58 24.55 27.58
CA GLN H 89 2.35 23.12 27.51
C GLN H 89 1.97 22.60 28.88
N HIS H 90 0.99 21.70 28.92
CA HIS H 90 0.59 21.08 30.17
C HIS H 90 1.72 20.17 30.63
N LYS H 91 2.56 20.66 31.55
CA LYS H 91 3.77 19.96 31.97
C LYS H 91 3.51 18.98 33.11
N ARG H 92 2.83 19.41 34.18
CA ARG H 92 2.60 18.47 35.28
C ARG H 92 1.21 18.68 35.87
N THR H 93 0.86 17.82 36.81
CA THR H 93 -0.44 17.87 37.47
C THR H 93 -0.27 17.54 38.95
N LEU H 94 -0.90 18.35 39.82
CA LEU H 94 -1.06 18.03 41.22
C LEU H 94 -2.54 17.80 41.48
N THR H 95 -2.91 16.63 41.98
CA THR H 95 -4.28 16.32 42.34
C THR H 95 -4.39 16.28 43.86
N SER H 96 -5.19 17.19 44.43
CA SER H 96 -5.13 17.48 45.85
C SER H 96 -6.51 17.75 46.43
N SER H 97 -6.78 17.19 47.61
CA SER H 97 -7.96 17.55 48.37
C SER H 97 -7.68 18.66 49.38
N THR H 98 -6.43 19.06 49.54
CA THR H 98 -6.03 20.08 50.49
C THR H 98 -5.91 21.46 49.85
N LYS H 99 -5.87 21.53 48.52
CA LYS H 99 -5.82 22.76 47.75
C LYS H 99 -4.53 23.55 47.92
N LEU H 100 -3.49 22.91 48.45
CA LEU H 100 -2.21 23.58 48.68
C LEU H 100 -1.27 23.40 47.49
N VAL H 101 -0.54 24.46 47.16
CA VAL H 101 0.39 24.44 46.03
C VAL H 101 1.68 25.14 46.43
N GLY H 102 2.82 24.57 46.07
CA GLY H 102 4.07 25.23 46.42
C GLY H 102 5.00 25.51 45.26
N ILE H 103 5.95 26.42 45.46
CA ILE H 103 7.01 26.64 44.47
C ILE H 103 8.27 27.08 45.22
N LEU H 104 9.43 26.59 44.75
CA LEU H 104 10.69 26.79 45.45
C LEU H 104 11.81 27.02 44.46
N LYS H 105 12.76 27.88 44.83
CA LYS H 105 13.94 28.17 44.02
C LYS H 105 15.16 27.59 44.74
N HIS H 106 15.82 26.62 44.11
CA HIS H 106 16.92 25.93 44.78
C HIS H 106 17.79 25.18 43.78
N GLY H 107 19.12 25.29 43.98
CA GLY H 107 20.09 24.48 43.26
C GLY H 107 20.05 24.62 41.75
N GLY H 108 19.96 25.85 41.28
CA GLY H 108 19.86 26.10 39.85
C GLY H 108 18.58 25.61 39.23
N ARG H 109 17.59 25.25 40.04
CA ARG H 109 16.35 24.65 39.54
C ARG H 109 15.14 25.26 40.24
N LEU H 110 13.98 25.11 39.58
CA LEU H 110 12.69 25.55 40.11
C LEU H 110 11.82 24.32 40.38
N TRP H 111 11.35 24.20 41.62
CA TRP H 111 10.69 22.99 42.10
C TRP H 111 9.22 23.25 42.39
N THR H 112 8.38 22.26 42.03
CA THR H 112 6.96 22.25 42.31
C THR H 112 6.57 20.86 42.82
N TYR H 113 5.30 20.71 43.18
CA TYR H 113 4.74 19.44 43.63
C TYR H 113 3.85 18.86 42.55
N HIS H 114 3.78 17.53 42.49
CA HIS H 114 2.87 16.85 41.58
C HIS H 114 2.58 15.45 42.13
N GLY H 115 1.72 14.72 41.42
CA GLY H 115 1.18 13.48 41.93
C GLY H 115 -0.21 13.65 42.50
N GLU H 116 -0.57 12.72 43.39
CA GLU H 116 -1.85 12.80 44.10
C GLU H 116 -1.57 12.78 45.59
N THR H 117 -2.26 13.65 46.34
CA THR H 117 -2.16 13.57 47.79
C THR H 117 -2.78 12.27 48.28
N PRO H 118 -2.31 11.73 49.42
CA PRO H 118 -1.26 12.25 50.31
C PRO H 118 0.15 11.77 49.94
N ASN H 119 0.38 11.58 48.64
CA ASN H 119 1.63 11.04 48.13
C ASN H 119 2.29 11.98 47.11
N ALA H 120 2.13 13.29 47.29
CA ALA H 120 2.67 14.25 46.33
C ALA H 120 4.16 14.46 46.54
N THR H 121 4.91 14.49 45.43
CA THR H 121 6.36 14.63 45.49
C THR H 121 6.82 15.79 44.63
N THR H 122 8.06 16.23 44.86
CA THR H 122 8.63 17.36 44.16
C THR H 122 9.25 16.93 42.84
N ASP H 123 9.20 17.84 41.87
CA ASP H 123 9.92 17.69 40.61
C ASP H 123 10.39 19.08 40.20
N TYR H 124 11.17 19.15 39.12
CA TYR H 124 11.88 20.37 38.83
C TYR H 124 11.84 20.74 37.35
N SER H 125 12.00 22.03 37.10
CA SER H 125 12.38 22.57 35.81
C SER H 125 13.79 23.14 35.92
N THR H 126 14.53 23.02 34.83
CA THR H 126 15.88 23.52 34.75
C THR H 126 15.87 24.93 34.19
N THR H 127 16.89 25.70 34.54
CA THR H 127 16.98 27.07 34.08
C THR H 127 18.42 27.53 34.10
N SER H 128 18.73 28.44 33.19
CA SER H 128 20.00 29.16 33.18
C SER H 128 19.99 30.40 34.05
N ASN H 129 18.80 30.93 34.36
CA ASN H 129 18.65 32.19 35.08
C ASN H 129 17.67 31.91 36.21
N LEU H 130 18.18 31.34 37.30
CA LEU H 130 17.29 30.96 38.39
C LEU H 130 16.99 32.13 39.32
N ASN H 131 18.01 32.93 39.63
CA ASN H 131 17.86 33.95 40.66
C ASN H 131 16.89 35.06 40.26
N GLU H 132 16.67 35.29 38.96
CA GLU H 132 15.80 36.35 38.46
C GLU H 132 14.32 35.92 38.36
N ILE H 133 13.96 34.71 38.81
CA ILE H 133 12.57 34.26 38.73
C ILE H 133 11.76 34.93 39.82
N SER H 134 10.73 35.69 39.43
CA SER H 134 9.81 36.32 40.35
C SER H 134 8.45 35.63 40.24
N VAL H 135 7.70 35.66 41.34
CA VAL H 135 6.48 34.87 41.48
C VAL H 135 5.33 35.77 41.88
N THR H 136 4.19 35.60 41.22
CA THR H 136 2.94 36.29 41.51
C THR H 136 1.92 35.28 42.04
N THR H 137 1.43 35.54 43.25
CA THR H 137 0.38 34.72 43.86
C THR H 137 -0.97 35.40 43.70
N TYR H 138 -2.03 34.58 43.64
CA TYR H 138 -3.40 35.10 43.62
C TYR H 138 -4.21 34.60 44.80
N ALA H 139 -3.56 34.02 45.82
CA ALA H 139 -4.18 33.70 47.09
C ALA H 139 -3.13 33.83 48.20
N GLU H 140 -3.56 33.67 49.44
CA GLU H 140 -2.64 33.80 50.58
C GLU H 140 -1.56 32.73 50.52
N PHE H 141 -0.40 33.04 51.08
CA PHE H 141 0.70 32.08 51.03
C PHE H 141 1.56 32.18 52.29
N TYR H 142 2.44 31.19 52.46
CA TYR H 142 3.33 31.04 53.60
C TYR H 142 4.73 30.77 53.07
N ILE H 143 5.74 31.09 53.88
CA ILE H 143 7.14 30.92 53.50
C ILE H 143 7.79 29.93 54.46
N ILE H 144 8.47 28.92 53.89
CA ILE H 144 9.04 27.83 54.67
C ILE H 144 10.48 27.58 54.20
N PRO H 145 11.48 27.64 55.08
CA PRO H 145 12.86 27.38 54.62
C PRO H 145 12.98 26.02 53.97
N ARG H 146 13.96 25.86 53.07
CA ARG H 146 14.15 24.55 52.46
C ARG H 146 14.57 23.51 53.49
N SER H 147 15.25 23.93 54.56
CA SER H 147 15.66 23.01 55.62
C SER H 147 14.48 22.30 56.26
N GLN H 148 13.25 22.72 55.99
CA GLN H 148 12.06 22.06 56.51
C GLN H 148 11.14 21.60 55.38
N GLU H 149 11.73 21.25 54.23
CA GLU H 149 10.93 20.77 53.11
C GLU H 149 9.99 19.65 53.54
N SER H 150 10.45 18.79 54.45
CA SER H 150 9.61 17.70 54.94
C SER H 150 8.29 18.24 55.48
N LYS H 151 8.35 19.24 56.38
CA LYS H 151 7.13 19.87 56.86
C LYS H 151 6.27 20.32 55.68
N CYS H 152 6.88 21.06 54.74
CA CYS H 152 6.14 21.49 53.55
C CYS H 152 5.39 20.32 52.95
N THR H 153 6.08 19.20 52.74
CA THR H 153 5.46 18.05 52.10
C THR H 153 4.20 17.63 52.85
N GLU H 154 4.30 17.49 54.18
CA GLU H 154 3.13 17.12 54.97
C GLU H 154 1.98 18.08 54.69
N TYR H 155 2.23 19.39 54.77
CA TYR H 155 1.16 20.35 54.51
C TYR H 155 0.54 20.05 53.15
N ILE H 156 1.38 19.97 52.11
CA ILE H 156 0.91 19.75 50.75
C ILE H 156 0.02 18.52 50.70
N ASN H 157 0.38 17.50 51.46
CA ASN H 157 -0.33 16.24 51.38
C ASN H 157 -1.49 16.15 52.36
N THR H 158 -1.45 16.85 53.49
CA THR H 158 -2.46 16.67 54.52
C THR H 158 -3.18 17.95 54.90
N GLY H 159 -2.67 19.12 54.53
CA GLY H 159 -3.34 20.36 54.81
C GLY H 159 -2.88 21.01 56.09
N LEU H 160 -3.51 22.15 56.39
CA LEU H 160 -3.22 22.88 57.61
C LEU H 160 -4.17 22.46 58.72
N VAL I 1 -3.46 -12.28 76.90
CA VAL I 1 -4.28 -13.32 76.30
C VAL I 1 -3.95 -13.44 74.82
N LEU I 2 -3.49 -12.34 74.22
CA LEU I 2 -3.26 -12.28 72.78
C LEU I 2 -1.93 -11.60 72.51
N ASP I 3 -0.99 -12.34 71.92
CA ASP I 3 0.37 -11.87 71.67
C ASP I 3 0.41 -11.09 70.35
N GLY I 4 0.74 -9.81 70.43
CA GLY I 4 0.70 -8.93 69.28
C GLY I 4 -0.08 -7.66 69.58
N PRO I 5 -0.44 -6.89 68.55
CA PRO I 5 -0.19 -7.13 67.12
C PRO I 5 1.19 -6.69 66.63
N TYR I 6 1.76 -7.45 65.71
CA TYR I 6 3.06 -7.16 65.14
C TYR I 6 2.91 -6.59 63.73
N GLN I 7 3.89 -5.79 63.32
CA GLN I 7 3.82 -5.15 62.02
C GLN I 7 4.31 -6.11 60.93
N PRO I 8 3.92 -5.86 59.67
CA PRO I 8 4.33 -6.74 58.57
C PRO I 8 5.85 -6.90 58.50
N VAL I 9 6.30 -8.15 58.53
CA VAL I 9 7.72 -8.47 58.48
C VAL I 9 7.92 -9.72 57.63
N ALA I 10 9.15 -9.94 57.22
CA ALA I 10 9.62 -11.23 56.75
C ALA I 10 10.44 -11.87 57.86
N PHE I 11 10.16 -13.14 58.18
CA PHE I 11 10.93 -13.83 59.20
C PHE I 11 10.73 -15.34 59.04
N LYS I 12 11.48 -16.09 59.86
CA LYS I 12 11.40 -17.54 59.93
C LYS I 12 10.59 -17.90 61.17
N PRO I 13 9.30 -18.15 61.05
CA PRO I 13 8.46 -18.40 62.23
C PRO I 13 8.89 -19.67 62.94
N PRO I 14 8.85 -19.68 64.26
CA PRO I 14 9.21 -20.89 65.00
C PRO I 14 8.14 -21.96 64.84
N ASN I 15 8.56 -23.22 64.95
CA ASN I 15 7.61 -24.32 64.88
C ASN I 15 6.65 -24.24 66.06
N ASP I 16 5.42 -24.74 65.84
CA ASP I 16 4.38 -24.86 66.87
C ASP I 16 3.79 -23.50 67.28
N TYR I 17 3.77 -22.52 66.37
CA TYR I 17 3.11 -21.24 66.62
C TYR I 17 2.26 -20.86 65.42
N TRP I 18 0.96 -20.65 65.64
CA TRP I 18 0.07 -20.12 64.61
C TRP I 18 0.38 -18.66 64.36
N ILE I 19 0.57 -18.33 63.07
CA ILE I 19 0.66 -16.97 62.58
C ILE I 19 -0.74 -16.57 62.13
N LEU I 20 -1.32 -15.58 62.81
CA LEU I 20 -2.66 -15.07 62.51
C LEU I 20 -2.56 -13.66 61.92
N VAL I 21 -2.69 -13.55 60.60
CA VAL I 21 -2.66 -12.25 59.92
C VAL I 21 -4.09 -11.73 59.89
N ASN I 22 -4.26 -10.45 60.27
CA ASN I 22 -5.53 -9.73 60.26
C ASN I 22 -5.54 -8.88 58.99
N SER I 23 -5.98 -9.46 57.89
CA SER I 23 -5.87 -8.82 56.59
C SER I 23 -6.79 -7.60 56.48
N ASN I 24 -6.32 -6.60 55.73
CA ASN I 24 -7.13 -5.44 55.38
C ASN I 24 -7.25 -5.23 53.88
N SER I 25 -6.13 -5.24 53.14
CA SER I 25 -6.17 -5.01 51.71
C SER I 25 -6.58 -6.28 50.97
N ASN I 26 -6.91 -6.12 49.69
CA ASN I 26 -7.35 -7.22 48.84
C ASN I 26 -6.22 -7.71 47.93
N GLY I 27 -4.99 -7.75 48.43
CA GLY I 27 -3.92 -8.25 47.59
C GLY I 27 -3.30 -9.52 48.15
N VAL I 28 -1.99 -9.66 47.96
CA VAL I 28 -1.28 -10.74 48.60
C VAL I 28 -1.29 -10.50 50.10
N VAL I 29 -1.87 -11.45 50.84
CA VAL I 29 -1.92 -11.35 52.29
C VAL I 29 -0.63 -11.85 52.90
N LEU I 30 0.05 -12.77 52.22
CA LEU I 30 0.98 -13.68 52.87
C LEU I 30 1.76 -14.43 51.81
N GLU I 31 3.07 -14.58 52.00
CA GLU I 31 3.76 -15.52 51.14
C GLU I 31 4.91 -16.17 51.90
N GLY I 32 5.13 -17.46 51.64
CA GLY I 32 6.12 -18.21 52.38
C GLY I 32 6.80 -19.23 51.50
N THR I 33 8.05 -19.53 51.83
CA THR I 33 8.82 -20.50 51.05
C THR I 33 10.10 -20.87 51.80
N ASN I 34 10.66 -22.01 51.43
CA ASN I 34 11.97 -22.44 51.93
C ASN I 34 13.01 -22.53 50.83
N ASN I 35 12.68 -22.14 49.61
CA ASN I 35 13.53 -22.21 48.43
C ASN I 35 13.84 -23.62 47.97
N THR I 36 13.24 -24.67 48.56
CA THR I 36 13.51 -26.03 48.11
C THR I 36 12.28 -26.76 47.58
N ASP I 37 11.19 -26.91 48.38
CA ASP I 37 10.02 -27.64 47.91
C ASP I 37 8.68 -27.06 48.35
N VAL I 38 8.64 -25.83 48.86
CA VAL I 38 7.39 -25.21 49.28
C VAL I 38 7.44 -23.75 48.88
N TRP I 39 6.48 -23.33 48.04
CA TRP I 39 6.17 -21.93 47.81
C TRP I 39 4.66 -21.76 47.95
N VAL I 40 4.21 -20.95 48.90
CA VAL I 40 2.79 -20.70 49.15
C VAL I 40 2.53 -19.21 49.20
N ALA I 41 1.41 -18.78 48.62
CA ALA I 41 0.96 -17.40 48.72
C ALA I 41 -0.55 -17.38 48.86
N ILE I 42 -1.04 -16.62 49.83
CA ILE I 42 -2.46 -16.48 50.09
C ILE I 42 -2.91 -15.14 49.53
N ILE I 43 -3.91 -15.16 48.65
CA ILE I 43 -4.35 -14.00 47.88
C ILE I 43 -5.77 -13.62 48.33
N SER I 44 -6.00 -12.33 48.58
CA SER I 44 -7.28 -11.84 49.06
C SER I 44 -8.08 -11.20 47.93
N ILE I 45 -9.39 -11.47 47.90
CA ILE I 45 -10.28 -10.94 46.88
C ILE I 45 -11.58 -10.48 47.55
N GLU I 46 -12.01 -9.27 47.17
CA GLU I 46 -13.16 -8.62 47.78
C GLU I 46 -14.46 -9.28 47.32
N PRO I 47 -15.56 -9.06 48.04
CA PRO I 47 -16.82 -9.72 47.65
C PRO I 47 -17.31 -9.23 46.30
N ASN I 48 -18.16 -10.05 45.69
CA ASN I 48 -18.98 -9.67 44.54
C ASN I 48 -18.13 -9.35 43.31
N VAL I 49 -17.33 -10.34 42.91
CA VAL I 49 -16.40 -10.21 41.80
C VAL I 49 -16.77 -11.23 40.74
N ASN I 50 -17.04 -10.73 39.53
CA ASN I 50 -17.16 -11.57 38.36
C ASN I 50 -15.78 -12.08 37.94
N SER I 51 -15.77 -13.13 37.13
CA SER I 51 -14.52 -13.78 36.76
C SER I 51 -13.61 -12.78 36.04
N GLU I 52 -12.44 -12.53 36.64
CA GLU I 52 -11.48 -11.57 36.13
C GLU I 52 -10.10 -12.19 36.04
N SER I 53 -9.22 -11.52 35.29
CA SER I 53 -7.79 -11.78 35.28
C SER I 53 -7.12 -10.74 36.16
N ARG I 54 -6.33 -11.18 37.13
CA ARG I 54 -5.65 -10.23 38.01
C ARG I 54 -4.17 -10.56 38.14
N GLN I 55 -3.38 -9.55 38.47
CA GLN I 55 -1.94 -9.66 38.57
C GLN I 55 -1.50 -9.59 40.03
N TYR I 56 -0.52 -10.43 40.39
CA TYR I 56 0.04 -10.48 41.73
C TYR I 56 1.54 -10.69 41.64
N SER I 57 2.28 -10.12 42.59
CA SER I 57 3.72 -10.30 42.65
C SER I 57 4.01 -11.41 43.64
N LEU I 58 4.25 -12.61 43.12
CA LEU I 58 4.55 -13.80 43.93
C LEU I 58 6.04 -14.08 43.86
N PHE I 59 6.76 -13.77 44.94
CA PHE I 59 8.20 -13.99 45.02
C PHE I 59 8.96 -13.27 43.90
N GLY I 60 8.57 -12.01 43.66
CA GLY I 60 9.28 -11.15 42.75
C GLY I 60 8.93 -11.30 41.30
N VAL I 61 7.92 -12.09 40.95
CA VAL I 61 7.56 -12.38 39.57
C VAL I 61 6.08 -12.08 39.38
N ASN I 62 5.74 -11.30 38.34
CA ASN I 62 4.36 -10.93 38.10
C ASN I 62 3.60 -12.10 37.51
N LYS I 63 2.52 -12.49 38.18
CA LYS I 63 1.69 -13.61 37.76
C LYS I 63 0.29 -13.12 37.44
N GLN I 64 -0.26 -13.64 36.35
CA GLN I 64 -1.67 -13.48 36.03
C GLN I 64 -2.41 -14.70 36.55
N ILE I 65 -3.42 -14.46 37.38
CA ILE I 65 -4.27 -15.51 37.94
C ILE I 65 -5.72 -15.10 37.74
N THR I 66 -6.52 -16.01 37.18
CA THR I 66 -7.96 -15.82 37.00
C THR I 66 -8.68 -16.02 38.33
N VAL I 67 -9.35 -14.98 38.83
CA VAL I 67 -10.01 -15.03 40.12
C VAL I 67 -11.50 -14.81 39.95
N VAL I 68 -12.27 -15.21 40.96
CA VAL I 68 -13.72 -15.04 40.96
C VAL I 68 -14.21 -15.12 42.39
N ASN I 69 -15.20 -14.29 42.71
CA ASN I 69 -15.82 -14.34 44.03
C ASN I 69 -17.22 -13.72 43.93
N THR I 70 -18.25 -14.55 43.80
CA THR I 70 -19.62 -14.07 43.74
C THR I 70 -20.27 -14.02 45.12
N SER I 71 -19.54 -14.35 46.18
CA SER I 71 -20.09 -14.34 47.52
C SER I 71 -20.02 -12.94 48.13
N ASN I 72 -20.70 -12.78 49.26
CA ASN I 72 -20.60 -11.57 50.06
C ASN I 72 -19.46 -11.63 51.07
N LYS I 73 -18.78 -12.76 51.17
CA LYS I 73 -17.62 -12.95 52.02
C LYS I 73 -16.33 -12.73 51.23
N TRP I 74 -15.27 -12.37 51.96
CA TRP I 74 -13.96 -12.24 51.33
C TRP I 74 -13.38 -13.61 51.02
N LYS I 75 -12.67 -13.71 49.90
CA LYS I 75 -12.15 -14.97 49.40
C LYS I 75 -10.63 -14.97 49.45
N PHE I 76 -10.05 -15.95 50.15
CA PHE I 76 -8.60 -16.11 50.29
C PHE I 76 -8.17 -17.37 49.54
N MET I 77 -7.47 -17.17 48.43
CA MET I 77 -7.01 -18.25 47.58
C MET I 77 -5.62 -18.72 48.01
N GLU I 78 -5.47 -20.02 48.28
CA GLU I 78 -4.18 -20.59 48.61
C GLU I 78 -3.52 -21.12 47.34
N MET I 79 -2.51 -20.37 46.87
CA MET I 79 -1.67 -20.73 45.75
C MET I 79 -0.42 -21.45 46.25
N PHE I 80 0.00 -22.45 45.50
CA PHE I 80 1.04 -23.36 45.98
C PHE I 80 1.81 -23.90 44.79
N ARG I 81 3.10 -24.15 45.02
CA ARG I 81 3.91 -24.98 44.14
C ARG I 81 5.01 -25.60 44.97
N ASN I 82 5.54 -26.73 44.50
CA ASN I 82 6.62 -27.40 45.24
C ASN I 82 7.94 -27.38 44.47
N ASN I 83 8.06 -26.49 43.49
CA ASN I 83 9.16 -26.52 42.54
C ASN I 83 9.36 -25.09 42.03
N SER I 84 10.62 -24.66 41.94
CA SER I 84 10.89 -23.29 41.51
C SER I 84 10.57 -23.07 40.04
N ASN I 85 10.67 -24.11 39.21
CA ASN I 85 10.41 -23.95 37.79
C ASN I 85 8.93 -24.06 37.44
N ALA I 86 8.06 -24.30 38.42
CA ALA I 86 6.67 -24.62 38.16
C ALA I 86 5.78 -23.41 38.41
N GLU I 87 4.64 -23.39 37.71
CA GLU I 87 3.62 -22.39 37.95
C GLU I 87 2.87 -22.69 39.24
N PHE I 88 2.28 -21.64 39.83
CA PHE I 88 1.45 -21.80 41.01
C PHE I 88 0.10 -22.37 40.61
N GLN I 89 -0.43 -23.24 41.47
CA GLN I 89 -1.75 -23.81 41.27
C GLN I 89 -2.65 -23.36 42.40
N HIS I 90 -3.92 -23.12 42.10
CA HIS I 90 -4.92 -22.78 43.11
C HIS I 90 -5.19 -24.02 43.95
N LYS I 91 -4.54 -24.12 45.10
CA LYS I 91 -4.62 -25.33 45.90
C LYS I 91 -5.86 -25.34 46.79
N ARG I 92 -6.09 -24.27 47.54
CA ARG I 92 -7.22 -24.31 48.46
C ARG I 92 -7.94 -22.98 48.45
N THR I 93 -9.07 -22.94 49.16
CA THR I 93 -9.83 -21.71 49.29
C THR I 93 -10.33 -21.56 50.72
N LEU I 94 -10.26 -20.33 51.22
CA LEU I 94 -10.81 -19.96 52.53
C LEU I 94 -11.81 -18.83 52.30
N THR I 95 -13.09 -19.08 52.54
CA THR I 95 -14.13 -18.08 52.34
C THR I 95 -14.59 -17.57 53.71
N SER I 96 -14.41 -16.28 53.95
CA SER I 96 -14.43 -15.77 55.32
C SER I 96 -15.01 -14.36 55.38
N SER I 97 -15.84 -14.14 56.40
CA SER I 97 -16.35 -12.82 56.74
C SER I 97 -15.54 -12.16 57.84
N THR I 98 -14.58 -12.88 58.41
CA THR I 98 -13.67 -12.30 59.40
C THR I 98 -12.41 -11.70 58.78
N LYS I 99 -12.03 -12.12 57.57
CA LYS I 99 -10.83 -11.68 56.88
C LYS I 99 -9.52 -12.08 57.57
N LEU I 100 -9.54 -12.95 58.58
CA LEU I 100 -8.32 -13.46 59.20
C LEU I 100 -7.86 -14.70 58.43
N VAL I 101 -6.56 -14.84 58.20
CA VAL I 101 -6.12 -16.11 57.63
C VAL I 101 -4.95 -16.59 58.50
N GLY I 102 -4.62 -17.89 58.46
CA GLY I 102 -3.71 -18.49 59.44
C GLY I 102 -2.67 -19.33 58.72
N ILE I 103 -1.48 -19.44 59.32
CA ILE I 103 -0.44 -20.29 58.74
C ILE I 103 0.47 -20.79 59.87
N LEU I 104 0.95 -22.03 59.74
CA LEU I 104 1.68 -22.62 60.86
C LEU I 104 2.59 -23.74 60.38
N LYS I 105 3.69 -23.94 61.10
CA LYS I 105 4.64 -25.01 60.80
C LYS I 105 4.56 -26.03 61.93
N HIS I 106 4.31 -27.30 61.59
CA HIS I 106 4.10 -28.31 62.63
C HIS I 106 4.20 -29.70 62.03
N GLY I 107 4.93 -30.58 62.71
CA GLY I 107 5.00 -31.99 62.36
C GLY I 107 5.46 -32.29 60.95
N GLY I 108 6.41 -31.52 60.42
CA GLY I 108 6.84 -31.72 59.06
C GLY I 108 5.87 -31.22 58.01
N ARG I 109 4.83 -30.51 58.41
CA ARG I 109 3.82 -30.07 57.48
C ARG I 109 3.56 -28.57 57.68
N LEU I 110 3.10 -27.94 56.61
CA LEU I 110 2.62 -26.57 56.63
C LEU I 110 1.10 -26.58 56.74
N TRP I 111 0.56 -25.85 57.70
CA TRP I 111 -0.86 -25.85 57.97
C TRP I 111 -1.47 -24.50 57.65
N THR I 112 -2.65 -24.54 57.01
CA THR I 112 -3.48 -23.41 56.65
C THR I 112 -4.93 -23.73 57.01
N TYR I 113 -5.81 -22.77 56.76
CA TYR I 113 -7.24 -22.92 56.98
C TYR I 113 -7.98 -22.84 55.65
N HIS I 114 -9.08 -23.58 55.55
CA HIS I 114 -9.88 -23.61 54.34
C HIS I 114 -11.31 -24.03 54.70
N GLY I 115 -12.20 -23.93 53.72
CA GLY I 115 -13.63 -24.05 53.94
C GLY I 115 -14.28 -22.69 54.10
N GLU I 116 -15.49 -22.70 54.65
CA GLU I 116 -16.29 -21.49 54.84
C GLU I 116 -16.46 -21.19 56.32
N THR I 117 -16.28 -19.93 56.68
CA THR I 117 -16.60 -19.52 58.04
C THR I 117 -18.12 -19.56 58.22
N PRO I 118 -18.60 -19.91 59.43
CA PRO I 118 -17.81 -20.23 60.62
C PRO I 118 -17.38 -21.71 60.77
N ASN I 119 -17.25 -22.45 59.67
CA ASN I 119 -16.88 -23.87 59.74
C ASN I 119 -15.57 -24.15 59.00
N ALA I 120 -14.62 -23.21 59.08
CA ALA I 120 -13.30 -23.40 58.47
C ALA I 120 -12.42 -24.30 59.32
N THR I 121 -11.64 -25.14 58.65
CA THR I 121 -10.80 -26.16 59.27
C THR I 121 -9.40 -26.14 58.66
N THR I 122 -8.45 -26.74 59.38
CA THR I 122 -7.06 -26.75 58.94
C THR I 122 -6.80 -27.85 57.92
N ASP I 123 -5.72 -27.67 57.16
CA ASP I 123 -5.20 -28.67 56.23
C ASP I 123 -3.75 -28.32 55.91
N TYR I 124 -3.05 -29.25 55.27
CA TYR I 124 -1.60 -29.24 55.27
C TYR I 124 -1.03 -29.45 53.88
N SER I 125 0.20 -28.94 53.70
CA SER I 125 1.08 -29.28 52.61
C SER I 125 2.31 -29.99 53.19
N THR I 126 2.84 -30.95 52.45
CA THR I 126 4.00 -31.71 52.89
C THR I 126 5.30 -31.06 52.40
N THR I 127 6.39 -31.40 53.06
CA THR I 127 7.70 -30.83 52.79
C THR I 127 8.77 -31.69 53.46
N SER I 128 9.97 -31.66 52.90
CA SER I 128 11.12 -32.30 53.52
C SER I 128 12.01 -31.31 54.24
N ASN I 129 11.68 -30.01 54.14
CA ASN I 129 12.52 -28.91 54.58
C ASN I 129 11.68 -27.85 55.30
N LEU I 130 10.91 -28.26 56.31
CA LEU I 130 9.94 -27.35 56.91
C LEU I 130 10.61 -26.24 57.71
N ASN I 131 11.69 -26.53 58.43
CA ASN I 131 12.28 -25.54 59.33
C ASN I 131 12.69 -24.27 58.59
N GLU I 132 13.24 -24.41 57.39
CA GLU I 132 13.77 -23.29 56.63
C GLU I 132 12.69 -22.48 55.90
N ILE I 133 11.41 -22.85 56.02
CA ILE I 133 10.36 -22.01 55.43
C ILE I 133 10.28 -20.71 56.20
N SER I 134 10.39 -19.60 55.47
CA SER I 134 10.18 -18.26 56.00
C SER I 134 8.93 -17.64 55.39
N VAL I 135 8.37 -16.69 56.13
CA VAL I 135 7.06 -16.11 55.83
C VAL I 135 7.18 -14.59 55.83
N THR I 136 6.62 -13.97 54.80
CA THR I 136 6.44 -12.52 54.72
C THR I 136 4.95 -12.20 54.82
N THR I 137 4.57 -11.52 55.89
CA THR I 137 3.23 -10.98 56.04
C THR I 137 3.18 -9.57 55.46
N TYR I 138 2.00 -9.19 54.99
CA TYR I 138 1.78 -7.84 54.46
C TYR I 138 0.73 -7.07 55.25
N ALA I 139 0.17 -7.67 56.30
CA ALA I 139 -0.71 -6.99 57.22
C ALA I 139 -0.27 -7.40 58.62
N GLU I 140 -0.82 -6.76 59.63
CA GLU I 140 -0.39 -7.10 60.99
C GLU I 140 -0.95 -8.45 61.41
N PHE I 141 -0.23 -9.10 62.33
CA PHE I 141 -0.51 -10.47 62.73
C PHE I 141 -0.28 -10.65 64.23
N TYR I 142 -0.72 -11.81 64.72
CA TYR I 142 -0.58 -12.23 66.10
C TYR I 142 0.03 -13.63 66.12
N ILE I 143 0.52 -14.03 67.29
CA ILE I 143 1.25 -15.30 67.45
C ILE I 143 0.58 -16.11 68.55
N ILE I 144 0.07 -17.29 68.19
CA ILE I 144 -0.64 -18.12 69.16
C ILE I 144 -0.02 -19.50 69.23
N PRO I 145 0.38 -20.01 70.40
CA PRO I 145 0.87 -21.40 70.46
C PRO I 145 -0.17 -22.39 69.96
N ARG I 146 0.29 -23.51 69.39
CA ARG I 146 -0.65 -24.52 68.89
C ARG I 146 -1.49 -25.12 70.01
N SER I 147 -0.94 -25.18 71.23
CA SER I 147 -1.71 -25.68 72.36
C SER I 147 -2.99 -24.88 72.59
N GLN I 148 -3.13 -23.71 71.97
CA GLN I 148 -4.34 -22.90 72.05
C GLN I 148 -5.01 -22.73 70.69
N GLU I 149 -4.91 -23.76 69.84
CA GLU I 149 -5.42 -23.64 68.47
C GLU I 149 -6.91 -23.40 68.43
N SER I 150 -7.65 -24.01 69.36
CA SER I 150 -9.10 -23.79 69.40
C SER I 150 -9.42 -22.31 69.50
N LYS I 151 -8.53 -21.51 70.09
CA LYS I 151 -8.73 -20.07 70.11
C LYS I 151 -8.52 -19.48 68.72
N CYS I 152 -7.41 -19.83 68.07
CA CYS I 152 -7.13 -19.34 66.72
C CYS I 152 -8.31 -19.66 65.80
N THR I 153 -8.68 -20.94 65.73
CA THR I 153 -9.82 -21.33 64.89
C THR I 153 -11.04 -20.49 65.20
N GLU I 154 -11.29 -20.21 66.48
CA GLU I 154 -12.46 -19.41 66.83
C GLU I 154 -12.36 -18.03 66.20
N TYR I 155 -11.22 -17.35 66.40
CA TYR I 155 -10.99 -16.10 65.70
C TYR I 155 -11.25 -16.28 64.21
N ILE I 156 -10.63 -17.32 63.63
CA ILE I 156 -10.74 -17.57 62.20
C ILE I 156 -12.20 -17.57 61.77
N ASN I 157 -13.06 -18.17 62.57
CA ASN I 157 -14.45 -18.34 62.19
C ASN I 157 -15.36 -17.24 62.72
N THR I 158 -14.93 -16.50 63.75
CA THR I 158 -15.83 -15.53 64.37
C THR I 158 -15.20 -14.16 64.59
N GLY I 159 -13.96 -13.96 64.17
CA GLY I 159 -13.31 -12.67 64.34
C GLY I 159 -12.60 -12.56 65.67
N LEU I 160 -12.08 -11.36 65.91
CA LEU I 160 -11.48 -11.07 67.21
C LEU I 160 -12.44 -10.24 68.04
N VAL J 1 -43.59 33.25 21.80
CA VAL J 1 -44.42 32.23 22.39
C VAL J 1 -43.64 31.27 23.33
N LEU J 2 -42.47 30.79 22.91
CA LEU J 2 -41.66 29.90 23.78
C LEU J 2 -40.19 30.37 23.90
N ASP J 3 -39.59 30.20 25.09
CA ASP J 3 -38.24 30.73 25.38
C ASP J 3 -37.19 29.75 24.82
N GLY J 4 -36.57 30.08 23.67
CA GLY J 4 -35.65 29.19 23.02
C GLY J 4 -35.74 29.26 21.50
N PRO J 5 -35.04 28.36 20.80
CA PRO J 5 -34.27 27.23 21.36
C PRO J 5 -32.83 27.55 21.79
N TYR J 6 -32.38 26.81 22.80
CA TYR J 6 -31.01 26.85 23.27
C TYR J 6 -30.25 25.64 22.76
N GLN J 7 -28.94 25.83 22.52
CA GLN J 7 -28.06 24.78 22.06
C GLN J 7 -27.54 23.97 23.23
N PRO J 8 -27.08 22.73 22.99
CA PRO J 8 -26.52 21.91 24.06
C PRO J 8 -25.45 22.60 24.88
N VAL J 9 -25.66 22.65 26.20
CA VAL J 9 -24.73 23.31 27.10
C VAL J 9 -24.77 22.58 28.44
N ALA J 10 -23.77 22.85 29.27
CA ALA J 10 -23.81 22.52 30.68
C ALA J 10 -24.07 23.80 31.46
N PHE J 11 -25.18 23.84 32.21
CA PHE J 11 -25.44 24.98 33.06
C PHE J 11 -26.15 24.53 34.33
N LYS J 12 -26.24 25.47 35.29
CA LYS J 12 -26.89 25.25 36.58
C LYS J 12 -28.24 25.95 36.55
N PRO J 13 -29.33 25.24 36.31
CA PRO J 13 -30.64 25.90 36.16
C PRO J 13 -31.10 26.52 37.48
N PRO J 14 -31.72 27.69 37.43
CA PRO J 14 -32.38 28.21 38.62
C PRO J 14 -33.61 27.37 38.92
N ASN J 15 -34.09 27.47 40.15
CA ASN J 15 -35.29 26.72 40.49
C ASN J 15 -36.50 27.27 39.73
N ASP J 16 -37.48 26.40 39.54
CA ASP J 16 -38.79 26.76 39.00
C ASP J 16 -38.75 27.05 37.50
N TYR J 17 -37.89 26.36 36.75
CA TYR J 17 -37.94 26.37 35.30
C TYR J 17 -37.86 24.94 34.76
N TRP J 18 -38.83 24.55 33.94
CA TRP J 18 -38.74 23.32 33.18
C TRP J 18 -37.77 23.49 32.02
N ILE J 19 -36.73 22.65 31.99
CA ILE J 19 -35.90 22.49 30.80
C ILE J 19 -36.55 21.40 29.95
N LEU J 20 -36.98 21.79 28.76
CA LEU J 20 -37.68 20.92 27.81
C LEU J 20 -36.72 20.61 26.66
N VAL J 21 -36.09 19.45 26.71
CA VAL J 21 -35.15 19.01 25.68
C VAL J 21 -35.89 18.33 24.55
N ASN J 22 -35.63 18.80 23.33
CA ASN J 22 -36.17 18.23 22.09
C ASN J 22 -35.14 17.25 21.54
N SER J 23 -35.22 16.00 21.98
CA SER J 23 -34.21 15.02 21.64
C SER J 23 -34.33 14.55 20.20
N ASN J 24 -33.20 14.28 19.56
CA ASN J 24 -33.18 13.72 18.22
C ASN J 24 -32.46 12.38 18.15
N SER J 25 -31.23 12.30 18.68
CA SER J 25 -30.46 11.07 18.62
C SER J 25 -30.97 10.07 19.65
N ASN J 26 -30.26 8.95 19.76
CA ASN J 26 -30.63 7.89 20.70
C ASN J 26 -29.48 7.54 21.63
N GLY J 27 -28.70 8.54 22.03
CA GLY J 27 -27.73 8.39 23.10
C GLY J 27 -28.22 9.00 24.39
N VAL J 28 -27.29 9.57 25.15
CA VAL J 28 -27.66 10.32 26.35
C VAL J 28 -28.37 11.60 25.93
N VAL J 29 -29.61 11.77 26.38
CA VAL J 29 -30.33 13.00 26.04
C VAL J 29 -29.93 14.12 26.97
N LEU J 30 -29.62 13.81 28.23
CA LEU J 30 -29.52 14.79 29.29
C LEU J 30 -28.94 14.12 30.52
N GLU J 31 -28.14 14.84 31.31
CA GLU J 31 -27.69 14.34 32.59
C GLU J 31 -27.52 15.49 33.57
N GLY J 32 -27.57 15.19 34.85
CA GLY J 32 -27.45 16.21 35.87
C GLY J 32 -27.06 15.63 37.21
N THR J 33 -26.36 16.42 38.01
CA THR J 33 -25.86 15.95 39.30
C THR J 33 -25.59 17.14 40.21
N ASN J 34 -25.63 16.92 41.53
CA ASN J 34 -25.01 17.83 42.48
C ASN J 34 -23.76 17.25 43.13
N ASN J 35 -23.35 16.05 42.71
CA ASN J 35 -22.14 15.38 43.16
C ASN J 35 -22.19 15.02 44.64
N THR J 36 -23.34 15.16 45.29
CA THR J 36 -23.51 14.70 46.67
C THR J 36 -24.54 13.58 46.79
N ASP J 37 -25.80 13.81 46.40
CA ASP J 37 -26.81 12.77 46.58
C ASP J 37 -27.72 12.61 45.38
N VAL J 38 -27.35 13.17 44.22
CA VAL J 38 -28.16 13.09 43.01
C VAL J 38 -27.25 12.89 41.82
N TRP J 39 -27.50 11.83 41.05
CA TRP J 39 -26.94 11.61 39.72
C TRP J 39 -28.09 11.07 38.87
N VAL J 40 -28.54 11.84 37.89
CA VAL J 40 -29.60 11.41 36.99
C VAL J 40 -29.08 11.51 35.57
N ALA J 41 -29.42 10.50 34.76
CA ALA J 41 -29.14 10.55 33.33
C ALA J 41 -30.33 9.96 32.60
N ILE J 42 -30.82 10.67 31.59
CA ILE J 42 -31.91 10.22 30.75
C ILE J 42 -31.33 9.65 29.46
N ILE J 43 -31.64 8.38 29.17
CA ILE J 43 -31.11 7.64 28.04
C ILE J 43 -32.21 7.41 27.03
N SER J 44 -31.93 7.66 25.75
CA SER J 44 -32.91 7.48 24.69
C SER J 44 -32.66 6.16 23.96
N ILE J 45 -33.75 5.48 23.61
CA ILE J 45 -33.71 4.21 22.89
C ILE J 45 -34.76 4.28 21.79
N GLU J 46 -34.33 3.99 20.57
CA GLU J 46 -35.20 4.05 19.40
C GLU J 46 -36.21 2.89 19.44
N PRO J 47 -37.32 3.02 18.72
CA PRO J 47 -38.36 1.98 18.77
C PRO J 47 -37.86 0.62 18.28
N ASN J 48 -38.60 -0.42 18.67
CA ASN J 48 -38.48 -1.77 18.11
C ASN J 48 -37.06 -2.31 18.25
N VAL J 49 -36.57 -2.30 19.48
CA VAL J 49 -35.24 -2.82 19.81
C VAL J 49 -35.42 -3.95 20.81
N ASN J 50 -34.84 -5.10 20.50
CA ASN J 50 -34.92 -6.22 21.43
C ASN J 50 -33.89 -6.05 22.53
N SER J 51 -34.07 -6.80 23.62
CA SER J 51 -33.26 -6.60 24.81
C SER J 51 -31.79 -6.88 24.52
N GLU J 52 -30.95 -5.86 24.73
CA GLU J 52 -29.53 -5.94 24.42
C GLU J 52 -28.78 -4.93 25.29
N SER J 53 -27.50 -5.20 25.50
CA SER J 53 -26.65 -4.33 26.30
C SER J 53 -25.99 -3.29 25.39
N ARG J 54 -26.19 -2.01 25.73
CA ARG J 54 -25.56 -0.92 25.00
C ARG J 54 -24.61 -0.17 25.92
N GLN J 55 -23.68 0.57 25.31
CA GLN J 55 -22.69 1.34 26.05
C GLN J 55 -23.04 2.82 26.05
N TYR J 56 -22.84 3.46 27.20
CA TYR J 56 -23.21 4.85 27.39
C TYR J 56 -22.16 5.54 28.24
N SER J 57 -21.93 6.82 27.94
CA SER J 57 -21.01 7.64 28.72
C SER J 57 -21.85 8.46 29.69
N LEU J 58 -21.72 8.16 30.98
CA LEU J 58 -22.42 8.88 32.04
C LEU J 58 -21.38 9.64 32.86
N PHE J 59 -21.50 10.96 32.85
CA PHE J 59 -20.65 11.84 33.68
C PHE J 59 -19.16 11.58 33.43
N GLY J 60 -18.82 11.20 32.19
CA GLY J 60 -17.45 10.96 31.81
C GLY J 60 -16.95 9.53 31.95
N VAL J 61 -17.80 8.61 32.39
CA VAL J 61 -17.40 7.23 32.65
C VAL J 61 -18.24 6.33 31.76
N ASN J 62 -17.58 5.33 31.16
CA ASN J 62 -18.29 4.38 30.30
C ASN J 62 -19.02 3.35 31.17
N LYS J 63 -20.27 3.08 30.82
CA LYS J 63 -21.13 2.15 31.52
C LYS J 63 -21.88 1.29 30.52
N GLN J 64 -22.08 0.02 30.86
CA GLN J 64 -22.89 -0.91 30.09
C GLN J 64 -24.26 -1.02 30.74
N ILE J 65 -25.31 -0.90 29.93
CA ILE J 65 -26.69 -0.86 30.43
C ILE J 65 -27.56 -1.66 29.46
N THR J 66 -28.36 -2.58 30.00
CA THR J 66 -29.27 -3.37 29.18
C THR J 66 -30.55 -2.60 28.93
N VAL J 67 -30.96 -2.55 27.66
CA VAL J 67 -32.10 -1.77 27.21
C VAL J 67 -33.03 -2.65 26.38
N VAL J 68 -34.28 -2.22 26.28
CA VAL J 68 -35.29 -2.86 25.46
C VAL J 68 -36.40 -1.83 25.19
N ASN J 69 -36.96 -1.87 23.96
CA ASN J 69 -38.12 -1.04 23.63
C ASN J 69 -38.80 -1.68 22.43
N THR J 70 -39.90 -2.39 22.69
CA THR J 70 -40.63 -3.14 21.69
C THR J 70 -41.86 -2.35 21.19
N SER J 71 -41.95 -1.07 21.53
CA SER J 71 -43.08 -0.26 21.11
C SER J 71 -42.80 0.43 19.77
N ASN J 72 -43.86 1.01 19.20
CA ASN J 72 -43.77 1.93 18.08
C ASN J 72 -43.17 3.28 18.51
N LYS J 73 -43.07 3.54 19.80
CA LYS J 73 -42.69 4.82 20.35
C LYS J 73 -41.27 4.77 20.92
N TRP J 74 -40.69 5.96 21.08
CA TRP J 74 -39.35 6.07 21.64
C TRP J 74 -39.40 5.86 23.16
N LYS J 75 -38.33 5.28 23.70
CA LYS J 75 -38.27 5.01 25.13
C LYS J 75 -37.14 5.81 25.76
N PHE J 76 -37.43 6.47 26.87
CA PHE J 76 -36.48 7.30 27.61
C PHE J 76 -36.36 6.71 29.01
N MET J 77 -35.23 6.10 29.28
CA MET J 77 -34.95 5.45 30.55
C MET J 77 -34.30 6.46 31.49
N GLU J 78 -34.88 6.64 32.66
CA GLU J 78 -34.32 7.53 33.67
C GLU J 78 -33.50 6.70 34.64
N MET J 79 -32.17 6.80 34.49
CA MET J 79 -31.19 6.21 35.38
C MET J 79 -30.90 7.17 36.52
N PHE J 80 -30.64 6.61 37.70
CA PHE J 80 -30.50 7.41 38.91
C PHE J 80 -29.62 6.68 39.92
N ARG J 81 -28.93 7.47 40.74
CA ARG J 81 -28.24 6.96 41.92
C ARG J 81 -28.02 8.14 42.86
N ASN J 82 -27.93 7.85 44.16
CA ASN J 82 -27.76 8.89 45.16
C ASN J 82 -26.43 8.79 45.90
N ASN J 83 -25.46 8.07 45.32
CA ASN J 83 -24.18 7.86 45.97
C ASN J 83 -23.10 7.75 44.90
N SER J 84 -21.96 8.41 45.15
CA SER J 84 -20.86 8.40 44.19
C SER J 84 -20.30 7.00 43.98
N ASN J 85 -20.57 6.06 44.87
CA ASN J 85 -20.03 4.71 44.78
C ASN J 85 -21.03 3.68 44.24
N ALA J 86 -22.30 4.06 44.10
CA ALA J 86 -23.31 3.10 43.67
C ALA J 86 -23.39 3.05 42.16
N GLU J 87 -23.96 1.95 41.66
CA GLU J 87 -24.27 1.86 40.24
C GLU J 87 -25.60 2.57 39.96
N PHE J 88 -25.86 2.80 38.68
CA PHE J 88 -27.10 3.42 38.26
C PHE J 88 -28.21 2.38 38.21
N GLN J 89 -29.40 2.76 38.66
CA GLN J 89 -30.57 1.89 38.61
C GLN J 89 -31.61 2.52 37.69
N HIS J 90 -32.32 1.68 36.95
CA HIS J 90 -33.38 2.16 36.05
C HIS J 90 -34.57 2.55 36.89
N LYS J 91 -34.63 3.83 37.24
CA LYS J 91 -35.61 4.32 38.20
C LYS J 91 -36.95 4.60 37.54
N ARG J 92 -36.95 5.20 36.36
CA ARG J 92 -38.23 5.53 35.72
C ARG J 92 -38.15 5.33 34.22
N THR J 93 -39.31 5.47 33.57
CA THR J 93 -39.38 5.36 32.12
C THR J 93 -40.41 6.36 31.60
N LEU J 94 -40.12 6.94 30.44
CA LEU J 94 -41.08 7.74 29.69
C LEU J 94 -41.16 7.17 28.28
N THR J 95 -42.36 6.80 27.84
CA THR J 95 -42.57 6.29 26.49
C THR J 95 -43.32 7.35 25.70
N SER J 96 -42.74 7.77 24.56
CA SER J 96 -43.21 8.99 23.91
C SER J 96 -43.14 8.89 22.39
N SER J 97 -44.17 9.41 21.75
CA SER J 97 -44.12 9.67 20.32
C SER J 97 -43.65 11.09 19.99
N THR J 98 -43.37 11.93 21.00
CA THR J 98 -42.92 13.30 20.77
C THR J 98 -41.43 13.51 20.96
N LYS J 99 -40.75 12.59 21.65
CA LYS J 99 -39.31 12.65 21.88
C LYS J 99 -38.90 13.82 22.76
N LEU J 100 -39.86 14.46 23.43
CA LEU J 100 -39.57 15.56 24.33
C LEU J 100 -39.39 15.05 25.76
N VAL J 101 -38.35 15.55 26.43
CA VAL J 101 -38.06 15.18 27.81
C VAL J 101 -37.91 16.46 28.61
N GLY J 102 -38.28 16.43 29.89
CA GLY J 102 -38.19 17.61 30.73
C GLY J 102 -37.54 17.32 32.06
N ILE J 103 -37.01 18.37 32.68
CA ILE J 103 -36.44 18.28 34.02
C ILE J 103 -36.58 19.63 34.71
N LEU J 104 -36.93 19.61 36.01
CA LEU J 104 -37.29 20.80 36.76
C LEU J 104 -36.78 20.69 38.20
N LYS J 105 -36.26 21.80 38.72
CA LYS J 105 -35.86 21.89 40.12
C LYS J 105 -36.86 22.76 40.85
N HIS J 106 -37.47 22.21 41.91
CA HIS J 106 -38.54 22.91 42.58
C HIS J 106 -38.84 22.26 43.93
N GLY J 107 -39.06 23.09 44.94
CA GLY J 107 -39.50 22.63 46.26
C GLY J 107 -38.63 21.56 46.89
N GLY J 108 -37.31 21.70 46.78
CA GLY J 108 -36.38 20.70 47.27
C GLY J 108 -36.38 19.39 46.52
N ARG J 109 -37.00 19.33 45.36
CA ARG J 109 -37.12 18.09 44.62
C ARG J 109 -36.73 18.31 43.17
N LEU J 110 -36.32 17.22 42.53
CA LEU J 110 -36.04 17.17 41.10
C LEU J 110 -37.16 16.41 40.41
N TRP J 111 -37.73 17.00 39.37
CA TRP J 111 -38.94 16.49 38.74
C TRP J 111 -38.67 16.16 37.27
N THR J 112 -39.10 14.98 36.85
CA THR J 112 -39.08 14.59 35.46
C THR J 112 -40.45 14.05 35.11
N TYR J 113 -40.64 13.71 33.85
CA TYR J 113 -41.89 13.10 33.40
C TYR J 113 -41.72 11.60 33.24
N HIS J 114 -42.82 10.88 33.46
CA HIS J 114 -42.82 9.44 33.24
C HIS J 114 -44.22 9.02 32.80
N GLY J 115 -44.32 7.75 32.39
CA GLY J 115 -45.56 7.22 31.86
C GLY J 115 -45.50 7.09 30.35
N GLU J 116 -46.66 7.12 29.70
CA GLU J 116 -46.77 7.04 28.25
C GLU J 116 -47.51 8.28 27.74
N THR J 117 -46.97 8.92 26.70
CA THR J 117 -47.71 9.97 26.04
C THR J 117 -48.95 9.37 25.37
N PRO J 118 -50.06 10.12 25.31
CA PRO J 118 -50.28 11.49 25.75
C PRO J 118 -50.73 11.60 27.21
N ASN J 119 -50.31 10.66 28.06
CA ASN J 119 -50.75 10.60 29.45
C ASN J 119 -49.58 10.66 30.42
N ALA J 120 -48.45 11.23 29.99
CA ALA J 120 -47.29 11.34 30.85
C ALA J 120 -47.56 12.34 31.97
N THR J 121 -47.01 12.07 33.15
CA THR J 121 -47.21 12.92 34.32
C THR J 121 -45.86 13.15 35.00
N THR J 122 -45.84 14.01 36.00
CA THR J 122 -44.58 14.35 36.66
C THR J 122 -44.36 13.47 37.89
N ASP J 123 -43.08 13.22 38.19
CA ASP J 123 -42.67 12.55 39.41
C ASP J 123 -41.33 13.13 39.85
N TYR J 124 -40.93 12.78 41.07
CA TYR J 124 -39.86 13.48 41.79
C TYR J 124 -38.82 12.53 42.35
N SER J 125 -37.61 13.08 42.52
CA SER J 125 -36.51 12.49 43.27
C SER J 125 -36.10 13.51 44.34
N THR J 126 -35.79 13.01 45.54
CA THR J 126 -35.51 13.89 46.67
C THR J 126 -34.01 14.17 46.77
N THR J 127 -33.68 15.25 47.46
CA THR J 127 -32.30 15.69 47.63
C THR J 127 -32.23 16.68 48.78
N SER J 128 -31.09 16.69 49.46
CA SER J 128 -30.80 17.65 50.51
C SER J 128 -30.12 18.90 49.99
N ASN J 129 -29.62 18.87 48.75
CA ASN J 129 -28.81 19.94 48.15
C ASN J 129 -29.35 20.17 46.74
N LEU J 130 -30.43 20.96 46.62
CA LEU J 130 -31.11 21.07 45.34
C LEU J 130 -30.43 22.07 44.40
N ASN J 131 -30.19 23.29 44.89
CA ASN J 131 -29.68 24.38 44.05
C ASN J 131 -28.36 24.03 43.35
N GLU J 132 -27.57 23.10 43.88
CA GLU J 132 -26.27 22.76 43.30
C GLU J 132 -26.35 21.70 42.22
N ILE J 133 -27.53 21.14 41.96
CA ILE J 133 -27.69 20.26 40.81
C ILE J 133 -27.46 21.09 39.55
N SER J 134 -26.53 20.67 38.73
CA SER J 134 -26.32 21.28 37.43
C SER J 134 -26.61 20.25 36.35
N VAL J 135 -26.92 20.75 35.15
CA VAL J 135 -27.55 19.97 34.10
C VAL J 135 -26.82 20.20 32.79
N THR J 136 -26.43 19.11 32.14
CA THR J 136 -25.85 19.11 30.80
C THR J 136 -26.87 18.50 29.84
N THR J 137 -27.25 19.26 28.83
CA THR J 137 -28.11 18.77 27.75
C THR J 137 -27.27 18.39 26.54
N TYR J 138 -27.72 17.35 25.83
CA TYR J 138 -27.07 16.91 24.60
C TYR J 138 -27.94 17.13 23.38
N ALA J 139 -29.00 17.92 23.51
CA ALA J 139 -29.80 18.36 22.36
C ALA J 139 -30.34 19.75 22.68
N GLU J 140 -31.11 20.30 21.74
CA GLU J 140 -31.75 21.58 21.94
C GLU J 140 -32.80 21.50 23.03
N PHE J 141 -32.94 22.59 23.79
CA PHE J 141 -33.98 22.69 24.80
C PHE J 141 -34.61 24.08 24.77
N TYR J 142 -35.85 24.13 25.25
CA TYR J 142 -36.60 25.36 25.54
C TYR J 142 -36.76 25.47 27.05
N ILE J 143 -37.00 26.70 27.52
CA ILE J 143 -37.17 27.00 28.94
C ILE J 143 -38.63 27.37 29.17
N ILE J 144 -39.23 26.83 30.23
CA ILE J 144 -40.65 27.04 30.49
C ILE J 144 -40.87 27.26 31.99
N PRO J 145 -41.31 28.45 32.42
CA PRO J 145 -41.48 28.70 33.86
C PRO J 145 -42.49 27.75 34.48
N ARG J 146 -42.20 27.31 35.72
CA ARG J 146 -43.08 26.38 36.41
C ARG J 146 -44.52 26.87 36.44
N SER J 147 -44.71 28.19 36.48
CA SER J 147 -46.08 28.73 36.45
C SER J 147 -46.82 28.34 35.17
N GLN J 148 -46.08 27.97 34.11
CA GLN J 148 -46.68 27.52 32.85
C GLN J 148 -46.51 26.01 32.65
N GLU J 149 -46.39 25.27 33.75
CA GLU J 149 -46.17 23.82 33.67
C GLU J 149 -47.22 23.13 32.83
N SER J 150 -48.48 23.61 32.88
CA SER J 150 -49.55 22.96 32.13
C SER J 150 -49.26 22.98 30.63
N LYS J 151 -48.63 24.05 30.14
CA LYS J 151 -48.19 24.05 28.75
C LYS J 151 -47.13 22.97 28.52
N CYS J 152 -46.12 22.94 29.40
CA CYS J 152 -45.03 21.98 29.27
C CYS J 152 -45.56 20.55 29.18
N THR J 153 -46.43 20.17 30.12
CA THR J 153 -47.05 18.84 30.09
C THR J 153 -47.68 18.59 28.74
N GLU J 154 -48.44 19.56 28.22
CA GLU J 154 -49.04 19.45 26.90
C GLU J 154 -47.98 19.17 25.84
N TYR J 155 -46.89 19.93 25.84
CA TYR J 155 -45.81 19.69 24.89
C TYR J 155 -45.24 18.29 25.07
N ILE J 156 -45.13 17.84 26.33
CA ILE J 156 -44.61 16.51 26.59
C ILE J 156 -45.46 15.47 25.87
N ASN J 157 -46.77 15.72 25.79
CA ASN J 157 -47.72 14.66 25.48
C ASN J 157 -48.18 14.67 24.04
N THR J 158 -48.20 15.84 23.37
CA THR J 158 -48.65 15.94 21.99
C THR J 158 -47.68 16.71 21.11
N GLY J 159 -46.57 17.21 21.64
CA GLY J 159 -45.49 17.76 20.84
C GLY J 159 -45.47 19.28 20.82
N LEU J 160 -44.44 19.81 20.16
CA LEU J 160 -44.30 21.25 20.00
C LEU J 160 -45.22 21.80 18.93
N VAL K 1 -26.30 2.11 -22.73
CA VAL K 1 -27.75 1.99 -22.81
C VAL K 1 -28.24 0.80 -21.97
N LEU K 2 -27.41 -0.24 -21.85
CA LEU K 2 -27.79 -1.47 -21.18
C LEU K 2 -26.59 -2.05 -20.44
N ASP K 3 -26.77 -2.29 -19.13
CA ASP K 3 -25.74 -2.90 -18.29
C ASP K 3 -26.00 -4.41 -18.23
N GLY K 4 -25.08 -5.18 -18.81
CA GLY K 4 -25.21 -6.61 -18.89
C GLY K 4 -24.65 -7.11 -20.20
N PRO K 5 -24.88 -8.38 -20.53
CA PRO K 5 -25.56 -9.39 -19.70
C PRO K 5 -24.67 -10.10 -18.68
N TYR K 6 -25.23 -10.37 -17.51
CA TYR K 6 -24.60 -11.20 -16.49
C TYR K 6 -25.06 -12.64 -16.65
N GLN K 7 -24.21 -13.58 -16.21
CA GLN K 7 -24.53 -15.00 -16.24
C GLN K 7 -25.27 -15.42 -14.98
N PRO K 8 -25.91 -16.58 -14.98
CA PRO K 8 -26.60 -17.05 -13.77
C PRO K 8 -25.68 -17.05 -12.56
N VAL K 9 -26.16 -16.47 -11.46
CA VAL K 9 -25.39 -16.42 -10.22
C VAL K 9 -26.36 -16.36 -9.06
N ALA K 10 -25.87 -16.73 -7.87
CA ALA K 10 -26.50 -16.43 -6.60
C ALA K 10 -25.79 -15.22 -6.02
N PHE K 11 -26.55 -14.15 -5.74
CA PHE K 11 -25.96 -12.96 -5.14
C PHE K 11 -27.03 -12.18 -4.40
N LYS K 12 -26.58 -11.26 -3.54
CA LYS K 12 -27.47 -10.37 -2.79
C LYS K 12 -27.55 -9.04 -3.52
N PRO K 13 -28.62 -8.76 -4.25
CA PRO K 13 -28.68 -7.52 -5.01
C PRO K 13 -28.74 -6.31 -4.07
N PRO K 14 -28.16 -5.20 -4.46
CA PRO K 14 -28.41 -3.97 -3.72
C PRO K 14 -29.85 -3.54 -3.95
N ASN K 15 -30.34 -2.73 -3.03
CA ASN K 15 -31.67 -2.16 -3.21
C ASN K 15 -31.66 -1.18 -4.38
N ASP K 16 -32.83 -1.06 -5.02
CA ASP K 16 -33.14 -0.08 -6.08
C ASP K 16 -32.53 -0.43 -7.42
N TYR K 17 -32.42 -1.72 -7.73
CA TYR K 17 -31.98 -2.20 -9.03
C TYR K 17 -32.92 -3.30 -9.49
N TRP K 18 -33.53 -3.10 -10.65
CA TRP K 18 -34.28 -4.17 -11.30
C TRP K 18 -33.33 -5.23 -11.84
N ILE K 19 -33.63 -6.48 -11.55
CA ILE K 19 -32.90 -7.63 -12.07
C ILE K 19 -33.78 -8.26 -13.16
N LEU K 20 -33.49 -7.91 -14.40
CA LEU K 20 -34.31 -8.30 -15.55
C LEU K 20 -33.71 -9.55 -16.17
N VAL K 21 -34.33 -10.70 -15.88
CA VAL K 21 -33.82 -11.97 -16.38
C VAL K 21 -34.33 -12.22 -17.79
N ASN K 22 -33.45 -12.75 -18.64
CA ASN K 22 -33.77 -13.14 -20.01
C ASN K 22 -34.02 -14.63 -20.05
N SER K 23 -35.27 -15.02 -19.81
CA SER K 23 -35.62 -16.42 -19.67
C SER K 23 -35.69 -17.10 -21.03
N ASN K 24 -35.11 -18.29 -21.13
CA ASN K 24 -35.13 -19.09 -22.36
C ASN K 24 -35.78 -20.45 -22.17
N SER K 25 -35.40 -21.20 -21.13
CA SER K 25 -35.89 -22.56 -20.90
C SER K 25 -37.25 -22.55 -20.22
N ASN K 26 -37.64 -23.71 -19.67
CA ASN K 26 -38.96 -23.90 -19.12
C ASN K 26 -38.90 -24.21 -17.63
N GLY K 27 -37.78 -23.97 -16.98
CA GLY K 27 -37.60 -24.40 -15.62
C GLY K 27 -37.79 -23.28 -14.61
N VAL K 28 -37.09 -23.39 -13.49
CA VAL K 28 -37.04 -22.32 -12.52
C VAL K 28 -36.24 -21.17 -13.13
N VAL K 29 -36.90 -20.02 -13.33
CA VAL K 29 -36.20 -18.88 -13.89
C VAL K 29 -35.36 -18.17 -12.83
N LEU K 30 -35.81 -18.19 -11.58
CA LEU K 30 -35.40 -17.23 -10.58
C LEU K 30 -35.95 -17.68 -9.23
N GLU K 31 -35.15 -17.53 -8.19
CA GLU K 31 -35.66 -17.77 -6.85
C GLU K 31 -34.99 -16.79 -5.90
N GLY K 32 -35.67 -16.48 -4.82
CA GLY K 32 -35.13 -15.50 -3.87
C GLY K 32 -35.62 -15.78 -2.48
N THR K 33 -34.76 -15.52 -1.50
CA THR K 33 -35.18 -15.66 -0.11
C THR K 33 -34.22 -14.92 0.80
N ASN K 34 -34.73 -14.56 1.98
CA ASN K 34 -33.92 -14.09 3.10
C ASN K 34 -33.91 -15.09 4.25
N ASN K 35 -34.49 -16.27 4.03
CA ASN K 35 -34.52 -17.35 5.00
C ASN K 35 -35.27 -16.98 6.29
N THR K 36 -35.99 -15.86 6.29
CA THR K 36 -36.81 -15.53 7.45
C THR K 36 -38.30 -15.49 7.10
N ASP K 37 -38.73 -14.64 6.16
CA ASP K 37 -40.15 -14.53 5.89
C ASP K 37 -40.50 -14.38 4.40
N VAL K 38 -39.59 -14.67 3.47
CA VAL K 38 -39.89 -14.57 2.04
C VAL K 38 -39.19 -15.69 1.29
N TRP K 39 -39.98 -16.54 0.63
CA TRP K 39 -39.49 -17.51 -0.36
C TRP K 39 -40.27 -17.23 -1.64
N VAL K 40 -39.58 -16.70 -2.65
CA VAL K 40 -40.17 -16.41 -3.95
C VAL K 40 -39.45 -17.21 -5.03
N ALA K 41 -40.21 -17.82 -5.92
CA ALA K 41 -39.67 -18.56 -7.04
C ALA K 41 -40.56 -18.28 -8.23
N ILE K 42 -39.96 -18.10 -9.41
CA ILE K 42 -40.71 -17.87 -10.63
C ILE K 42 -40.51 -19.08 -11.55
N ILE K 43 -41.62 -19.65 -11.98
CA ILE K 43 -41.68 -20.91 -12.71
C ILE K 43 -42.18 -20.63 -14.12
N SER K 44 -41.45 -21.14 -15.11
CA SER K 44 -41.77 -20.90 -16.51
C SER K 44 -42.55 -22.08 -17.09
N ILE K 45 -43.60 -21.78 -17.86
CA ILE K 45 -44.35 -22.77 -18.61
C ILE K 45 -44.50 -22.30 -20.05
N GLU K 46 -44.15 -23.18 -20.99
CA GLU K 46 -44.19 -22.87 -22.42
C GLU K 46 -45.63 -22.71 -22.90
N PRO K 47 -45.82 -22.16 -24.10
CA PRO K 47 -47.19 -21.98 -24.61
C PRO K 47 -47.92 -23.30 -24.81
N ASN K 48 -49.25 -23.21 -24.76
CA ASN K 48 -50.16 -24.30 -25.18
C ASN K 48 -49.91 -25.57 -24.37
N VAL K 49 -50.15 -25.48 -23.07
CA VAL K 49 -49.96 -26.60 -22.14
C VAL K 49 -51.26 -26.77 -21.36
N ASN K 50 -51.89 -27.94 -21.47
CA ASN K 50 -53.07 -28.24 -20.68
C ASN K 50 -52.66 -28.63 -19.26
N SER K 51 -53.64 -28.58 -18.36
CA SER K 51 -53.39 -28.73 -16.92
C SER K 51 -52.78 -30.09 -16.59
N GLU K 52 -51.62 -30.06 -15.92
CA GLU K 52 -50.91 -31.28 -15.52
C GLU K 52 -49.92 -30.90 -14.44
N SER K 53 -49.35 -31.91 -13.79
CA SER K 53 -48.40 -31.71 -12.70
C SER K 53 -46.98 -31.90 -13.19
N ARG K 54 -46.08 -31.02 -12.73
CA ARG K 54 -44.67 -31.10 -13.07
C ARG K 54 -43.83 -31.00 -11.81
N GLN K 55 -42.55 -31.31 -11.94
CA GLN K 55 -41.61 -31.23 -10.82
C GLN K 55 -40.69 -30.04 -10.99
N TYR K 56 -40.33 -29.41 -9.86
CA TYR K 56 -39.43 -28.27 -9.85
C TYR K 56 -38.58 -28.33 -8.59
N SER K 57 -37.33 -27.89 -8.70
CA SER K 57 -36.40 -27.88 -7.58
C SER K 57 -36.40 -26.48 -6.98
N LEU K 58 -36.95 -26.34 -5.77
CA LEU K 58 -37.08 -25.06 -5.10
C LEU K 58 -36.27 -25.09 -3.81
N PHE K 59 -35.24 -24.26 -3.75
CA PHE K 59 -34.45 -24.07 -2.53
C PHE K 59 -33.97 -25.40 -1.95
N GLY K 60 -33.58 -26.33 -2.84
CA GLY K 60 -33.04 -27.61 -2.46
C GLY K 60 -34.05 -28.71 -2.18
N VAL K 61 -35.34 -28.45 -2.38
CA VAL K 61 -36.39 -29.43 -2.15
C VAL K 61 -37.16 -29.62 -3.45
N ASN K 62 -37.42 -30.87 -3.82
CA ASN K 62 -38.19 -31.17 -5.02
C ASN K 62 -39.69 -31.10 -4.72
N LYS K 63 -40.41 -30.31 -5.53
CA LYS K 63 -41.83 -30.08 -5.34
C LYS K 63 -42.60 -30.46 -6.59
N GLN K 64 -43.80 -30.99 -6.40
CA GLN K 64 -44.73 -31.28 -7.49
C GLN K 64 -45.81 -30.20 -7.49
N ILE K 65 -45.95 -29.49 -8.62
CA ILE K 65 -46.83 -28.34 -8.74
C ILE K 65 -47.70 -28.52 -9.96
N THR K 66 -48.98 -28.19 -9.82
CA THR K 66 -49.92 -28.24 -10.94
C THR K 66 -49.81 -26.95 -11.74
N VAL K 67 -49.69 -27.09 -13.06
CA VAL K 67 -49.49 -25.98 -13.97
C VAL K 67 -50.42 -26.16 -15.15
N VAL K 68 -50.72 -25.04 -15.81
CA VAL K 68 -51.59 -25.01 -16.98
C VAL K 68 -51.31 -23.72 -17.73
N ASN K 69 -51.29 -23.80 -19.06
CA ASN K 69 -51.08 -22.60 -19.88
C ASN K 69 -51.66 -22.87 -21.28
N THR K 70 -52.89 -22.41 -21.50
CA THR K 70 -53.57 -22.57 -22.79
C THR K 70 -53.25 -21.44 -23.76
N SER K 71 -52.49 -20.44 -23.31
CA SER K 71 -52.13 -19.30 -24.15
C SER K 71 -50.97 -19.66 -25.08
N ASN K 72 -50.83 -18.86 -26.14
CA ASN K 72 -49.66 -18.95 -26.99
C ASN K 72 -48.47 -18.18 -26.45
N LYS K 73 -48.65 -17.47 -25.33
CA LYS K 73 -47.57 -16.78 -24.65
C LYS K 73 -46.99 -17.69 -23.58
N TRP K 74 -45.80 -17.32 -23.09
CA TRP K 74 -45.22 -18.03 -21.97
C TRP K 74 -45.85 -17.55 -20.68
N LYS K 75 -45.96 -18.46 -19.71
CA LYS K 75 -46.63 -18.20 -18.43
C LYS K 75 -45.62 -18.33 -17.31
N PHE K 76 -45.44 -17.24 -16.56
CA PHE K 76 -44.54 -17.21 -15.41
C PHE K 76 -45.39 -17.16 -14.15
N MET K 77 -45.44 -18.30 -13.45
CA MET K 77 -46.15 -18.42 -12.19
C MET K 77 -45.22 -18.01 -11.05
N GLU K 78 -45.72 -17.17 -10.15
CA GLU K 78 -44.95 -16.72 -8.98
C GLU K 78 -45.36 -17.56 -7.77
N MET K 79 -44.49 -18.48 -7.37
CA MET K 79 -44.67 -19.26 -6.16
C MET K 79 -44.11 -18.50 -4.97
N PHE K 80 -44.86 -18.46 -3.88
CA PHE K 80 -44.51 -17.65 -2.72
C PHE K 80 -44.87 -18.39 -1.45
N ARG K 81 -44.08 -18.15 -0.40
CA ARG K 81 -44.46 -18.56 0.96
C ARG K 81 -43.67 -17.70 1.93
N ASN K 82 -44.20 -17.53 3.14
CA ASN K 82 -43.58 -16.68 4.14
C ASN K 82 -43.12 -17.42 5.39
N ASN K 83 -43.04 -18.75 5.35
CA ASN K 83 -42.52 -19.52 6.48
C ASN K 83 -41.92 -20.80 5.92
N SER K 84 -40.79 -21.21 6.51
CA SER K 84 -40.07 -22.37 6.01
C SER K 84 -40.86 -23.67 6.12
N ASN K 85 -41.89 -23.72 6.95
CA ASN K 85 -42.65 -24.94 7.20
C ASN K 85 -43.89 -25.09 6.32
N ALA K 86 -44.20 -24.10 5.50
CA ALA K 86 -45.41 -24.13 4.69
C ALA K 86 -45.09 -24.51 3.25
N GLU K 87 -46.13 -24.78 2.48
CA GLU K 87 -46.02 -25.06 1.07
C GLU K 87 -46.11 -23.77 0.27
N PHE K 88 -45.71 -23.86 -1.00
CA PHE K 88 -45.74 -22.69 -1.89
C PHE K 88 -47.12 -22.48 -2.47
N GLN K 89 -47.50 -21.22 -2.63
CA GLN K 89 -48.77 -20.86 -3.22
C GLN K 89 -48.52 -20.07 -4.51
N HIS K 90 -49.39 -20.28 -5.49
CA HIS K 90 -49.38 -19.50 -6.73
C HIS K 90 -49.95 -18.12 -6.43
N LYS K 91 -49.07 -17.15 -6.24
CA LYS K 91 -49.45 -15.82 -5.80
C LYS K 91 -49.89 -14.92 -6.96
N ARG K 92 -49.12 -14.91 -8.05
CA ARG K 92 -49.40 -14.04 -9.18
C ARG K 92 -48.93 -14.71 -10.47
N THR K 93 -49.30 -14.08 -11.60
CA THR K 93 -49.06 -14.64 -12.92
C THR K 93 -48.65 -13.52 -13.88
N LEU K 94 -47.62 -13.80 -14.68
CA LEU K 94 -47.20 -12.91 -15.77
C LEU K 94 -47.29 -13.68 -17.07
N THR K 95 -48.05 -13.15 -18.03
CA THR K 95 -48.25 -13.80 -19.32
C THR K 95 -47.57 -12.97 -20.40
N SER K 96 -46.55 -13.53 -21.04
CA SER K 96 -45.56 -12.72 -21.74
C SER K 96 -45.09 -13.38 -23.03
N SER K 97 -44.95 -12.57 -24.07
CA SER K 97 -44.32 -13.01 -25.31
C SER K 97 -42.86 -12.61 -25.41
N THR K 98 -42.39 -11.73 -24.52
CA THR K 98 -41.00 -11.31 -24.50
C THR K 98 -40.13 -12.15 -23.60
N LYS K 99 -40.73 -12.93 -22.70
CA LYS K 99 -40.05 -13.85 -21.78
C LYS K 99 -39.10 -13.14 -20.81
N LEU K 100 -39.30 -11.85 -20.57
CA LEU K 100 -38.48 -11.08 -19.64
C LEU K 100 -39.14 -11.08 -18.27
N VAL K 101 -38.36 -11.42 -17.24
CA VAL K 101 -38.85 -11.56 -15.87
C VAL K 101 -38.04 -10.64 -14.97
N GLY K 102 -38.73 -9.85 -14.15
CA GLY K 102 -38.05 -8.91 -13.27
C GLY K 102 -38.25 -9.09 -11.79
N ILE K 103 -37.30 -8.59 -10.99
CA ILE K 103 -37.45 -8.53 -9.55
C ILE K 103 -36.66 -7.34 -9.02
N LEU K 104 -37.22 -6.69 -7.99
CA LEU K 104 -36.65 -5.48 -7.43
C LEU K 104 -36.73 -5.54 -5.91
N LYS K 105 -35.75 -4.90 -5.26
CA LYS K 105 -35.77 -4.68 -3.81
C LYS K 105 -35.88 -3.18 -3.57
N HIS K 106 -37.04 -2.74 -3.06
CA HIS K 106 -37.25 -1.31 -2.90
C HIS K 106 -38.31 -1.03 -1.84
N GLY K 107 -38.06 0.01 -1.04
CA GLY K 107 -39.01 0.52 -0.08
C GLY K 107 -39.60 -0.50 0.87
N GLY K 108 -38.74 -1.28 1.53
CA GLY K 108 -39.21 -2.33 2.43
C GLY K 108 -40.00 -3.43 1.76
N ARG K 109 -40.04 -3.46 0.44
CA ARG K 109 -40.88 -4.42 -0.28
C ARG K 109 -40.12 -5.07 -1.43
N LEU K 110 -40.62 -6.26 -1.79
CA LEU K 110 -40.10 -7.06 -2.90
C LEU K 110 -41.05 -6.90 -4.07
N TRP K 111 -40.53 -6.46 -5.22
CA TRP K 111 -41.36 -6.11 -6.37
C TRP K 111 -41.14 -7.07 -7.54
N THR K 112 -42.25 -7.39 -8.23
CA THR K 112 -42.21 -8.21 -9.45
C THR K 112 -43.28 -7.69 -10.42
N TYR K 113 -43.28 -8.25 -11.63
CA TYR K 113 -44.23 -7.88 -12.67
C TYR K 113 -45.33 -8.94 -12.80
N HIS K 114 -46.53 -8.49 -13.14
CA HIS K 114 -47.63 -9.40 -13.41
C HIS K 114 -48.54 -8.76 -14.46
N GLY K 115 -49.58 -9.51 -14.86
CA GLY K 115 -50.48 -9.09 -15.92
C GLY K 115 -50.14 -9.74 -17.25
N GLU K 116 -50.63 -9.13 -18.33
CA GLU K 116 -50.32 -9.58 -19.68
C GLU K 116 -49.55 -8.51 -20.42
N THR K 117 -48.42 -8.89 -21.02
CA THR K 117 -47.71 -7.98 -21.90
C THR K 117 -48.60 -7.65 -23.11
N PRO K 118 -48.58 -6.40 -23.61
CA PRO K 118 -47.71 -5.29 -23.22
C PRO K 118 -48.26 -4.42 -22.09
N ASN K 119 -49.07 -4.99 -21.21
CA ASN K 119 -49.72 -4.21 -20.15
C ASN K 119 -49.36 -4.75 -18.76
N ALA K 120 -48.20 -5.39 -18.65
CA ALA K 120 -47.71 -5.81 -17.34
C ALA K 120 -47.47 -4.60 -16.44
N THR K 121 -47.74 -4.78 -15.14
CA THR K 121 -47.48 -3.74 -14.14
C THR K 121 -46.80 -4.40 -12.94
N THR K 122 -46.29 -3.56 -12.03
CA THR K 122 -45.55 -4.07 -10.88
C THR K 122 -46.47 -4.27 -9.69
N ASP K 123 -46.13 -5.25 -8.85
CA ASP K 123 -46.79 -5.49 -7.57
C ASP K 123 -45.76 -5.96 -6.55
N TYR K 124 -46.19 -6.05 -5.29
CA TYR K 124 -45.24 -6.20 -4.20
C TYR K 124 -45.64 -7.29 -3.22
N SER K 125 -44.62 -7.81 -2.53
CA SER K 125 -44.75 -8.62 -1.34
C SER K 125 -44.09 -7.88 -0.18
N THR K 126 -44.67 -8.06 1.01
CA THR K 126 -44.20 -7.41 2.23
C THR K 126 -43.14 -8.26 2.93
N THR K 127 -42.24 -7.58 3.63
CA THR K 127 -41.13 -8.24 4.32
C THR K 127 -40.64 -7.39 5.47
N SER K 128 -40.25 -8.03 6.55
CA SER K 128 -39.52 -7.35 7.63
C SER K 128 -38.00 -7.46 7.47
N ASN K 129 -37.53 -8.18 6.46
CA ASN K 129 -36.11 -8.46 6.28
C ASN K 129 -35.71 -8.29 4.81
N LEU K 130 -35.99 -7.10 4.24
CA LEU K 130 -35.77 -6.90 2.82
C LEU K 130 -34.29 -7.10 2.43
N ASN K 131 -33.39 -6.38 3.10
CA ASN K 131 -32.00 -6.28 2.64
C ASN K 131 -31.33 -7.64 2.48
N GLU K 132 -31.75 -8.64 3.24
CA GLU K 132 -31.11 -9.95 3.25
C GLU K 132 -31.73 -10.93 2.25
N ILE K 133 -32.67 -10.48 1.42
CA ILE K 133 -33.16 -11.29 0.32
C ILE K 133 -32.04 -11.40 -0.71
N SER K 134 -31.53 -12.61 -0.90
CA SER K 134 -30.59 -12.88 -1.98
C SER K 134 -31.31 -13.68 -3.06
N VAL K 135 -30.85 -13.49 -4.29
CA VAL K 135 -31.54 -13.90 -5.50
C VAL K 135 -30.63 -14.79 -6.32
N THR K 136 -31.17 -15.91 -6.79
CA THR K 136 -30.50 -16.88 -7.65
C THR K 136 -31.23 -16.91 -8.98
N THR K 137 -30.56 -16.43 -10.03
CA THR K 137 -31.08 -16.49 -11.39
C THR K 137 -30.50 -17.71 -12.12
N TYR K 138 -31.35 -18.35 -12.93
CA TYR K 138 -30.91 -19.46 -13.76
C TYR K 138 -30.90 -19.10 -15.24
N ALA K 139 -30.98 -17.81 -15.58
CA ALA K 139 -30.79 -17.34 -16.94
C ALA K 139 -30.03 -16.02 -16.89
N GLU K 140 -29.50 -15.61 -18.04
CA GLU K 140 -28.79 -14.33 -18.12
C GLU K 140 -29.69 -13.19 -17.70
N PHE K 141 -29.09 -12.16 -17.11
CA PHE K 141 -29.90 -11.02 -16.71
C PHE K 141 -29.18 -9.70 -16.99
N TYR K 142 -29.96 -8.64 -16.90
CA TYR K 142 -29.48 -7.28 -16.94
C TYR K 142 -29.92 -6.60 -15.66
N ILE K 143 -29.38 -5.40 -15.44
CA ILE K 143 -29.63 -4.62 -14.23
C ILE K 143 -29.99 -3.22 -14.67
N ILE K 144 -31.14 -2.73 -14.23
CA ILE K 144 -31.61 -1.40 -14.60
C ILE K 144 -31.86 -0.61 -13.32
N PRO K 145 -31.28 0.59 -13.18
CA PRO K 145 -31.57 1.41 -12.00
C PRO K 145 -33.06 1.71 -11.89
N ARG K 146 -33.55 1.79 -10.65
CA ARG K 146 -34.97 2.03 -10.43
C ARG K 146 -35.38 3.39 -10.99
N SER K 147 -34.45 4.34 -11.05
CA SER K 147 -34.70 5.64 -11.66
C SER K 147 -35.01 5.54 -13.15
N GLN K 148 -34.83 4.38 -13.77
CA GLN K 148 -35.27 4.13 -15.15
C GLN K 148 -36.18 2.91 -15.21
N GLU K 149 -37.01 2.74 -14.17
CA GLU K 149 -37.97 1.63 -14.16
C GLU K 149 -38.91 1.70 -15.35
N SER K 150 -39.24 2.91 -15.82
CA SER K 150 -40.13 3.01 -16.98
C SER K 150 -39.50 2.39 -18.21
N LYS K 151 -38.16 2.39 -18.31
CA LYS K 151 -37.51 1.61 -19.37
C LYS K 151 -37.63 0.12 -19.10
N CYS K 152 -37.40 -0.29 -17.85
CA CYS K 152 -37.64 -1.68 -17.47
C CYS K 152 -39.06 -2.10 -17.79
N THR K 153 -40.04 -1.34 -17.29
CA THR K 153 -41.43 -1.58 -17.65
C THR K 153 -41.61 -1.65 -19.15
N GLU K 154 -40.85 -0.84 -19.90
CA GLU K 154 -40.88 -0.92 -21.34
C GLU K 154 -40.40 -2.28 -21.83
N TYR K 155 -39.20 -2.69 -21.40
CA TYR K 155 -38.61 -3.94 -21.89
C TYR K 155 -39.52 -5.12 -21.59
N ILE K 156 -39.91 -5.27 -20.32
CA ILE K 156 -40.83 -6.31 -19.85
C ILE K 156 -42.00 -6.45 -20.82
N ASN K 157 -42.50 -5.34 -21.34
CA ASN K 157 -43.71 -5.39 -22.15
C ASN K 157 -43.46 -5.44 -23.65
N THR K 158 -42.28 -5.02 -24.13
CA THR K 158 -42.03 -4.97 -25.57
C THR K 158 -40.74 -5.66 -26.00
N GLY K 159 -39.88 -6.05 -25.06
CA GLY K 159 -38.66 -6.77 -25.39
C GLY K 159 -37.44 -5.86 -25.43
N LEU K 160 -36.32 -6.48 -25.72
CA LEU K 160 -35.04 -5.78 -25.76
C LEU K 160 -34.74 -5.22 -27.15
N VAL L 1 29.94 30.64 -6.46
CA VAL L 1 30.21 29.52 -5.57
C VAL L 1 29.97 29.93 -4.11
N LEU L 2 30.23 31.21 -3.80
CA LEU L 2 30.41 31.65 -2.42
C LEU L 2 29.76 33.02 -2.21
N ASP L 3 28.77 33.06 -1.33
CA ASP L 3 28.02 34.29 -1.06
C ASP L 3 28.81 35.18 -0.12
N GLY L 4 29.15 36.38 -0.58
CA GLY L 4 29.92 37.31 0.21
C GLY L 4 31.06 37.91 -0.60
N PRO L 5 31.90 38.74 0.02
CA PRO L 5 31.98 39.02 1.44
C PRO L 5 31.09 40.17 1.86
N TYR L 6 30.49 40.06 3.02
CA TYR L 6 29.72 41.17 3.57
C TYR L 6 30.56 41.88 4.62
N GLN L 7 30.30 43.18 4.78
CA GLN L 7 31.03 44.00 5.72
C GLN L 7 30.58 43.71 7.14
N PRO L 8 31.40 44.01 8.13
CA PRO L 8 31.02 43.74 9.53
C PRO L 8 29.72 44.43 9.91
N VAL L 9 28.78 43.65 10.45
CA VAL L 9 27.49 44.15 10.94
C VAL L 9 27.09 43.38 12.19
N ALA L 10 26.11 43.94 12.90
CA ALA L 10 25.29 43.20 13.85
C ALA L 10 23.96 42.89 13.18
N PHE L 11 23.57 41.62 13.19
CA PHE L 11 22.33 41.20 12.53
C PHE L 11 21.89 39.85 13.08
N LYS L 12 20.72 39.41 12.63
CA LYS L 12 20.13 38.14 13.02
C LYS L 12 20.32 37.15 11.88
N PRO L 13 21.27 36.22 11.98
CA PRO L 13 21.46 35.22 10.94
C PRO L 13 20.21 34.38 10.78
N PRO L 14 19.83 34.04 9.54
CA PRO L 14 18.74 33.09 9.35
C PRO L 14 19.19 31.67 9.69
N ASN L 15 18.23 30.84 10.09
CA ASN L 15 18.55 29.46 10.44
C ASN L 15 19.10 28.70 9.24
N ASP L 16 19.99 27.74 9.53
CA ASP L 16 20.60 26.85 8.55
C ASP L 16 21.55 27.57 7.60
N TYR L 17 22.17 28.66 8.05
CA TYR L 17 23.20 29.34 7.27
C TYR L 17 24.45 29.51 8.13
N TRP L 18 25.57 28.97 7.64
CA TRP L 18 26.87 29.22 8.24
C TRP L 18 27.31 30.63 7.91
N ILE L 19 27.69 31.38 8.94
CA ILE L 19 28.41 32.64 8.74
C ILE L 19 29.88 32.36 9.00
N LEU L 20 30.67 32.56 7.95
CA LEU L 20 32.09 32.25 7.92
C LEU L 20 32.84 33.58 7.95
N VAL L 21 33.28 33.98 9.14
CA VAL L 21 34.09 35.19 9.30
C VAL L 21 35.53 34.92 8.91
N ASN L 22 36.10 35.83 8.12
CA ASN L 22 37.51 35.83 7.72
C ASN L 22 38.21 36.85 8.61
N SER L 23 38.73 36.40 9.75
CA SER L 23 39.34 37.31 10.71
C SER L 23 40.72 37.77 10.25
N ASN L 24 41.12 38.96 10.70
CA ASN L 24 42.48 39.41 10.42
C ASN L 24 43.28 39.79 11.67
N SER L 25 42.70 40.64 12.52
CA SER L 25 43.38 41.19 13.68
C SER L 25 43.43 40.15 14.81
N ASN L 26 43.75 40.61 16.03
CA ASN L 26 43.87 39.74 17.19
C ASN L 26 42.87 40.09 18.30
N GLY L 27 41.75 40.72 17.97
CA GLY L 27 40.81 41.07 19.01
C GLY L 27 39.58 40.19 19.00
N VAL L 28 38.45 40.76 19.41
CA VAL L 28 37.17 40.08 19.28
C VAL L 28 36.85 39.89 17.80
N VAL L 29 36.72 38.64 17.37
CA VAL L 29 36.35 38.31 15.99
C VAL L 29 34.84 38.36 15.80
N LEU L 30 34.07 38.09 16.86
CA LEU L 30 32.64 37.80 16.73
C LEU L 30 32.05 37.68 18.13
N GLU L 31 30.83 38.18 18.30
CA GLU L 31 30.05 37.94 19.53
C GLU L 31 28.58 37.75 19.17
N GLY L 32 27.85 37.01 19.99
CA GLY L 32 26.44 36.76 19.74
C GLY L 32 25.66 36.56 21.02
N THR L 33 24.38 37.01 21.00
CA THR L 33 23.55 36.97 22.21
C THR L 33 22.06 37.12 21.87
N ASN L 34 21.24 36.39 22.64
CA ASN L 34 19.78 36.53 22.67
C ASN L 34 19.32 37.25 23.91
N ASN L 35 20.26 37.66 24.76
CA ASN L 35 19.98 38.40 25.98
C ASN L 35 19.24 37.55 26.99
N THR L 36 19.07 36.25 26.71
CA THR L 36 18.45 35.36 27.68
C THR L 36 19.39 34.28 28.18
N ASP L 37 19.89 33.39 27.31
CA ASP L 37 20.67 32.26 27.80
C ASP L 37 21.89 31.93 26.95
N VAL L 38 22.32 32.83 26.07
CA VAL L 38 23.53 32.62 25.28
C VAL L 38 24.29 33.94 25.19
N TRP L 39 25.58 33.88 25.54
CA TRP L 39 26.53 34.96 25.29
C TRP L 39 27.82 34.29 24.85
N VAL L 40 28.12 34.37 23.55
CA VAL L 40 29.34 33.79 23.01
C VAL L 40 30.16 34.90 22.37
N ALA L 41 31.48 34.82 22.52
CA ALA L 41 32.37 35.76 21.88
C ALA L 41 33.66 35.02 21.55
N ILE L 42 34.10 35.12 20.31
CA ILE L 42 35.30 34.45 19.84
C ILE L 42 36.44 35.45 19.80
N ILE L 43 37.55 35.12 20.47
CA ILE L 43 38.71 36.01 20.57
C ILE L 43 39.87 35.35 19.84
N SER L 44 40.58 36.13 19.01
CA SER L 44 41.73 35.63 18.28
C SER L 44 43.03 36.02 18.99
N ILE L 45 44.00 35.12 18.98
CA ILE L 45 45.35 35.36 19.47
C ILE L 45 46.33 34.95 18.40
N GLU L 46 47.18 35.90 18.00
CA GLU L 46 48.25 35.67 17.06
C GLU L 46 49.17 34.56 17.56
N PRO L 47 49.95 33.95 16.67
CA PRO L 47 50.81 32.83 17.08
C PRO L 47 51.93 33.26 18.02
N ASN L 48 52.49 32.24 18.69
CA ASN L 48 53.67 32.37 19.54
C ASN L 48 53.47 33.45 20.61
N VAL L 49 52.47 33.25 21.45
CA VAL L 49 52.20 34.16 22.56
C VAL L 49 52.36 33.39 23.86
N ASN L 50 53.23 33.90 24.74
CA ASN L 50 53.37 33.39 26.09
C ASN L 50 52.19 33.87 26.94
N SER L 51 51.93 33.14 28.03
CA SER L 51 50.73 33.39 28.84
C SER L 51 50.74 34.78 29.42
N GLU L 52 49.66 35.51 29.20
CA GLU L 52 49.55 36.87 29.74
C GLU L 52 48.09 37.21 29.97
N SER L 53 47.87 38.27 30.71
CA SER L 53 46.54 38.78 30.99
C SER L 53 46.23 39.91 30.02
N ARG L 54 45.12 39.76 29.28
CA ARG L 54 44.69 40.74 28.28
C ARG L 54 43.24 41.14 28.55
N GLN L 55 42.91 42.38 28.22
CA GLN L 55 41.55 42.89 28.35
C GLN L 55 40.81 42.80 27.03
N TYR L 56 39.47 42.75 27.09
CA TYR L 56 38.66 42.71 25.88
C TYR L 56 37.35 43.38 26.21
N SER L 57 36.71 43.96 25.20
CA SER L 57 35.38 44.54 25.39
C SER L 57 34.34 43.56 24.87
N LEU L 58 33.62 42.92 25.78
CA LEU L 58 32.61 41.93 25.47
C LEU L 58 31.26 42.54 25.83
N PHE L 59 30.42 42.77 24.81
CA PHE L 59 29.09 43.35 25.01
C PHE L 59 29.18 44.64 25.81
N GLY L 60 30.20 45.44 25.54
CA GLY L 60 30.37 46.72 26.18
C GLY L 60 31.04 46.70 27.53
N VAL L 61 31.48 45.54 28.00
CA VAL L 61 32.08 45.39 29.33
C VAL L 61 33.49 44.85 29.18
N ASN L 62 34.46 45.52 29.82
CA ASN L 62 35.84 45.09 29.73
C ASN L 62 36.11 43.92 30.67
N LYS L 63 36.68 42.84 30.12
CA LYS L 63 36.98 41.63 30.86
C LYS L 63 38.47 41.33 30.76
N GLN L 64 39.01 40.80 31.86
CA GLN L 64 40.40 40.37 31.95
C GLN L 64 40.45 38.87 31.73
N ILE L 65 41.29 38.44 30.79
CA ILE L 65 41.30 37.05 30.33
C ILE L 65 42.76 36.61 30.13
N THR L 66 43.11 35.46 30.68
CA THR L 66 44.45 34.91 30.54
C THR L 66 44.53 34.11 29.24
N VAL L 67 45.50 34.44 28.39
CA VAL L 67 45.65 33.83 27.07
C VAL L 67 47.05 33.26 26.93
N VAL L 68 47.15 32.27 26.05
CA VAL L 68 48.41 31.60 25.75
C VAL L 68 48.24 30.93 24.39
N ASN L 69 49.29 30.98 23.57
CA ASN L 69 49.27 30.29 22.28
C ASN L 69 50.73 30.15 21.84
N THR L 70 51.30 28.97 22.08
CA THR L 70 52.67 28.71 21.68
C THR L 70 52.75 28.10 20.29
N SER L 71 51.62 28.04 19.58
CA SER L 71 51.56 27.41 18.29
C SER L 71 52.03 28.37 17.20
N ASN L 72 52.43 27.82 16.05
CA ASN L 72 52.62 28.66 14.88
C ASN L 72 51.29 29.06 14.24
N LYS L 73 50.19 28.45 14.66
CA LYS L 73 48.86 28.76 14.15
C LYS L 73 48.14 29.74 15.07
N TRP L 74 47.08 30.36 14.54
CA TRP L 74 46.27 31.30 15.28
C TRP L 74 45.33 30.56 16.22
N LYS L 75 45.14 31.13 17.41
CA LYS L 75 44.32 30.52 18.44
C LYS L 75 43.02 31.29 18.60
N PHE L 76 41.90 30.64 18.35
CA PHE L 76 40.58 31.25 18.46
C PHE L 76 39.88 30.64 19.66
N MET L 77 39.71 31.45 20.70
CA MET L 77 39.15 31.03 21.99
C MET L 77 37.67 31.37 22.03
N GLU L 78 36.84 30.36 22.32
CA GLU L 78 35.39 30.53 22.36
C GLU L 78 34.97 30.79 23.79
N MET L 79 34.58 32.03 24.08
CA MET L 79 34.15 32.43 25.42
C MET L 79 32.63 32.34 25.48
N PHE L 80 32.11 31.87 26.62
CA PHE L 80 30.71 31.52 26.70
C PHE L 80 30.16 31.76 28.10
N ARG L 81 28.87 32.08 28.14
CA ARG L 81 28.10 32.07 29.38
C ARG L 81 26.63 31.95 29.00
N ASN L 82 25.82 31.46 29.93
CA ASN L 82 24.40 31.28 29.69
C ASN L 82 23.55 32.16 30.61
N ASN L 83 24.18 33.12 31.29
CA ASN L 83 23.51 34.00 32.23
C ASN L 83 24.10 35.39 32.08
N SER L 84 23.21 36.40 32.01
CA SER L 84 23.65 37.78 31.84
C SER L 84 24.50 38.29 33.01
N ASN L 85 24.51 37.60 34.14
CA ASN L 85 25.28 38.04 35.30
C ASN L 85 26.50 37.19 35.57
N ALA L 86 26.78 36.21 34.73
CA ALA L 86 27.92 35.33 34.95
C ALA L 86 29.16 35.87 34.26
N GLU L 87 30.30 35.34 34.67
CA GLU L 87 31.55 35.60 33.99
C GLU L 87 31.72 34.60 32.85
N PHE L 88 32.51 34.99 31.86
CA PHE L 88 32.72 34.14 30.70
C PHE L 88 33.70 33.03 31.03
N GLN L 89 33.58 31.93 30.28
CA GLN L 89 34.46 30.78 30.46
C GLN L 89 35.06 30.38 29.12
N HIS L 90 36.34 30.01 29.14
CA HIS L 90 36.99 29.55 27.92
C HIS L 90 36.49 28.15 27.63
N LYS L 91 35.47 28.06 26.77
CA LYS L 91 34.72 26.82 26.60
C LYS L 91 35.40 25.87 25.63
N ARG L 92 35.79 26.38 24.47
CA ARG L 92 36.43 25.59 23.42
C ARG L 92 37.52 26.40 22.76
N THR L 93 38.29 25.74 21.91
CA THR L 93 39.37 26.39 21.18
C THR L 93 39.45 25.83 19.77
N LEU L 94 39.73 26.70 18.81
CA LEU L 94 40.02 26.31 17.44
C LEU L 94 41.39 26.85 17.07
N THR L 95 42.28 25.97 16.67
CA THR L 95 43.65 26.31 16.33
C THR L 95 43.80 26.19 14.83
N SER L 96 44.05 27.31 14.15
CA SER L 96 43.81 27.42 12.71
C SER L 96 44.95 28.14 12.00
N SER L 97 45.30 27.64 10.83
CA SER L 97 46.23 28.33 9.96
C SER L 97 45.52 29.16 8.90
N THR L 98 44.20 29.07 8.82
CA THR L 98 43.41 29.81 7.83
C THR L 98 42.73 31.04 8.40
N LYS L 99 42.63 31.14 9.73
CA LYS L 99 42.04 32.30 10.41
C LYS L 99 40.57 32.46 10.09
N LEU L 100 39.94 31.42 9.58
CA LEU L 100 38.50 31.41 9.33
C LEU L 100 37.75 30.79 10.50
N VAL L 101 36.62 31.41 10.84
CA VAL L 101 35.77 30.98 11.95
C VAL L 101 34.34 30.92 11.43
N GLY L 102 33.52 30.11 12.07
CA GLY L 102 32.15 29.93 11.64
C GLY L 102 31.18 29.91 12.79
N ILE L 103 29.93 30.28 12.50
CA ILE L 103 28.87 30.12 13.50
C ILE L 103 27.57 29.81 12.74
N LEU L 104 26.78 28.88 13.29
CA LEU L 104 25.53 28.45 12.67
C LEU L 104 24.45 28.21 13.72
N LYS L 105 23.25 28.73 13.49
CA LYS L 105 22.09 28.38 14.28
C LYS L 105 21.33 27.27 13.56
N HIS L 106 21.27 26.08 14.19
CA HIS L 106 20.57 24.94 13.61
C HIS L 106 20.08 24.00 14.71
N GLY L 107 18.88 23.46 14.51
CA GLY L 107 18.35 22.44 15.40
C GLY L 107 18.31 22.87 16.86
N GLY L 108 17.88 24.11 17.11
CA GLY L 108 17.85 24.58 18.48
C GLY L 108 19.20 24.68 19.15
N ARG L 109 20.28 24.64 18.37
CA ARG L 109 21.63 24.63 18.89
C ARG L 109 22.46 25.66 18.14
N LEU L 110 23.48 26.19 18.83
CA LEU L 110 24.46 27.11 18.25
C LEU L 110 25.76 26.35 17.98
N TRP L 111 26.19 26.35 16.71
CA TRP L 111 27.27 25.52 16.24
C TRP L 111 28.49 26.37 15.93
N THR L 112 29.66 25.86 16.32
CA THR L 112 30.96 26.46 16.05
C THR L 112 31.92 25.35 15.66
N TYR L 113 33.13 25.73 15.30
CA TYR L 113 34.20 24.78 15.00
C TYR L 113 35.19 24.75 16.14
N HIS L 114 35.90 23.63 16.29
CA HIS L 114 36.98 23.51 17.25
C HIS L 114 37.88 22.34 16.87
N GLY L 115 39.05 22.30 17.48
CA GLY L 115 40.11 21.40 17.07
C GLY L 115 41.20 22.12 16.30
N GLU L 116 42.02 21.35 15.62
CA GLU L 116 43.11 21.87 14.83
C GLU L 116 42.81 21.68 13.36
N THR L 117 43.16 22.68 12.55
CA THR L 117 43.15 22.47 11.12
C THR L 117 44.22 21.45 10.77
N PRO L 118 44.00 20.62 9.74
CA PRO L 118 42.83 20.62 8.87
C PRO L 118 41.72 19.64 9.32
N ASN L 119 41.60 19.43 10.64
CA ASN L 119 40.67 18.46 11.23
C ASN L 119 39.69 19.11 12.18
N ALA L 120 39.44 20.40 12.01
CA ALA L 120 38.48 21.08 12.87
C ALA L 120 37.07 20.54 12.60
N THR L 121 36.32 20.32 13.67
CA THR L 121 34.99 19.74 13.55
C THR L 121 33.99 20.63 14.27
N THR L 122 32.70 20.38 14.05
CA THR L 122 31.68 21.21 14.66
C THR L 122 31.28 20.68 16.04
N ASP L 123 30.82 21.60 16.88
CA ASP L 123 30.27 21.28 18.19
C ASP L 123 29.24 22.36 18.51
N TYR L 124 28.44 22.12 19.56
CA TYR L 124 27.25 22.92 19.80
C TYR L 124 27.20 23.44 21.23
N SER L 125 26.40 24.51 21.38
CA SER L 125 25.92 25.04 22.65
C SER L 125 24.40 25.02 22.62
N THR L 126 23.77 24.75 23.75
CA THR L 126 22.32 24.66 23.77
C THR L 126 21.71 26.00 24.18
N THR L 127 20.44 26.15 23.83
CA THR L 127 19.65 27.34 24.14
C THR L 127 18.18 27.00 23.99
N SER L 128 17.33 27.72 24.71
CA SER L 128 15.88 27.66 24.51
C SER L 128 15.38 28.75 23.57
N ASN L 129 16.25 29.60 23.07
CA ASN L 129 15.90 30.81 22.32
C ASN L 129 16.79 30.96 21.10
N LEU L 130 16.83 29.91 20.27
CA LEU L 130 17.72 29.92 19.10
C LEU L 130 17.46 31.12 18.18
N ASN L 131 16.18 31.48 17.97
CA ASN L 131 15.87 32.44 16.90
C ASN L 131 16.35 33.84 17.23
N GLU L 132 16.21 34.27 18.48
CA GLU L 132 16.54 35.64 18.85
C GLU L 132 18.05 35.88 18.94
N ILE L 133 18.89 35.03 18.35
CA ILE L 133 20.33 35.21 18.44
C ILE L 133 20.79 36.23 17.40
N SER L 134 21.30 37.36 17.89
CA SER L 134 21.93 38.34 17.02
C SER L 134 23.45 38.19 17.08
N VAL L 135 24.10 38.40 15.94
CA VAL L 135 25.53 38.17 15.77
C VAL L 135 26.19 39.45 15.29
N THR L 136 27.21 39.87 16.01
CA THR L 136 28.05 41.00 15.62
C THR L 136 29.44 40.47 15.27
N THR L 137 29.76 40.47 13.98
CA THR L 137 31.09 40.19 13.49
C THR L 137 31.91 41.48 13.38
N TYR L 138 33.23 41.34 13.47
CA TYR L 138 34.14 42.47 13.32
C TYR L 138 35.12 42.27 12.17
N ALA L 139 34.91 41.26 11.34
CA ALA L 139 35.67 41.07 10.11
C ALA L 139 34.71 40.62 9.03
N GLU L 140 35.15 40.73 7.77
CA GLU L 140 34.28 40.39 6.65
C GLU L 140 33.83 38.94 6.74
N PHE L 141 32.59 38.66 6.37
CA PHE L 141 32.06 37.31 6.50
C PHE L 141 31.31 36.86 5.25
N TYR L 142 31.09 35.55 5.19
CA TYR L 142 30.49 34.87 4.05
C TYR L 142 29.30 34.06 4.55
N ILE L 143 28.38 33.76 3.63
CA ILE L 143 27.16 33.01 3.94
C ILE L 143 27.17 31.73 3.13
N ILE L 144 27.08 30.58 3.81
CA ILE L 144 27.08 29.28 3.17
C ILE L 144 25.89 28.47 3.71
N PRO L 145 24.99 27.98 2.85
CA PRO L 145 23.85 27.19 3.37
C PRO L 145 24.32 25.91 4.05
N ARG L 146 23.63 25.56 5.15
CA ARG L 146 23.99 24.36 5.90
C ARG L 146 24.06 23.14 5.00
N SER L 147 23.28 23.13 3.92
CA SER L 147 23.26 22.01 2.98
C SER L 147 24.59 21.83 2.28
N GLN L 148 25.47 22.83 2.31
CA GLN L 148 26.82 22.72 1.78
C GLN L 148 27.85 22.89 2.89
N GLU L 149 27.52 22.36 4.07
CA GLU L 149 28.40 22.46 5.24
C GLU L 149 29.78 21.89 4.95
N SER L 150 29.86 20.83 4.13
CA SER L 150 31.16 20.23 3.82
C SER L 150 32.05 21.18 3.04
N LYS L 151 31.47 22.11 2.28
CA LYS L 151 32.26 23.21 1.72
C LYS L 151 32.79 24.10 2.83
N CYS L 152 31.89 24.55 3.71
CA CYS L 152 32.30 25.39 4.84
C CYS L 152 33.40 24.73 5.65
N THR L 153 33.20 23.47 6.01
CA THR L 153 34.21 22.73 6.76
C THR L 153 35.53 22.67 5.99
N GLU L 154 35.48 22.57 4.66
CA GLU L 154 36.73 22.62 3.90
C GLU L 154 37.39 23.99 4.03
N TYR L 155 36.59 25.05 3.87
CA TYR L 155 37.10 26.41 4.02
C TYR L 155 37.66 26.63 5.41
N ILE L 156 36.94 26.17 6.43
CA ILE L 156 37.46 26.24 7.80
C ILE L 156 38.83 25.60 7.88
N ASN L 157 39.02 24.47 7.19
CA ASN L 157 40.15 23.59 7.42
C ASN L 157 41.29 23.75 6.41
N THR L 158 41.01 24.15 5.16
CA THR L 158 42.08 24.35 4.18
C THR L 158 42.08 25.75 3.58
N GLY L 159 41.15 26.60 3.94
CA GLY L 159 41.19 27.99 3.52
C GLY L 159 40.48 28.25 2.22
N LEU L 160 40.46 29.53 1.86
CA LEU L 160 39.76 29.99 0.67
C LEU L 160 40.63 29.81 -0.57
N VAL M 1 38.86 -35.14 -40.02
CA VAL M 1 40.22 -35.17 -39.49
C VAL M 1 40.21 -34.76 -38.01
N LEU M 2 39.36 -33.79 -37.68
CA LEU M 2 39.36 -33.17 -36.37
C LEU M 2 37.92 -33.05 -35.88
N ASP M 3 37.59 -33.79 -34.82
CA ASP M 3 36.23 -33.78 -34.27
C ASP M 3 36.09 -32.63 -33.28
N GLY M 4 35.34 -31.60 -33.68
CA GLY M 4 35.18 -30.42 -32.88
C GLY M 4 35.14 -29.19 -33.77
N PRO M 5 35.02 -27.99 -33.18
CA PRO M 5 35.02 -27.65 -31.75
C PRO M 5 33.66 -27.75 -31.07
N TYR M 6 33.69 -28.06 -29.77
CA TYR M 6 32.52 -28.04 -28.92
C TYR M 6 32.64 -26.91 -27.90
N GLN M 7 31.51 -26.57 -27.31
CA GLN M 7 31.48 -25.47 -26.36
C GLN M 7 31.90 -25.96 -24.98
N PRO M 8 32.36 -25.06 -24.11
CA PRO M 8 32.75 -25.47 -22.76
C PRO M 8 31.62 -26.23 -22.08
N VAL M 9 31.97 -27.38 -21.49
CA VAL M 9 30.97 -28.29 -20.95
C VAL M 9 31.61 -29.05 -19.80
N ALA M 10 30.75 -29.58 -18.93
CA ALA M 10 31.14 -30.56 -17.93
C ALA M 10 30.56 -31.90 -18.35
N PHE M 11 31.42 -32.90 -18.52
CA PHE M 11 31.00 -34.21 -19.01
C PHE M 11 32.02 -35.24 -18.57
N LYS M 12 31.66 -36.51 -18.77
CA LYS M 12 32.54 -37.63 -18.48
C LYS M 12 33.14 -38.12 -19.78
N PRO M 13 34.40 -37.85 -20.06
CA PRO M 13 34.99 -38.29 -21.33
C PRO M 13 35.17 -39.80 -21.34
N PRO M 14 34.98 -40.43 -22.50
CA PRO M 14 35.27 -41.86 -22.60
C PRO M 14 36.77 -42.11 -22.66
N ASN M 15 37.16 -43.32 -22.29
CA ASN M 15 38.57 -43.70 -22.29
C ASN M 15 39.18 -43.59 -23.68
N ASP M 16 40.48 -43.30 -23.72
CA ASP M 16 41.28 -43.34 -24.94
C ASP M 16 40.93 -42.23 -25.93
N TYR M 17 40.43 -41.10 -25.44
CA TYR M 17 40.20 -39.94 -26.29
C TYR M 17 40.80 -38.71 -25.64
N TRP M 18 41.73 -38.07 -26.35
CA TRP M 18 42.30 -36.79 -25.92
C TRP M 18 41.28 -35.68 -26.06
N ILE M 19 41.17 -34.87 -25.01
CA ILE M 19 40.43 -33.61 -25.04
C ILE M 19 41.45 -32.50 -25.24
N LEU M 20 41.35 -31.82 -26.39
CA LEU M 20 42.28 -30.78 -26.82
C LEU M 20 41.58 -29.42 -26.69
N VAL M 21 41.88 -28.73 -25.59
CA VAL M 21 41.32 -27.43 -25.26
C VAL M 21 42.18 -26.35 -25.88
N ASN M 22 41.54 -25.41 -26.56
CA ASN M 22 42.24 -24.24 -27.14
C ASN M 22 41.96 -23.06 -26.25
N SER M 23 42.93 -22.70 -25.40
CA SER M 23 42.78 -21.66 -24.40
C SER M 23 42.73 -20.25 -25.04
N ASN M 24 42.01 -19.34 -24.37
CA ASN M 24 42.03 -17.90 -24.68
C ASN M 24 42.26 -17.03 -23.46
N SER M 25 41.71 -17.39 -22.30
CA SER M 25 41.88 -16.60 -21.08
C SER M 25 43.25 -16.85 -20.47
N ASN M 26 43.49 -16.17 -19.35
CA ASN M 26 44.61 -16.43 -18.45
C ASN M 26 44.14 -17.02 -17.13
N GLY M 27 43.02 -17.71 -17.14
CA GLY M 27 42.58 -18.29 -15.88
C GLY M 27 42.55 -19.80 -15.93
N VAL M 28 41.54 -20.38 -15.30
CA VAL M 28 41.37 -21.83 -15.32
C VAL M 28 40.98 -22.26 -16.71
N VAL M 29 41.79 -23.14 -17.31
CA VAL M 29 41.52 -23.69 -18.62
C VAL M 29 40.64 -24.93 -18.50
N LEU M 30 40.81 -25.67 -17.42
CA LEU M 30 40.35 -27.05 -17.38
C LEU M 30 40.47 -27.56 -15.94
N GLU M 31 39.46 -28.28 -15.49
CA GLU M 31 39.55 -28.94 -14.20
C GLU M 31 38.81 -30.28 -14.30
N GLY M 32 39.32 -31.30 -13.63
CA GLY M 32 38.71 -32.61 -13.71
C GLY M 32 38.90 -33.38 -12.42
N THR M 33 37.88 -34.17 -12.04
CA THR M 33 37.95 -34.89 -10.77
C THR M 33 37.03 -36.10 -10.82
N ASN M 34 37.35 -37.07 -9.97
CA ASN M 34 36.49 -38.22 -9.71
C ASN M 34 35.99 -38.24 -8.27
N ASN M 35 36.30 -37.19 -7.50
CA ASN M 35 35.84 -37.01 -6.12
C ASN M 35 36.36 -38.08 -5.16
N THR M 36 37.28 -38.94 -5.61
CA THR M 36 37.89 -39.94 -4.74
C THR M 36 39.38 -39.70 -4.56
N ASP M 37 40.19 -39.73 -5.63
CA ASP M 37 41.62 -39.54 -5.47
C ASP M 37 42.29 -38.67 -6.53
N VAL M 38 41.55 -38.00 -7.41
CA VAL M 38 42.18 -37.13 -8.39
C VAL M 38 41.49 -35.79 -8.42
N TRP M 39 42.23 -34.72 -8.12
CA TRP M 39 41.81 -33.35 -8.40
C TRP M 39 42.92 -32.66 -9.18
N VAL M 40 42.61 -32.22 -10.40
CA VAL M 40 43.58 -31.55 -11.25
C VAL M 40 42.94 -30.32 -11.87
N ALA M 41 43.73 -29.25 -12.01
CA ALA M 41 43.26 -28.03 -12.65
C ALA M 41 44.42 -27.36 -13.35
N ILE M 42 44.25 -27.06 -14.63
CA ILE M 42 45.27 -26.42 -15.43
C ILE M 42 44.94 -24.93 -15.52
N ILE M 43 45.84 -24.09 -15.01
CA ILE M 43 45.64 -22.64 -14.98
C ILE M 43 46.64 -21.97 -15.91
N SER M 44 46.14 -21.02 -16.70
CA SER M 44 46.95 -20.27 -17.66
C SER M 44 47.46 -18.97 -17.05
N ILE M 45 48.73 -18.68 -17.29
CA ILE M 45 49.39 -17.44 -16.86
C ILE M 45 49.99 -16.78 -18.10
N GLU M 46 49.64 -15.52 -18.32
CA GLU M 46 50.04 -14.82 -19.52
C GLU M 46 51.55 -14.59 -19.53
N PRO M 47 52.13 -14.25 -20.69
CA PRO M 47 53.58 -13.96 -20.73
C PRO M 47 53.98 -12.80 -19.84
N ASN M 48 55.21 -12.87 -19.33
CA ASN M 48 55.88 -11.76 -18.65
C ASN M 48 55.13 -11.33 -17.40
N VAL M 49 55.04 -12.26 -16.46
CA VAL M 49 54.43 -12.01 -15.16
C VAL M 49 55.49 -12.31 -14.09
N ASN M 50 55.84 -11.29 -13.31
CA ASN M 50 56.68 -11.50 -12.15
C ASN M 50 55.86 -12.11 -11.01
N SER M 51 56.57 -12.70 -10.04
CA SER M 51 55.95 -13.55 -9.02
C SER M 51 54.86 -12.81 -8.28
N GLU M 52 53.69 -13.45 -8.17
CA GLU M 52 52.51 -12.83 -7.57
C GLU M 52 51.64 -13.89 -6.94
N SER M 53 50.64 -13.43 -6.20
CA SER M 53 49.59 -14.30 -5.67
C SER M 53 48.29 -14.00 -6.40
N ARG M 54 47.60 -15.05 -6.86
CA ARG M 54 46.38 -14.89 -7.64
C ARG M 54 45.30 -15.82 -7.11
N GLN M 55 44.05 -15.48 -7.40
CA GLN M 55 42.89 -16.21 -6.90
C GLN M 55 42.16 -16.91 -8.04
N TYR M 56 41.76 -18.15 -7.80
CA TYR M 56 41.11 -18.95 -8.82
C TYR M 56 39.96 -19.73 -8.22
N SER M 57 38.93 -19.99 -9.02
CA SER M 57 37.81 -20.79 -8.58
C SER M 57 38.09 -22.23 -8.96
N LEU M 58 38.45 -23.04 -7.96
CA LEU M 58 38.80 -24.45 -8.14
C LEU M 58 37.67 -25.31 -7.61
N PHE M 59 36.93 -25.94 -8.53
CA PHE M 59 35.81 -26.80 -8.20
C PHE M 59 34.78 -26.07 -7.33
N GLY M 60 34.64 -24.76 -7.55
CA GLY M 60 33.70 -23.95 -6.79
C GLY M 60 34.25 -23.34 -5.52
N VAL M 61 35.51 -23.59 -5.17
CA VAL M 61 36.12 -23.04 -3.97
C VAL M 61 37.27 -22.15 -4.40
N ASN M 62 37.25 -20.89 -3.94
CA ASN M 62 38.31 -19.95 -4.28
C ASN M 62 39.59 -20.34 -3.57
N LYS M 63 40.72 -20.26 -4.28
CA LYS M 63 42.03 -20.62 -3.76
C LYS M 63 43.07 -19.59 -4.18
N GLN M 64 44.09 -19.44 -3.36
CA GLN M 64 45.22 -18.54 -3.61
C GLN M 64 46.45 -19.34 -4.03
N ILE M 65 47.05 -18.97 -5.16
CA ILE M 65 48.20 -19.67 -5.72
C ILE M 65 49.24 -18.65 -6.20
N THR M 66 50.51 -18.92 -5.88
CA THR M 66 51.62 -18.08 -6.31
C THR M 66 52.10 -18.50 -7.70
N VAL M 67 52.13 -17.53 -8.62
CA VAL M 67 52.50 -17.80 -10.01
C VAL M 67 53.67 -16.91 -10.41
N VAL M 68 54.34 -17.33 -11.48
CA VAL M 68 55.43 -16.60 -12.12
C VAL M 68 55.55 -17.09 -13.56
N ASN M 69 55.79 -16.17 -14.49
CA ASN M 69 56.01 -16.54 -15.90
C ASN M 69 56.84 -15.45 -16.57
N THR M 70 58.15 -15.68 -16.65
CA THR M 70 59.06 -14.71 -17.27
C THR M 70 59.14 -14.88 -18.79
N SER M 71 58.53 -15.93 -19.32
CA SER M 71 58.71 -16.29 -20.72
C SER M 71 57.92 -15.36 -21.64
N ASN M 72 58.25 -15.44 -22.92
CA ASN M 72 57.37 -14.94 -23.98
C ASN M 72 56.26 -15.91 -24.27
N LYS M 73 56.26 -17.08 -23.64
CA LYS M 73 55.26 -18.11 -23.83
C LYS M 73 54.23 -18.04 -22.72
N TRP M 74 53.04 -18.55 -23.00
CA TRP M 74 52.03 -18.74 -21.97
C TRP M 74 52.43 -19.93 -21.10
N LYS M 75 52.19 -19.82 -19.80
CA LYS M 75 52.53 -20.86 -18.85
C LYS M 75 51.26 -21.55 -18.38
N PHE M 76 51.25 -22.88 -18.42
CA PHE M 76 50.11 -23.69 -18.01
C PHE M 76 50.51 -24.53 -16.80
N MET M 77 50.00 -24.15 -15.64
CA MET M 77 50.33 -24.77 -14.36
C MET M 77 49.34 -25.89 -14.06
N GLU M 78 49.86 -27.08 -13.79
CA GLU M 78 49.03 -28.24 -13.47
C GLU M 78 48.96 -28.39 -11.95
N MET M 79 47.87 -27.94 -11.36
CA MET M 79 47.61 -28.13 -9.93
C MET M 79 46.97 -29.49 -9.70
N PHE M 80 47.34 -30.12 -8.59
CA PHE M 80 46.96 -31.51 -8.35
C PHE M 80 46.90 -31.76 -6.85
N ARG M 81 45.92 -32.58 -6.45
CA ARG M 81 45.90 -33.24 -5.15
C ARG M 81 45.26 -34.61 -5.35
N ASN M 82 45.47 -35.50 -4.39
CA ASN M 82 44.87 -36.82 -4.44
C ASN M 82 43.92 -37.07 -3.27
N ASN M 83 43.57 -36.03 -2.52
CA ASN M 83 42.71 -36.12 -1.34
C ASN M 83 41.89 -34.83 -1.28
N SER M 84 40.61 -34.96 -0.94
CA SER M 84 39.69 -33.83 -0.93
C SER M 84 39.97 -32.85 0.19
N ASN M 85 40.74 -33.24 1.20
CA ASN M 85 41.02 -32.38 2.35
C ASN M 85 42.34 -31.65 2.25
N ALA M 86 43.08 -31.83 1.15
CA ALA M 86 44.41 -31.25 1.02
C ALA M 86 44.39 -30.04 0.09
N GLU M 87 45.46 -29.25 0.20
CA GLU M 87 45.73 -28.14 -0.69
C GLU M 87 46.37 -28.63 -1.97
N PHE M 88 46.19 -27.85 -3.04
CA PHE M 88 46.76 -28.20 -4.33
C PHE M 88 48.25 -27.89 -4.35
N GLN M 89 48.99 -28.69 -5.12
CA GLN M 89 50.41 -28.46 -5.34
C GLN M 89 50.62 -28.25 -6.83
N HIS M 90 51.63 -27.45 -7.15
CA HIS M 90 52.01 -27.19 -8.54
C HIS M 90 52.80 -28.40 -9.04
N LYS M 91 52.11 -29.31 -9.74
CA LYS M 91 52.68 -30.61 -10.07
C LYS M 91 53.63 -30.54 -11.26
N ARG M 92 53.16 -29.95 -12.35
CA ARG M 92 53.86 -29.91 -13.62
C ARG M 92 53.62 -28.57 -14.29
N THR M 93 54.42 -28.29 -15.33
CA THR M 93 54.31 -27.06 -16.10
C THR M 93 54.35 -27.39 -17.58
N LEU M 94 53.45 -26.79 -18.34
CA LEU M 94 53.53 -26.76 -19.79
C LEU M 94 53.77 -25.31 -20.21
N THR M 95 54.87 -25.07 -20.92
CA THR M 95 55.17 -23.74 -21.43
C THR M 95 54.98 -23.78 -22.94
N SER M 96 54.15 -22.88 -23.46
CA SER M 96 53.60 -23.11 -24.78
C SER M 96 53.43 -21.79 -25.52
N SER M 97 53.59 -21.86 -26.84
CA SER M 97 53.24 -20.77 -27.73
C SER M 97 51.95 -21.04 -28.48
N THR M 98 51.38 -22.23 -28.31
CA THR M 98 50.18 -22.63 -29.02
C THR M 98 48.92 -22.43 -28.21
N LYS M 99 49.04 -22.35 -26.88
CA LYS M 99 47.91 -22.23 -25.97
C LYS M 99 46.93 -23.39 -26.10
N LEU M 100 47.41 -24.54 -26.57
CA LEU M 100 46.61 -25.76 -26.66
C LEU M 100 47.01 -26.68 -25.52
N VAL M 101 46.02 -27.32 -24.92
CA VAL M 101 46.19 -28.08 -23.69
C VAL M 101 45.35 -29.34 -23.80
N GLY M 102 45.93 -30.49 -23.46
CA GLY M 102 45.25 -31.76 -23.65
C GLY M 102 45.14 -32.56 -22.36
N ILE M 103 44.16 -33.45 -22.34
CA ILE M 103 43.97 -34.37 -21.22
C ILE M 103 43.37 -35.67 -21.73
N LEU M 104 43.82 -36.80 -21.17
CA LEU M 104 43.40 -38.11 -21.67
C LEU M 104 43.25 -39.10 -20.53
N LYS M 105 42.22 -39.94 -20.59
CA LYS M 105 42.07 -41.05 -19.66
C LYS M 105 42.45 -42.34 -20.37
N HIS M 106 43.53 -42.99 -19.90
CA HIS M 106 43.98 -44.22 -20.55
C HIS M 106 44.85 -45.07 -19.63
N GLY M 107 44.63 -46.38 -19.69
CA GLY M 107 45.48 -47.34 -19.00
C GLY M 107 45.48 -47.18 -17.50
N GLY M 108 44.38 -46.74 -16.91
CA GLY M 108 44.37 -46.54 -15.48
C GLY M 108 45.15 -45.31 -15.06
N ARG M 109 45.46 -44.43 -16.00
CA ARG M 109 46.22 -43.23 -15.72
C ARG M 109 45.56 -42.04 -16.38
N LEU M 110 45.81 -40.86 -15.79
CA LEU M 110 45.40 -39.59 -16.37
C LEU M 110 46.60 -38.92 -17.03
N TRP M 111 46.47 -38.56 -18.29
CA TRP M 111 47.61 -38.11 -19.10
C TRP M 111 47.46 -36.63 -19.46
N THR M 112 48.57 -35.90 -19.33
CA THR M 112 48.64 -34.49 -19.67
C THR M 112 49.96 -34.24 -20.40
N TYR M 113 50.08 -33.04 -20.98
CA TYR M 113 51.31 -32.63 -21.65
C TYR M 113 52.09 -31.68 -20.77
N HIS M 114 53.42 -31.86 -20.74
CA HIS M 114 54.29 -30.93 -20.03
C HIS M 114 55.56 -30.66 -20.85
N GLY M 115 56.38 -29.73 -20.36
CA GLY M 115 57.59 -29.31 -21.04
C GLY M 115 57.42 -28.01 -21.80
N GLU M 116 58.24 -27.80 -22.84
CA GLU M 116 58.18 -26.62 -23.69
C GLU M 116 57.80 -27.04 -25.11
N THR M 117 56.86 -26.32 -25.73
CA THR M 117 56.65 -26.51 -27.15
C THR M 117 57.93 -26.09 -27.89
N PRO M 118 58.21 -26.69 -29.06
CA PRO M 118 57.45 -27.77 -29.71
C PRO M 118 57.92 -29.17 -29.28
N ASN M 119 58.36 -29.30 -28.03
CA ASN M 119 58.92 -30.55 -27.51
C ASN M 119 58.11 -31.10 -26.35
N ALA M 120 56.86 -30.68 -26.18
CA ALA M 120 56.05 -31.09 -25.04
C ALA M 120 55.69 -32.57 -25.16
N THR M 121 55.80 -33.29 -24.04
CA THR M 121 55.61 -34.74 -24.04
C THR M 121 54.60 -35.14 -22.96
N THR M 122 54.11 -36.37 -23.06
CA THR M 122 53.05 -36.86 -22.18
C THR M 122 53.61 -37.33 -20.83
N ASP M 123 52.77 -37.20 -19.81
CA ASP M 123 53.10 -37.64 -18.46
C ASP M 123 51.78 -37.93 -17.77
N TYR M 124 51.84 -38.66 -16.66
CA TYR M 124 50.63 -39.25 -16.09
C TYR M 124 50.53 -39.04 -14.59
N SER M 125 49.29 -38.96 -14.11
CA SER M 125 48.96 -39.12 -12.70
C SER M 125 48.27 -40.46 -12.53
N THR M 126 48.45 -41.07 -11.36
CA THR M 126 47.90 -42.38 -11.11
C THR M 126 46.55 -42.25 -10.40
N THR M 127 45.79 -43.34 -10.44
CA THR M 127 44.48 -43.35 -9.82
C THR M 127 43.97 -44.77 -9.71
N SER M 128 43.13 -45.01 -8.72
CA SER M 128 42.36 -46.23 -8.58
C SER M 128 40.98 -46.13 -9.24
N ASN M 129 40.57 -44.95 -9.67
CA ASN M 129 39.19 -44.67 -10.07
C ASN M 129 39.18 -43.88 -11.37
N LEU M 130 39.86 -44.39 -12.40
CA LEU M 130 40.00 -43.62 -13.64
C LEU M 130 38.65 -43.30 -14.26
N ASN M 131 37.75 -44.29 -14.33
CA ASN M 131 36.57 -44.15 -15.17
C ASN M 131 35.63 -43.03 -14.72
N GLU M 132 35.66 -42.66 -13.44
CA GLU M 132 34.76 -41.63 -12.91
C GLU M 132 35.32 -40.21 -13.02
N ILE M 133 36.47 -40.02 -13.67
CA ILE M 133 37.00 -38.67 -13.81
C ILE M 133 36.11 -37.92 -14.80
N SER M 134 35.51 -36.82 -14.35
CA SER M 134 34.77 -35.93 -15.22
C SER M 134 35.57 -34.65 -15.41
N VAL M 135 35.38 -34.01 -16.57
CA VAL M 135 36.21 -32.90 -17.02
C VAL M 135 35.33 -31.72 -17.37
N THR M 136 35.71 -30.53 -16.88
CA THR M 136 35.07 -29.26 -17.18
C THR M 136 36.08 -28.34 -17.86
N THR M 137 35.82 -28.01 -19.11
CA THR M 137 36.62 -27.08 -19.88
C THR M 137 36.03 -25.68 -19.81
N TYR M 138 36.88 -24.67 -19.89
CA TYR M 138 36.44 -23.29 -19.93
C TYR M 138 36.75 -22.62 -21.26
N ALA M 139 37.15 -23.42 -22.25
CA ALA M 139 37.40 -22.97 -23.61
C ALA M 139 36.95 -24.07 -24.55
N GLU M 140 36.88 -23.74 -25.83
CA GLU M 140 36.46 -24.70 -26.84
C GLU M 140 37.46 -25.86 -26.93
N PHE M 141 36.95 -27.07 -27.15
CA PHE M 141 37.81 -28.26 -27.21
C PHE M 141 37.47 -29.13 -28.40
N TYR M 142 38.33 -30.12 -28.58
CA TYR M 142 38.26 -31.08 -29.67
C TYR M 142 38.46 -32.48 -29.09
N ILE M 143 37.94 -33.48 -29.79
CA ILE M 143 37.97 -34.86 -29.36
C ILE M 143 38.82 -35.65 -30.35
N ILE M 144 39.94 -36.17 -29.88
CA ILE M 144 40.87 -36.85 -30.78
C ILE M 144 41.10 -38.28 -30.31
N PRO M 145 40.99 -39.29 -31.17
CA PRO M 145 41.29 -40.68 -30.74
C PRO M 145 42.75 -40.83 -30.30
N ARG M 146 42.95 -41.53 -29.18
CA ARG M 146 44.29 -41.86 -28.74
C ARG M 146 45.08 -42.56 -29.84
N SER M 147 44.41 -43.33 -30.69
CA SER M 147 45.02 -43.93 -31.87
C SER M 147 45.58 -42.89 -32.83
N GLN M 148 45.38 -41.60 -32.56
CA GLN M 148 45.97 -40.53 -33.33
C GLN M 148 46.69 -39.55 -32.42
N GLU M 149 47.31 -40.08 -31.36
CA GLU M 149 47.98 -39.23 -30.38
C GLU M 149 49.12 -38.44 -31.01
N SER M 150 49.89 -39.06 -31.89
CA SER M 150 50.97 -38.36 -32.57
C SER M 150 50.45 -37.12 -33.31
N LYS M 151 49.20 -37.15 -33.76
CA LYS M 151 48.61 -35.96 -34.37
C LYS M 151 48.21 -34.96 -33.30
N CYS M 152 47.55 -35.43 -32.24
CA CYS M 152 47.23 -34.57 -31.10
C CYS M 152 48.48 -33.89 -30.59
N THR M 153 49.51 -34.68 -30.32
CA THR M 153 50.81 -34.15 -29.93
C THR M 153 51.21 -32.99 -30.83
N GLU M 154 51.15 -33.20 -32.15
CA GLU M 154 51.61 -32.17 -33.08
C GLU M 154 50.87 -30.87 -32.85
N TYR M 155 49.54 -30.93 -32.70
CA TYR M 155 48.78 -29.71 -32.44
C TYR M 155 49.32 -29.00 -31.21
N ILE M 156 49.47 -29.75 -30.11
CA ILE M 156 50.02 -29.22 -28.86
C ILE M 156 51.27 -28.42 -29.12
N ASN M 157 52.07 -28.88 -30.07
CA ASN M 157 53.38 -28.27 -30.27
C ASN M 157 53.40 -27.25 -31.40
N THR M 158 52.45 -27.29 -32.34
CA THR M 158 52.54 -26.38 -33.47
C THR M 158 51.23 -25.68 -33.81
N GLY M 159 50.15 -26.00 -33.14
CA GLY M 159 48.88 -25.38 -33.43
C GLY M 159 48.06 -26.16 -34.43
N LEU M 160 46.95 -25.55 -34.79
CA LEU M 160 46.00 -26.15 -35.72
C LEU M 160 46.31 -25.73 -37.16
N VAL N 1 -16.69 -4.05 -42.05
CA VAL N 1 -16.18 -5.40 -42.28
C VAL N 1 -15.94 -5.64 -43.78
N LEU N 2 -16.68 -4.92 -44.62
CA LEU N 2 -16.72 -5.20 -46.05
C LEU N 2 -16.69 -3.88 -46.82
N ASP N 3 -15.60 -3.65 -47.54
CA ASP N 3 -15.48 -2.48 -48.40
C ASP N 3 -16.19 -2.75 -49.71
N GLY N 4 -17.25 -2.00 -50.00
CA GLY N 4 -18.09 -2.26 -51.14
C GLY N 4 -19.56 -2.30 -50.78
N PRO N 5 -20.41 -2.73 -51.72
CA PRO N 5 -20.09 -3.21 -53.08
C PRO N 5 -19.89 -2.13 -54.16
N TYR N 6 -18.76 -2.21 -54.88
CA TYR N 6 -18.49 -1.34 -56.01
C TYR N 6 -19.01 -1.98 -57.31
N GLN N 7 -19.22 -1.13 -58.31
CA GLN N 7 -19.87 -1.48 -59.57
C GLN N 7 -18.85 -1.55 -60.72
N PRO N 8 -19.16 -2.30 -61.79
CA PRO N 8 -18.18 -2.55 -62.86
C PRO N 8 -17.42 -1.31 -63.33
N VAL N 9 -16.08 -1.41 -63.30
CA VAL N 9 -15.22 -0.38 -63.86
C VAL N 9 -13.90 -1.01 -64.26
N ALA N 10 -13.16 -0.30 -65.12
CA ALA N 10 -11.76 -0.58 -65.35
C ALA N 10 -10.93 0.29 -64.42
N PHE N 11 -10.02 -0.34 -63.68
CA PHE N 11 -9.17 0.38 -62.75
C PHE N 11 -7.88 -0.40 -62.56
N LYS N 12 -6.90 0.26 -61.94
CA LYS N 12 -5.66 -0.43 -61.59
C LYS N 12 -5.71 -0.79 -60.11
N PRO N 13 -5.97 -2.05 -59.75
CA PRO N 13 -5.98 -2.44 -58.34
C PRO N 13 -4.59 -2.29 -57.73
N PRO N 14 -4.48 -1.74 -56.53
CA PRO N 14 -3.19 -1.75 -55.84
C PRO N 14 -2.85 -3.16 -55.41
N ASN N 15 -1.57 -3.36 -55.06
CA ASN N 15 -1.15 -4.66 -54.58
C ASN N 15 -1.83 -4.99 -53.25
N ASP N 16 -1.94 -6.29 -52.97
CA ASP N 16 -2.35 -6.83 -51.66
C ASP N 16 -3.81 -6.51 -51.32
N TYR N 17 -4.67 -6.37 -52.32
CA TYR N 17 -6.11 -6.21 -52.11
C TYR N 17 -6.85 -7.21 -52.98
N TRP N 18 -7.62 -8.09 -52.33
CA TRP N 18 -8.50 -9.01 -53.03
C TRP N 18 -9.71 -8.29 -53.61
N ILE N 19 -10.03 -8.63 -54.86
CA ILE N 19 -11.21 -8.13 -55.55
C ILE N 19 -12.21 -9.27 -55.62
N LEU N 20 -13.28 -9.16 -54.82
CA LEU N 20 -14.26 -10.22 -54.68
C LEU N 20 -15.48 -9.84 -55.51
N VAL N 21 -15.64 -10.48 -56.67
CA VAL N 21 -16.73 -10.14 -57.58
C VAL N 21 -17.93 -11.04 -57.28
N ASN N 22 -19.10 -10.41 -57.14
CA ASN N 22 -20.37 -11.11 -56.96
C ASN N 22 -20.96 -11.31 -58.37
N SER N 23 -20.54 -12.40 -59.01
CA SER N 23 -20.97 -12.71 -60.38
C SER N 23 -22.46 -13.03 -60.46
N ASN N 24 -23.15 -12.48 -61.45
CA ASN N 24 -24.55 -12.84 -61.63
C ASN N 24 -24.83 -13.51 -62.97
N SER N 25 -24.46 -12.90 -64.09
CA SER N 25 -24.84 -13.42 -65.40
C SER N 25 -23.89 -14.54 -65.80
N ASN N 26 -24.07 -15.04 -67.02
CA ASN N 26 -23.32 -16.18 -67.53
C ASN N 26 -22.33 -15.79 -68.63
N GLY N 27 -21.79 -14.58 -68.59
CA GLY N 27 -20.80 -14.18 -69.57
C GLY N 27 -19.41 -14.02 -69.01
N VAL N 28 -18.65 -13.08 -69.54
CA VAL N 28 -17.37 -12.74 -68.94
C VAL N 28 -17.64 -12.01 -67.62
N VAL N 29 -17.04 -12.52 -66.55
CA VAL N 29 -17.14 -11.90 -65.23
C VAL N 29 -16.07 -10.85 -65.02
N LEU N 30 -14.91 -11.00 -65.66
CA LEU N 30 -13.70 -10.33 -65.22
C LEU N 30 -12.61 -10.54 -66.26
N GLU N 31 -11.79 -9.51 -66.49
CA GLU N 31 -10.60 -9.68 -67.33
C GLU N 31 -9.56 -8.66 -66.93
N GLY N 32 -8.29 -9.06 -66.95
CA GLY N 32 -7.21 -8.19 -66.53
C GLY N 32 -5.93 -8.48 -67.29
N THR N 33 -5.11 -7.43 -67.46
CA THR N 33 -3.90 -7.57 -68.25
C THR N 33 -2.91 -6.47 -67.89
N ASN N 34 -1.63 -6.74 -68.14
CA ASN N 34 -0.57 -5.75 -68.06
C ASN N 34 0.04 -5.47 -69.42
N ASN N 35 -0.53 -6.01 -70.48
CA ASN N 35 -0.15 -5.76 -71.86
C ASN N 35 1.25 -6.27 -72.19
N THR N 36 1.89 -6.98 -71.26
CA THR N 36 3.22 -7.54 -71.52
C THR N 36 3.24 -9.06 -71.44
N ASP N 37 2.89 -9.66 -70.31
CA ASP N 37 3.03 -11.11 -70.18
C ASP N 37 1.88 -11.77 -69.42
N VAL N 38 0.75 -11.09 -69.20
CA VAL N 38 -0.36 -11.68 -68.47
C VAL N 38 -1.68 -11.26 -69.13
N TRP N 39 -2.49 -12.24 -69.53
CA TRP N 39 -3.85 -12.01 -69.97
C TRP N 39 -4.73 -13.06 -69.30
N VAL N 40 -5.66 -12.60 -68.46
CA VAL N 40 -6.56 -13.50 -67.74
C VAL N 40 -8.00 -13.03 -67.95
N ALA N 41 -8.92 -13.98 -68.11
CA ALA N 41 -10.34 -13.70 -68.24
C ALA N 41 -11.12 -14.84 -67.63
N ILE N 42 -12.06 -14.52 -66.73
CA ILE N 42 -12.89 -15.50 -66.05
C ILE N 42 -14.24 -15.54 -66.73
N ILE N 43 -14.63 -16.73 -67.20
CA ILE N 43 -15.87 -16.91 -67.94
C ILE N 43 -16.82 -17.71 -67.05
N SER N 44 -18.07 -17.26 -66.97
CA SER N 44 -19.08 -17.89 -66.15
C SER N 44 -20.02 -18.76 -66.98
N ILE N 45 -20.35 -19.94 -66.47
CA ILE N 45 -21.32 -20.84 -67.08
C ILE N 45 -22.27 -21.34 -66.00
N GLU N 46 -23.57 -21.28 -66.27
CA GLU N 46 -24.62 -21.63 -65.33
C GLU N 46 -24.77 -23.14 -65.20
N PRO N 47 -25.41 -23.61 -64.12
CA PRO N 47 -25.50 -25.06 -63.91
C PRO N 47 -26.25 -25.79 -65.02
N ASN N 48 -25.95 -27.09 -65.13
CA ASN N 48 -26.70 -28.04 -65.96
C ASN N 48 -26.64 -27.68 -67.45
N VAL N 49 -25.43 -27.46 -67.96
CA VAL N 49 -25.21 -27.12 -69.36
C VAL N 49 -24.37 -28.21 -70.01
N ASN N 50 -24.96 -28.94 -70.96
CA ASN N 50 -24.15 -29.89 -71.71
C ASN N 50 -23.24 -29.15 -72.68
N SER N 51 -22.25 -29.87 -73.20
CA SER N 51 -21.21 -29.23 -74.02
C SER N 51 -21.81 -28.48 -75.20
N GLU N 52 -21.40 -27.24 -75.37
CA GLU N 52 -21.91 -26.40 -76.46
C GLU N 52 -20.83 -25.39 -76.79
N SER N 53 -21.05 -24.64 -77.87
CA SER N 53 -20.12 -23.59 -78.26
C SER N 53 -20.72 -22.24 -77.94
N ARG N 54 -20.01 -21.44 -77.14
CA ARG N 54 -20.43 -20.07 -76.86
C ARG N 54 -19.34 -19.11 -77.29
N GLN N 55 -19.75 -17.91 -77.72
CA GLN N 55 -18.82 -16.89 -78.14
C GLN N 55 -18.70 -15.83 -77.04
N TYR N 56 -17.47 -15.36 -76.83
CA TYR N 56 -17.21 -14.32 -75.85
C TYR N 56 -16.30 -13.27 -76.46
N SER N 57 -16.35 -12.07 -75.89
CA SER N 57 -15.44 -10.99 -76.26
C SER N 57 -14.35 -10.91 -75.20
N LEU N 58 -13.16 -11.34 -75.56
CA LEU N 58 -12.00 -11.34 -74.66
C LEU N 58 -11.06 -10.24 -75.12
N PHE N 59 -10.96 -9.18 -74.32
CA PHE N 59 -10.10 -8.03 -74.61
C PHE N 59 -10.40 -7.43 -75.98
N GLY N 60 -11.66 -7.43 -76.38
CA GLY N 60 -12.07 -6.90 -77.66
C GLY N 60 -11.96 -7.85 -78.84
N VAL N 61 -11.54 -9.09 -78.62
CA VAL N 61 -11.40 -10.08 -79.69
C VAL N 61 -12.46 -11.16 -79.49
N ASN N 62 -13.15 -11.51 -80.57
CA ASN N 62 -14.18 -12.54 -80.50
C ASN N 62 -13.53 -13.92 -80.48
N LYS N 63 -13.86 -14.72 -79.48
CA LYS N 63 -13.35 -16.07 -79.37
C LYS N 63 -14.52 -17.02 -79.19
N GLN N 64 -14.43 -18.18 -79.84
CA GLN N 64 -15.45 -19.21 -79.76
C GLN N 64 -14.91 -20.34 -78.89
N ILE N 65 -15.57 -20.59 -77.75
CA ILE N 65 -15.07 -21.49 -76.73
C ILE N 65 -16.13 -22.53 -76.39
N THR N 66 -15.73 -23.80 -76.35
CA THR N 66 -16.63 -24.90 -76.05
C THR N 66 -16.75 -25.04 -74.53
N VAL N 67 -17.97 -24.95 -74.00
CA VAL N 67 -18.21 -24.95 -72.58
C VAL N 67 -18.97 -26.21 -72.22
N VAL N 68 -18.93 -26.53 -70.93
CA VAL N 68 -19.71 -27.62 -70.36
C VAL N 68 -19.80 -27.39 -68.87
N ASN N 69 -20.99 -27.66 -68.31
CA ASN N 69 -21.17 -27.71 -66.86
C ASN N 69 -22.42 -28.57 -66.59
N THR N 70 -22.20 -29.82 -66.20
CA THR N 70 -23.27 -30.70 -65.78
C THR N 70 -23.43 -30.72 -64.26
N SER N 71 -22.73 -29.86 -63.55
CA SER N 71 -22.88 -29.74 -62.11
C SER N 71 -24.13 -28.93 -61.78
N ASN N 72 -24.60 -29.08 -60.53
CA ASN N 72 -25.67 -28.21 -60.05
C ASN N 72 -25.15 -26.85 -59.61
N LYS N 73 -23.82 -26.65 -59.58
CA LYS N 73 -23.22 -25.38 -59.23
C LYS N 73 -22.77 -24.63 -60.49
N TRP N 74 -22.43 -23.36 -60.29
CA TRP N 74 -21.90 -22.54 -61.37
C TRP N 74 -20.42 -22.84 -61.59
N LYS N 75 -19.99 -22.73 -62.84
CA LYS N 75 -18.62 -23.02 -63.25
C LYS N 75 -17.95 -21.75 -63.74
N PHE N 76 -16.77 -21.46 -63.19
CA PHE N 76 -16.01 -20.25 -63.53
C PHE N 76 -14.65 -20.67 -64.09
N MET N 77 -14.53 -20.57 -65.40
CA MET N 77 -13.36 -21.02 -66.14
C MET N 77 -12.32 -19.91 -66.21
N GLU N 78 -11.10 -20.22 -65.79
CA GLU N 78 -10.01 -19.25 -65.77
C GLU N 78 -9.19 -19.42 -67.04
N MET N 79 -9.33 -18.43 -67.94
CA MET N 79 -8.63 -18.34 -69.23
C MET N 79 -7.37 -17.49 -69.08
N PHE N 80 -6.34 -17.86 -69.81
CA PHE N 80 -5.02 -17.28 -69.59
C PHE N 80 -4.20 -17.38 -70.85
N ARG N 81 -3.26 -16.45 -70.99
CA ARG N 81 -2.18 -16.52 -71.96
C ARG N 81 -1.11 -15.57 -71.49
N ASN N 82 0.12 -15.78 -71.94
CA ASN N 82 1.22 -14.94 -71.50
C ASN N 82 1.81 -14.12 -72.63
N ASN N 83 1.12 -14.03 -73.77
CA ASN N 83 1.72 -13.49 -74.97
C ASN N 83 0.63 -12.80 -75.78
N SER N 84 1.00 -11.68 -76.40
CA SER N 84 0.06 -10.86 -77.17
C SER N 84 -0.35 -11.52 -78.49
N ASN N 85 0.35 -12.56 -78.92
CA ASN N 85 0.08 -13.19 -80.21
C ASN N 85 -0.40 -14.62 -80.07
N ALA N 86 -0.64 -15.09 -78.85
CA ALA N 86 -1.01 -16.48 -78.64
C ALA N 86 -2.48 -16.60 -78.30
N GLU N 87 -2.96 -17.83 -78.35
CA GLU N 87 -4.34 -18.10 -78.05
C GLU N 87 -4.57 -18.36 -76.56
N PHE N 88 -5.73 -17.94 -76.07
CA PHE N 88 -6.07 -18.21 -74.68
C PHE N 88 -6.20 -19.71 -74.47
N GLN N 89 -5.87 -20.16 -73.26
CA GLN N 89 -6.06 -21.55 -72.84
C GLN N 89 -6.82 -21.56 -71.53
N HIS N 90 -7.71 -22.54 -71.38
CA HIS N 90 -8.45 -22.70 -70.14
C HIS N 90 -7.48 -23.19 -69.07
N LYS N 91 -7.09 -22.32 -68.16
CA LYS N 91 -6.01 -22.66 -67.23
C LYS N 91 -6.52 -23.36 -65.99
N ARG N 92 -7.56 -22.84 -65.34
CA ARG N 92 -8.06 -23.49 -64.13
C ARG N 92 -9.56 -23.31 -64.03
N THR N 93 -10.13 -23.83 -62.94
CA THR N 93 -11.57 -23.82 -62.78
C THR N 93 -11.91 -23.60 -61.31
N LEU N 94 -12.94 -22.79 -61.09
CA LEU N 94 -13.57 -22.66 -59.78
C LEU N 94 -15.01 -23.14 -59.93
N THR N 95 -15.39 -24.14 -59.16
CA THR N 95 -16.76 -24.62 -59.12
C THR N 95 -17.39 -24.13 -57.82
N SER N 96 -18.52 -23.43 -57.94
CA SER N 96 -19.04 -22.71 -56.77
C SER N 96 -20.55 -22.68 -56.77
N SER N 97 -21.10 -22.62 -55.55
CA SER N 97 -22.52 -22.34 -55.32
C SER N 97 -22.74 -20.95 -54.73
N THR N 98 -21.66 -20.22 -54.44
CA THR N 98 -21.75 -18.85 -53.94
C THR N 98 -21.55 -17.81 -55.04
N LYS N 99 -21.09 -18.21 -56.22
CA LYS N 99 -20.85 -17.35 -57.39
C LYS N 99 -19.86 -16.22 -57.10
N LEU N 100 -18.99 -16.36 -56.10
CA LEU N 100 -17.99 -15.35 -55.77
C LEU N 100 -16.64 -15.70 -56.37
N VAL N 101 -15.90 -14.68 -56.81
CA VAL N 101 -14.69 -14.85 -57.61
C VAL N 101 -13.66 -13.80 -57.21
N GLY N 102 -12.41 -14.22 -57.03
CA GLY N 102 -11.38 -13.34 -56.54
C GLY N 102 -10.18 -13.30 -57.45
N ILE N 103 -9.44 -12.19 -57.35
CA ILE N 103 -8.15 -12.03 -58.04
C ILE N 103 -7.32 -11.04 -57.23
N LEU N 104 -6.04 -11.35 -57.09
CA LEU N 104 -5.14 -10.59 -56.23
C LEU N 104 -3.82 -10.39 -56.94
N LYS N 105 -3.14 -9.29 -56.64
CA LYS N 105 -1.76 -9.07 -57.03
C LYS N 105 -0.91 -9.03 -55.77
N HIS N 106 0.03 -9.98 -55.65
CA HIS N 106 0.84 -10.05 -54.44
C HIS N 106 2.11 -10.83 -54.72
N GLY N 107 3.21 -10.42 -54.09
CA GLY N 107 4.44 -11.19 -54.12
C GLY N 107 4.94 -11.54 -55.50
N GLY N 108 4.85 -10.61 -56.45
CA GLY N 108 5.29 -10.88 -57.81
C GLY N 108 4.45 -11.87 -58.57
N ARG N 109 3.20 -12.10 -58.14
CA ARG N 109 2.34 -13.10 -58.74
C ARG N 109 0.91 -12.60 -58.75
N LEU N 110 0.12 -13.20 -59.64
CA LEU N 110 -1.32 -12.95 -59.69
C LEU N 110 -2.04 -14.19 -59.15
N TRP N 111 -2.97 -14.00 -58.22
CA TRP N 111 -3.60 -15.10 -57.52
C TRP N 111 -5.09 -15.15 -57.85
N THR N 112 -5.61 -16.36 -58.00
CA THR N 112 -7.04 -16.59 -58.13
C THR N 112 -7.39 -17.78 -57.25
N TYR N 113 -8.64 -18.21 -57.34
CA TYR N 113 -9.13 -19.35 -56.58
C TYR N 113 -9.58 -20.46 -57.53
N HIS N 114 -9.39 -21.70 -57.09
CA HIS N 114 -9.84 -22.83 -57.89
C HIS N 114 -10.17 -23.99 -56.97
N GLY N 115 -10.79 -25.00 -57.56
CA GLY N 115 -11.25 -26.17 -56.82
C GLY N 115 -12.76 -26.20 -56.71
N GLU N 116 -13.26 -26.85 -55.67
CA GLU N 116 -14.68 -26.92 -55.38
C GLU N 116 -14.94 -26.28 -54.03
N THR N 117 -15.92 -25.38 -53.98
CA THR N 117 -16.41 -24.92 -52.69
C THR N 117 -17.14 -26.07 -51.99
N PRO N 118 -16.97 -26.24 -50.67
CA PRO N 118 -16.23 -25.40 -49.71
C PRO N 118 -14.72 -25.61 -49.55
N ASN N 119 -14.00 -26.07 -50.57
CA ASN N 119 -12.59 -26.39 -50.38
C ASN N 119 -11.68 -25.75 -51.44
N ALA N 120 -12.14 -24.69 -52.10
CA ALA N 120 -11.34 -23.99 -53.10
C ALA N 120 -10.21 -23.20 -52.46
N THR N 121 -9.03 -23.26 -53.07
CA THR N 121 -7.83 -22.61 -52.54
C THR N 121 -7.25 -21.65 -53.57
N THR N 122 -6.17 -20.96 -53.18
CA THR N 122 -5.52 -20.02 -54.08
C THR N 122 -4.50 -20.72 -54.96
N ASP N 123 -4.32 -20.18 -56.17
CA ASP N 123 -3.23 -20.58 -57.04
C ASP N 123 -2.78 -19.36 -57.80
N TYR N 124 -1.58 -19.42 -58.36
CA TYR N 124 -0.93 -18.22 -58.87
C TYR N 124 -0.59 -18.34 -60.35
N SER N 125 -0.20 -17.21 -60.91
CA SER N 125 0.39 -17.09 -62.23
C SER N 125 1.61 -16.20 -62.08
N THR N 126 2.67 -16.55 -62.80
CA THR N 126 3.92 -15.81 -62.75
C THR N 126 3.94 -14.70 -63.79
N THR N 127 4.59 -13.59 -63.43
CA THR N 127 4.78 -12.45 -64.32
C THR N 127 6.01 -11.70 -63.85
N SER N 128 6.57 -10.89 -64.75
CA SER N 128 7.67 -10.00 -64.43
C SER N 128 7.23 -8.54 -64.31
N ASN N 129 5.94 -8.27 -64.52
CA ASN N 129 5.37 -6.93 -64.59
C ASN N 129 4.04 -6.88 -63.83
N LEU N 130 4.05 -7.33 -62.58
CA LEU N 130 2.82 -7.43 -61.79
C LEU N 130 2.09 -6.09 -61.70
N ASN N 131 2.79 -5.04 -61.27
CA ASN N 131 2.12 -3.81 -60.90
C ASN N 131 1.26 -3.21 -62.00
N GLU N 132 1.57 -3.51 -63.26
CA GLU N 132 0.85 -2.93 -64.40
C GLU N 132 -0.38 -3.72 -64.81
N ILE N 133 -0.81 -4.69 -64.00
CA ILE N 133 -2.03 -5.42 -64.29
C ILE N 133 -3.23 -4.56 -63.91
N SER N 134 -4.10 -4.29 -64.89
CA SER N 134 -5.34 -3.59 -64.67
C SER N 134 -6.50 -4.56 -64.83
N VAL N 135 -7.60 -4.27 -64.14
CA VAL N 135 -8.69 -5.21 -63.98
C VAL N 135 -9.99 -4.53 -64.39
N THR N 136 -10.69 -5.14 -65.34
CA THR N 136 -12.03 -4.73 -65.74
C THR N 136 -13.01 -5.77 -65.22
N THR N 137 -13.91 -5.33 -64.35
CA THR N 137 -14.99 -6.14 -63.82
C THR N 137 -16.23 -6.00 -64.69
N TYR N 138 -17.02 -7.08 -64.76
CA TYR N 138 -18.31 -7.05 -65.43
C TYR N 138 -19.44 -7.42 -64.47
N ALA N 139 -19.22 -7.27 -63.17
CA ALA N 139 -20.27 -7.41 -62.17
C ALA N 139 -19.78 -6.68 -60.92
N GLU N 140 -20.70 -6.50 -59.97
CA GLU N 140 -20.37 -5.83 -58.72
C GLU N 140 -19.21 -6.52 -58.03
N PHE N 141 -18.42 -5.74 -57.29
CA PHE N 141 -17.31 -6.32 -56.56
C PHE N 141 -17.10 -5.58 -55.25
N TYR N 142 -16.33 -6.23 -54.38
CA TYR N 142 -15.90 -5.71 -53.10
C TYR N 142 -14.38 -5.72 -53.06
N ILE N 143 -13.83 -4.94 -52.15
CA ILE N 143 -12.40 -4.86 -51.92
C ILE N 143 -12.13 -5.36 -50.51
N ILE N 144 -11.17 -6.26 -50.37
CA ILE N 144 -10.82 -6.81 -49.06
C ILE N 144 -9.31 -6.78 -48.91
N PRO N 145 -8.76 -6.25 -47.81
CA PRO N 145 -7.30 -6.31 -47.63
C PRO N 145 -6.81 -7.74 -47.56
N ARG N 146 -5.63 -7.98 -48.14
CA ARG N 146 -5.04 -9.32 -48.08
C ARG N 146 -4.85 -9.78 -46.64
N SER N 147 -4.69 -8.83 -45.71
CA SER N 147 -4.61 -9.16 -44.29
C SER N 147 -5.85 -9.89 -43.79
N GLN N 148 -6.95 -9.81 -44.54
CA GLN N 148 -8.19 -10.51 -44.19
C GLN N 148 -8.56 -11.55 -45.25
N GLU N 149 -7.54 -12.15 -45.89
CA GLU N 149 -7.81 -13.13 -46.95
C GLU N 149 -8.70 -14.26 -46.45
N SER N 150 -8.51 -14.68 -45.19
CA SER N 150 -9.36 -15.72 -44.63
C SER N 150 -10.83 -15.37 -44.79
N LYS N 151 -11.20 -14.14 -44.40
CA LYS N 151 -12.56 -13.67 -44.64
C LYS N 151 -12.93 -13.87 -46.11
N CYS N 152 -12.10 -13.33 -47.01
CA CYS N 152 -12.29 -13.52 -48.45
C CYS N 152 -12.52 -15.00 -48.78
N THR N 153 -11.64 -15.87 -48.27
CA THR N 153 -11.78 -17.29 -48.57
C THR N 153 -13.12 -17.82 -48.06
N GLU N 154 -13.49 -17.44 -46.84
CA GLU N 154 -14.81 -17.80 -46.34
C GLU N 154 -15.89 -17.34 -47.30
N TYR N 155 -15.82 -16.07 -47.73
CA TYR N 155 -16.80 -15.59 -48.70
C TYR N 155 -16.77 -16.43 -49.96
N ILE N 156 -15.57 -16.80 -50.42
CA ILE N 156 -15.45 -17.64 -51.60
C ILE N 156 -16.20 -18.95 -51.39
N ASN N 157 -16.06 -19.55 -50.21
CA ASN N 157 -16.56 -20.90 -50.02
C ASN N 157 -17.98 -20.96 -49.47
N THR N 158 -18.44 -19.93 -48.75
CA THR N 158 -19.75 -19.99 -48.10
C THR N 158 -20.72 -18.89 -48.54
N GLY N 159 -20.24 -17.80 -49.13
CA GLY N 159 -21.10 -16.73 -49.59
C GLY N 159 -21.11 -15.52 -48.68
N LEU N 160 -21.96 -14.56 -49.05
CA LEU N 160 -22.17 -13.33 -48.29
C LEU N 160 -23.26 -13.50 -47.21
#